data_8RDN
#
_entry.id   8RDN
#
_cell.length_a   112.400
_cell.length_b   218.830
_cell.length_c   55.350
_cell.angle_alpha   90.00
_cell.angle_beta   90.00
_cell.angle_gamma   90.00
#
_symmetry.space_group_name_H-M   'P 21 21 2'
#
loop_
_entity.id
_entity.type
_entity.pdbx_description
1 polymer DtpM
2 non-polymer S-ADENOSYL-L-HOMOCYSTEINE
3 non-polymer ~{N}-(5-oxidanylidene-4~{H}-[1,2]dithiolo[4,3-b]pyrrol-6-yl)hexanamide
4 non-polymer 'CHLORIDE ION'
5 non-polymer GLYCEROL
6 non-polymer 'SODIUM ION'
7 water water
#
_entity_poly.entity_id   1
_entity_poly.type   'polypeptide(L)'
_entity_poly.pdbx_seq_one_letter_code
;SETDDERAGARSLLMQRLFGSRVTEVLAAMARLDLADAIGDGIADVHDLARSCDLPADGLHRLLRALAGLGMCEESEPGK
FALTASGALLRKDHPESVYDFARFHTAPETTRPWTNLEQALRTGRPTFDEHFGSPLYEYMAGHPELSARFAAAMRGESLA
TADTIAEHYDFSPYRTVTDVGGGDGTLITAILRRHPDLRGTIFETPEIAERAAERVRAAGLHDRCAVVSGDFFDLVPGGA
DLYLVKSTLHNWDDEHVVRILSSCRTALADRGRLLVIDVVLPDRAEPDPAELNPYVKDLQMLVLLGGRERTRAHLDRLCA
RAGLVIDRVLPLPPHVGLSLTEVVPAPAGPTP
;
_entity_poly.pdbx_strand_id   A,B,C,D
#
# COMPACT_ATOMS: atom_id res chain seq x y z
N ARG A 7 0.88 -18.89 14.71
CA ARG A 7 -0.43 -19.50 15.13
C ARG A 7 -1.48 -18.40 15.28
N ALA A 8 -1.21 -17.37 16.11
CA ALA A 8 -2.13 -16.23 16.38
C ALA A 8 -2.38 -15.44 15.10
N GLY A 9 -1.31 -15.00 14.42
CA GLY A 9 -1.35 -14.20 13.18
C GLY A 9 -2.09 -14.92 12.08
N ALA A 10 -1.74 -16.18 11.83
CA ALA A 10 -2.33 -17.05 10.77
C ALA A 10 -3.86 -17.07 10.91
N ARG A 11 -4.35 -17.25 12.14
CA ARG A 11 -5.78 -17.34 12.51
C ARG A 11 -6.44 -15.98 12.27
N SER A 12 -5.85 -14.90 12.80
CA SER A 12 -6.37 -13.50 12.72
C SER A 12 -6.57 -13.08 11.27
N LEU A 13 -5.59 -13.32 10.40
CA LEU A 13 -5.64 -12.96 8.96
C LEU A 13 -6.82 -13.69 8.32
N LEU A 14 -7.02 -14.97 8.64
CA LEU A 14 -8.11 -15.79 8.06
C LEU A 14 -9.47 -15.22 8.51
N MET A 15 -9.60 -14.87 9.78
CA MET A 15 -10.84 -14.26 10.34
C MET A 15 -11.13 -12.94 9.63
N GLN A 16 -10.09 -12.14 9.35
CA GLN A 16 -10.18 -10.85 8.61
C GLN A 16 -10.80 -11.14 7.24
N ARG A 17 -10.27 -12.14 6.51
CA ARG A 17 -10.68 -12.44 5.12
C ARG A 17 -12.15 -12.91 5.09
N LEU A 18 -12.53 -13.77 6.03
CA LEU A 18 -13.86 -14.43 6.07
C LEU A 18 -14.98 -13.41 6.29
N PHE A 19 -14.73 -12.36 7.08
CA PHE A 19 -15.79 -11.41 7.53
C PHE A 19 -15.76 -10.10 6.71
N GLY A 20 -15.05 -10.08 5.58
CA GLY A 20 -15.01 -8.93 4.65
C GLY A 20 -16.39 -8.54 4.16
N SER A 21 -17.26 -9.51 3.83
CA SER A 21 -18.58 -9.23 3.22
C SER A 21 -19.47 -8.48 4.23
N ARG A 22 -19.35 -8.79 5.52
CA ARG A 22 -20.14 -8.10 6.56
C ARG A 22 -19.61 -6.67 6.70
N VAL A 23 -18.29 -6.48 6.69
CA VAL A 23 -17.64 -5.14 6.72
C VAL A 23 -18.16 -4.29 5.56
N THR A 24 -18.23 -4.86 4.34
CA THR A 24 -18.70 -4.16 3.12
C THR A 24 -20.16 -3.74 3.27
N GLU A 25 -21.02 -4.57 3.88
CA GLU A 25 -22.45 -4.23 4.09
C GLU A 25 -22.59 -3.01 5.03
N VAL A 26 -21.72 -2.87 6.03
CA VAL A 26 -21.72 -1.72 6.98
C VAL A 26 -21.35 -0.45 6.18
N LEU A 27 -20.29 -0.52 5.37
CA LEU A 27 -19.81 0.61 4.52
C LEU A 27 -20.89 0.98 3.49
N ALA A 28 -21.48 -0.01 2.82
CA ALA A 28 -22.55 0.19 1.83
C ALA A 28 -23.71 0.95 2.47
N ALA A 29 -24.09 0.58 3.70
CA ALA A 29 -25.15 1.24 4.51
C ALA A 29 -24.79 2.71 4.75
N MET A 30 -23.52 3.00 5.07
CA MET A 30 -23.02 4.37 5.36
C MET A 30 -23.15 5.23 4.11
N ALA A 31 -22.71 4.71 2.96
CA ALA A 31 -22.77 5.37 1.63
C ALA A 31 -24.23 5.59 1.21
N ARG A 32 -25.04 4.53 1.17
CA ARG A 32 -26.49 4.59 0.79
C ARG A 32 -27.25 5.59 1.66
N LEU A 33 -26.94 5.68 2.96
CA LEU A 33 -27.66 6.57 3.90
C LEU A 33 -27.07 7.99 3.92
N ASP A 34 -26.04 8.26 3.09
CA ASP A 34 -25.37 9.57 2.97
C ASP A 34 -24.97 10.07 4.37
N LEU A 35 -24.44 9.20 5.24
CA LEU A 35 -24.11 9.54 6.64
C LEU A 35 -22.90 10.49 6.68
N ALA A 36 -21.94 10.32 5.78
CA ALA A 36 -20.74 11.18 5.72
C ALA A 36 -21.17 12.64 5.52
N ASP A 37 -22.11 12.88 4.60
CA ASP A 37 -22.66 14.23 4.31
C ASP A 37 -23.42 14.72 5.55
N ALA A 38 -24.30 13.89 6.13
CA ALA A 38 -25.17 14.25 7.27
C ALA A 38 -24.32 14.65 8.49
N ILE A 39 -23.13 14.06 8.64
CA ILE A 39 -22.22 14.34 9.79
C ILE A 39 -21.44 15.63 9.49
N GLY A 40 -20.87 15.74 8.30
CA GLY A 40 -20.16 16.92 7.80
C GLY A 40 -18.86 17.17 8.54
N ASP A 41 -18.51 18.44 8.72
CA ASP A 41 -17.24 18.93 9.32
C ASP A 41 -17.18 18.59 10.82
N GLY A 42 -18.31 18.64 11.52
CA GLY A 42 -18.34 18.80 12.99
C GLY A 42 -18.52 17.49 13.74
N ILE A 43 -19.00 17.61 14.98
CA ILE A 43 -19.52 16.48 15.81
C ILE A 43 -21.04 16.51 15.67
N ALA A 44 -21.64 15.36 15.33
CA ALA A 44 -23.10 15.22 15.14
C ALA A 44 -23.65 14.24 16.18
N ASP A 45 -24.81 14.55 16.75
CA ASP A 45 -25.54 13.72 17.74
C ASP A 45 -26.39 12.68 17.00
N VAL A 46 -26.40 11.45 17.51
CA VAL A 46 -27.05 10.27 16.87
C VAL A 46 -28.53 10.56 16.65
N HIS A 47 -29.18 11.28 17.58
CA HIS A 47 -30.63 11.61 17.54
C HIS A 47 -30.94 12.52 16.35
N ASP A 48 -30.02 13.44 16.01
CA ASP A 48 -30.13 14.36 14.83
C ASP A 48 -29.97 13.55 13.54
N LEU A 49 -28.93 12.71 13.47
CA LEU A 49 -28.61 11.85 12.30
C LEU A 49 -29.75 10.85 12.04
N ALA A 50 -30.42 10.41 13.12
CA ALA A 50 -31.55 9.44 13.10
C ALA A 50 -32.71 9.99 12.27
N ARG A 51 -33.03 11.29 12.43
CA ARG A 51 -34.08 12.00 11.66
C ARG A 51 -33.64 12.21 10.21
N SER A 52 -32.35 12.46 9.97
CA SER A 52 -31.79 12.77 8.63
C SER A 52 -31.88 11.55 7.69
N CYS A 53 -32.05 10.33 8.22
CA CYS A 53 -32.12 9.09 7.39
C CYS A 53 -33.17 8.10 7.89
N ASP A 54 -34.22 8.55 8.60
CA ASP A 54 -35.46 7.80 8.90
C ASP A 54 -35.16 6.47 9.62
N LEU A 55 -34.16 6.45 10.51
CA LEU A 55 -33.78 5.26 11.31
C LEU A 55 -34.04 5.58 12.78
N PRO A 56 -34.50 4.59 13.58
CA PRO A 56 -34.55 4.76 15.04
C PRO A 56 -33.13 4.94 15.61
N ALA A 57 -33.03 5.64 16.75
CA ALA A 57 -31.77 6.06 17.39
C ALA A 57 -30.90 4.84 17.69
N ASP A 58 -31.46 3.81 18.34
CA ASP A 58 -30.70 2.60 18.74
C ASP A 58 -30.08 1.97 17.47
N GLY A 59 -30.91 1.71 16.46
CA GLY A 59 -30.49 1.14 15.16
C GLY A 59 -29.32 1.88 14.56
N LEU A 60 -29.41 3.21 14.45
CA LEU A 60 -28.35 4.02 13.79
C LEU A 60 -27.09 4.01 14.66
N HIS A 61 -27.26 4.17 15.97
CA HIS A 61 -26.13 4.18 16.95
C HIS A 61 -25.27 2.93 16.75
N ARG A 62 -25.90 1.76 16.62
CA ARG A 62 -25.19 0.47 16.43
C ARG A 62 -24.38 0.50 15.13
N LEU A 63 -24.97 1.00 14.03
CA LEU A 63 -24.26 1.15 12.72
C LEU A 63 -23.06 2.08 12.89
N LEU A 64 -23.24 3.21 13.57
CA LEU A 64 -22.18 4.24 13.72
C LEU A 64 -21.07 3.69 14.62
N ARG A 65 -21.43 2.85 15.59
CA ARG A 65 -20.45 2.22 16.51
C ARG A 65 -19.61 1.22 15.71
N ALA A 66 -20.22 0.48 14.80
CA ALA A 66 -19.53 -0.43 13.87
C ALA A 66 -18.60 0.36 12.96
N LEU A 67 -19.09 1.48 12.42
CA LEU A 67 -18.30 2.38 11.56
C LEU A 67 -17.11 2.96 12.35
N ALA A 68 -17.31 3.30 13.63
CA ALA A 68 -16.22 3.76 14.53
C ALA A 68 -15.20 2.64 14.70
N GLY A 69 -15.67 1.41 14.95
CA GLY A 69 -14.84 0.20 15.04
C GLY A 69 -13.99 -0.05 13.79
N LEU A 70 -14.45 0.36 12.61
CA LEU A 70 -13.80 0.05 11.30
C LEU A 70 -13.02 1.27 10.78
N GLY A 71 -12.92 2.32 11.60
CA GLY A 71 -12.02 3.47 11.38
C GLY A 71 -12.62 4.56 10.52
N MET A 72 -13.93 4.50 10.22
CA MET A 72 -14.63 5.44 9.31
C MET A 72 -15.14 6.68 10.07
N CYS A 73 -15.19 6.61 11.40
CA CYS A 73 -15.53 7.76 12.27
C CYS A 73 -15.07 7.51 13.72
N GLU A 74 -15.30 8.48 14.60
CA GLU A 74 -14.92 8.46 16.04
C GLU A 74 -16.13 8.83 16.90
N GLU A 75 -16.34 8.08 17.97
CA GLU A 75 -17.31 8.42 19.04
C GLU A 75 -16.53 9.15 20.15
N SER A 76 -16.54 10.49 20.12
CA SER A 76 -15.81 11.36 21.09
C SER A 76 -16.49 11.29 22.47
N GLU A 77 -17.82 11.46 22.50
CA GLU A 77 -18.70 11.24 23.68
C GLU A 77 -19.78 10.23 23.29
N PRO A 78 -20.33 9.43 24.23
CA PRO A 78 -21.43 8.52 23.91
C PRO A 78 -22.55 9.23 23.12
N GLY A 79 -22.76 8.79 21.86
CA GLY A 79 -23.83 9.24 20.96
C GLY A 79 -23.40 10.38 20.05
N LYS A 80 -22.12 10.79 20.13
CA LYS A 80 -21.58 11.97 19.42
C LYS A 80 -20.43 11.52 18.51
N PHE A 81 -20.61 11.68 17.19
CA PHE A 81 -19.71 11.10 16.15
C PHE A 81 -19.14 12.19 15.26
N ALA A 82 -17.88 12.00 14.85
CA ALA A 82 -17.14 12.82 13.86
C ALA A 82 -16.55 11.89 12.81
N LEU A 83 -16.34 12.35 11.58
CA LEU A 83 -15.69 11.55 10.53
C LEU A 83 -14.19 11.48 10.82
N THR A 84 -13.55 10.37 10.42
CA THR A 84 -12.09 10.24 10.25
C THR A 84 -11.72 10.75 8.85
N ALA A 85 -10.42 10.91 8.60
CA ALA A 85 -9.83 11.10 7.24
C ALA A 85 -10.47 10.11 6.27
N SER A 86 -10.59 8.83 6.68
CA SER A 86 -11.16 7.75 5.83
C SER A 86 -12.64 8.05 5.54
N GLY A 87 -13.44 8.31 6.60
CA GLY A 87 -14.88 8.59 6.49
C GLY A 87 -15.18 9.80 5.61
N ALA A 88 -14.30 10.79 5.61
CA ALA A 88 -14.50 12.10 4.94
C ALA A 88 -14.45 11.91 3.43
N LEU A 89 -13.83 10.82 2.95
CA LEU A 89 -13.75 10.54 1.49
C LEU A 89 -15.11 10.06 0.96
N LEU A 90 -16.08 9.77 1.84
CA LEU A 90 -17.46 9.38 1.44
C LEU A 90 -18.38 10.62 1.39
N ARG A 91 -17.85 11.81 1.72
CA ARG A 91 -18.57 13.09 1.48
C ARG A 91 -18.58 13.39 -0.03
N LYS A 92 -19.74 13.81 -0.56
CA LYS A 92 -19.92 14.21 -2.00
C LYS A 92 -19.18 15.52 -2.29
N ASP A 93 -19.01 16.38 -1.27
CA ASP A 93 -18.41 17.73 -1.37
C ASP A 93 -16.87 17.62 -1.28
N HIS A 94 -16.31 16.43 -1.02
CA HIS A 94 -14.83 16.23 -0.92
C HIS A 94 -14.23 16.27 -2.32
N PRO A 95 -13.17 17.09 -2.57
CA PRO A 95 -12.57 17.14 -3.91
C PRO A 95 -12.01 15.79 -4.37
N GLU A 96 -11.61 14.94 -3.43
CA GLU A 96 -11.07 13.58 -3.70
C GLU A 96 -12.10 12.52 -3.26
N SER A 97 -13.39 12.82 -3.43
CA SER A 97 -14.52 11.94 -3.03
C SER A 97 -14.36 10.54 -3.66
N VAL A 98 -14.69 9.49 -2.91
CA VAL A 98 -14.86 8.11 -3.45
C VAL A 98 -16.30 7.65 -3.21
N TYR A 99 -17.23 8.59 -2.99
CA TYR A 99 -18.66 8.30 -2.76
C TYR A 99 -19.22 7.48 -3.95
N ASP A 100 -19.08 7.98 -5.17
CA ASP A 100 -19.65 7.34 -6.39
C ASP A 100 -18.98 5.98 -6.59
N PHE A 101 -17.67 5.90 -6.39
CA PHE A 101 -16.86 4.65 -6.45
C PHE A 101 -17.46 3.63 -5.46
N ALA A 102 -17.66 4.06 -4.21
CA ALA A 102 -18.26 3.26 -3.13
C ALA A 102 -19.64 2.74 -3.54
N ARG A 103 -20.50 3.61 -4.10
CA ARG A 103 -21.89 3.25 -4.49
C ARG A 103 -21.85 2.26 -5.66
N PHE A 104 -21.00 2.51 -6.66
CA PHE A 104 -20.89 1.67 -7.89
C PHE A 104 -20.50 0.24 -7.52
N HIS A 105 -19.44 0.08 -6.71
CA HIS A 105 -18.83 -1.22 -6.37
C HIS A 105 -19.64 -1.94 -5.29
N THR A 106 -20.66 -1.30 -4.71
CA THR A 106 -21.62 -1.98 -3.79
C THR A 106 -22.99 -2.08 -4.46
N ALA A 107 -23.10 -1.75 -5.76
CA ALA A 107 -24.37 -1.82 -6.52
C ALA A 107 -24.59 -3.25 -7.00
N PRO A 108 -25.85 -3.71 -7.16
CA PRO A 108 -26.12 -5.05 -7.67
C PRO A 108 -25.35 -5.36 -8.97
N GLU A 109 -25.20 -4.36 -9.85
CA GLU A 109 -24.58 -4.51 -11.19
C GLU A 109 -23.12 -4.98 -11.09
N THR A 110 -22.38 -4.60 -10.04
CA THR A 110 -20.97 -5.05 -9.83
C THR A 110 -20.87 -6.20 -8.81
N THR A 111 -21.88 -6.44 -7.95
CA THR A 111 -21.82 -7.42 -6.82
C THR A 111 -22.53 -8.73 -7.20
N ARG A 112 -23.63 -8.69 -7.93
CA ARG A 112 -24.41 -9.92 -8.28
C ARG A 112 -23.54 -10.87 -9.12
N PRO A 113 -22.73 -10.38 -10.10
CA PRO A 113 -21.81 -11.27 -10.82
C PRO A 113 -20.82 -12.04 -9.93
N TRP A 114 -20.51 -11.53 -8.75
CA TRP A 114 -19.59 -12.17 -7.78
C TRP A 114 -20.27 -13.31 -7.03
N THR A 115 -21.62 -13.37 -7.00
CA THR A 115 -22.42 -14.45 -6.35
C THR A 115 -22.34 -15.75 -7.16
N ASN A 116 -21.86 -15.67 -8.40
CA ASN A 116 -21.64 -16.80 -9.35
C ASN A 116 -20.16 -16.86 -9.73
N LEU A 117 -19.25 -16.41 -8.86
CA LEU A 117 -17.80 -16.40 -9.14
C LEU A 117 -17.42 -17.76 -9.76
N GLU A 118 -17.84 -18.85 -9.12
CA GLU A 118 -17.50 -20.25 -9.51
C GLU A 118 -17.82 -20.47 -10.99
N GLN A 119 -19.03 -20.11 -11.41
CA GLN A 119 -19.50 -20.32 -12.81
C GLN A 119 -18.59 -19.59 -13.79
N ALA A 120 -18.13 -18.39 -13.44
CA ALA A 120 -17.22 -17.57 -14.29
C ALA A 120 -15.87 -18.29 -14.43
N LEU A 121 -15.38 -18.85 -13.32
CA LEU A 121 -14.12 -19.64 -13.29
C LEU A 121 -14.27 -20.87 -14.21
N ARG A 122 -15.45 -21.50 -14.22
CA ARG A 122 -15.74 -22.74 -15.01
C ARG A 122 -15.84 -22.40 -16.52
N THR A 123 -16.56 -21.33 -16.87
CA THR A 123 -16.88 -20.98 -18.29
C THR A 123 -15.79 -20.09 -18.87
N GLY A 124 -15.09 -19.33 -18.04
CA GLY A 124 -14.15 -18.27 -18.47
C GLY A 124 -14.86 -17.05 -19.05
N ARG A 125 -16.18 -16.96 -18.84
CA ARG A 125 -17.05 -15.89 -19.40
C ARG A 125 -17.73 -15.11 -18.27
N PRO A 126 -18.04 -13.81 -18.48
CA PRO A 126 -18.64 -12.99 -17.44
C PRO A 126 -20.02 -13.51 -17.04
N THR A 127 -20.37 -13.33 -15.77
CA THR A 127 -21.70 -13.71 -15.19
C THR A 127 -22.65 -12.51 -15.27
N PHE A 128 -22.12 -11.30 -15.50
CA PHE A 128 -22.92 -10.06 -15.68
C PHE A 128 -24.01 -10.29 -16.73
N ASP A 129 -23.63 -10.76 -17.92
CA ASP A 129 -24.52 -10.87 -19.12
C ASP A 129 -25.79 -11.68 -18.77
N GLU A 130 -25.63 -12.81 -18.10
CA GLU A 130 -26.74 -13.71 -17.70
C GLU A 130 -27.67 -12.97 -16.73
N HIS A 131 -27.10 -12.24 -15.78
CA HIS A 131 -27.84 -11.56 -14.67
C HIS A 131 -28.65 -10.34 -15.18
N PHE A 132 -28.18 -9.63 -16.20
CA PHE A 132 -28.75 -8.31 -16.61
C PHE A 132 -29.15 -8.27 -18.10
N GLY A 133 -28.60 -9.16 -18.94
CA GLY A 133 -29.17 -9.47 -20.26
C GLY A 133 -28.35 -8.97 -21.43
N SER A 134 -27.18 -8.35 -21.18
CA SER A 134 -26.28 -7.86 -22.26
C SER A 134 -24.87 -7.64 -21.71
N PRO A 135 -23.81 -7.60 -22.56
CA PRO A 135 -22.48 -7.20 -22.13
C PRO A 135 -22.45 -5.84 -21.40
N LEU A 136 -21.58 -5.68 -20.41
CA LEU A 136 -21.62 -4.54 -19.45
C LEU A 136 -21.65 -3.20 -20.21
N TYR A 137 -20.81 -3.01 -21.21
CA TYR A 137 -20.66 -1.70 -21.90
C TYR A 137 -21.93 -1.39 -22.70
N GLU A 138 -22.54 -2.42 -23.30
CA GLU A 138 -23.88 -2.33 -23.95
C GLU A 138 -24.91 -1.87 -22.92
N TYR A 139 -24.96 -2.56 -21.78
CA TYR A 139 -25.93 -2.26 -20.68
C TYR A 139 -25.82 -0.79 -20.29
N MET A 140 -24.60 -0.26 -20.12
CA MET A 140 -24.34 1.10 -19.57
C MET A 140 -24.64 2.15 -20.63
N ALA A 141 -24.42 1.85 -21.91
CA ALA A 141 -24.84 2.68 -23.07
C ALA A 141 -26.37 2.91 -23.05
N GLY A 142 -27.14 1.95 -22.49
CA GLY A 142 -28.62 2.00 -22.45
C GLY A 142 -29.18 2.32 -21.06
N HIS A 143 -28.34 2.68 -20.09
CA HIS A 143 -28.75 3.00 -18.70
C HIS A 143 -27.99 4.25 -18.23
N PRO A 144 -28.54 5.47 -18.47
CA PRO A 144 -27.81 6.73 -18.21
C PRO A 144 -27.36 6.95 -16.76
N GLU A 145 -28.16 6.50 -15.79
CA GLU A 145 -27.88 6.69 -14.34
C GLU A 145 -26.64 5.88 -13.95
N LEU A 146 -26.54 4.62 -14.41
CA LEU A 146 -25.37 3.73 -14.12
C LEU A 146 -24.15 4.22 -14.89
N SER A 147 -24.33 4.71 -16.13
CA SER A 147 -23.25 5.32 -16.93
C SER A 147 -22.62 6.51 -16.18
N ALA A 148 -23.43 7.45 -15.69
CA ALA A 148 -22.97 8.64 -14.92
C ALA A 148 -22.24 8.21 -13.64
N ARG A 149 -22.79 7.22 -12.94
CA ARG A 149 -22.18 6.65 -11.70
C ARG A 149 -20.83 6.02 -12.04
N PHE A 150 -20.76 5.26 -13.13
CA PHE A 150 -19.53 4.56 -13.59
C PHE A 150 -18.43 5.59 -13.87
N ALA A 151 -18.76 6.66 -14.61
CA ALA A 151 -17.82 7.74 -14.95
C ALA A 151 -17.22 8.31 -13.66
N ALA A 152 -18.07 8.65 -12.70
CA ALA A 152 -17.69 9.19 -11.36
C ALA A 152 -16.90 8.13 -10.56
N ALA A 153 -17.28 6.85 -10.66
CA ALA A 153 -16.58 5.73 -9.97
C ALA A 153 -15.11 5.67 -10.41
N MET A 154 -14.86 5.64 -11.72
CA MET A 154 -13.49 5.51 -12.28
C MET A 154 -12.66 6.76 -11.92
N ARG A 155 -13.26 7.95 -11.86
CA ARG A 155 -12.60 9.18 -11.38
C ARG A 155 -12.06 8.91 -9.96
N GLY A 156 -12.92 8.38 -9.09
CA GLY A 156 -12.55 8.03 -7.70
C GLY A 156 -11.34 7.11 -7.67
N GLU A 157 -11.34 6.06 -8.50
CA GLU A 157 -10.22 5.08 -8.56
C GLU A 157 -8.96 5.78 -9.08
N SER A 158 -9.12 6.60 -10.12
CA SER A 158 -7.98 7.13 -10.92
C SER A 158 -7.27 8.28 -10.21
N LEU A 159 -7.86 8.86 -9.15
CA LEU A 159 -7.27 9.98 -8.36
C LEU A 159 -5.86 9.63 -7.87
N ALA A 160 -5.60 8.40 -7.43
CA ALA A 160 -4.29 7.99 -6.87
C ALA A 160 -3.25 8.02 -8.00
N THR A 161 -3.60 7.54 -9.19
CA THR A 161 -2.73 7.60 -10.39
C THR A 161 -2.53 9.05 -10.84
N ALA A 162 -3.61 9.84 -10.84
CA ALA A 162 -3.65 11.24 -11.35
C ALA A 162 -2.69 12.12 -10.55
N ASP A 163 -2.74 12.00 -9.21
CA ASP A 163 -1.94 12.78 -8.22
C ASP A 163 -0.43 12.48 -8.35
N THR A 164 -0.05 11.27 -8.79
CA THR A 164 1.35 10.77 -8.74
C THR A 164 1.96 10.73 -10.14
N ILE A 165 1.16 10.61 -11.22
CA ILE A 165 1.65 10.30 -12.60
C ILE A 165 2.68 11.35 -13.05
N ALA A 166 2.49 12.65 -12.74
CA ALA A 166 3.41 13.74 -13.13
C ALA A 166 4.81 13.57 -12.49
N GLU A 167 4.87 13.24 -11.19
CA GLU A 167 6.15 13.05 -10.44
C GLU A 167 6.92 11.81 -10.94
N HIS A 168 6.25 10.83 -11.57
CA HIS A 168 6.86 9.52 -11.92
C HIS A 168 6.96 9.33 -13.45
N TYR A 169 6.58 10.34 -14.25
CA TYR A 169 6.72 10.32 -15.74
C TYR A 169 7.03 11.73 -16.26
N ASP A 170 7.98 11.83 -17.19
CA ASP A 170 8.40 13.10 -17.83
C ASP A 170 7.51 13.35 -19.05
N PHE A 171 6.53 14.26 -18.91
CA PHE A 171 5.57 14.69 -19.97
C PHE A 171 6.12 15.87 -20.80
N SER A 172 7.23 16.48 -20.37
CA SER A 172 7.80 17.71 -20.97
C SER A 172 8.13 17.50 -22.46
N PRO A 173 8.64 16.34 -22.92
CA PRO A 173 9.00 16.17 -24.33
C PRO A 173 7.83 16.18 -25.34
N TYR A 174 6.57 16.30 -24.88
CA TYR A 174 5.36 16.07 -25.72
C TYR A 174 4.52 17.35 -25.79
N ARG A 175 4.00 17.66 -26.98
CA ARG A 175 3.13 18.84 -27.23
C ARG A 175 1.66 18.43 -27.05
N THR A 176 1.30 17.20 -27.44
CA THR A 176 -0.10 16.69 -27.46
C THR A 176 -0.17 15.32 -26.79
N VAL A 177 -1.28 15.05 -26.07
CA VAL A 177 -1.58 13.79 -25.33
C VAL A 177 -3.03 13.39 -25.62
N THR A 178 -3.27 12.16 -26.07
CA THR A 178 -4.64 11.61 -26.29
C THR A 178 -4.85 10.43 -25.32
N ASP A 179 -5.90 10.51 -24.49
CA ASP A 179 -6.28 9.42 -23.56
C ASP A 179 -7.32 8.52 -24.25
N VAL A 180 -6.92 7.31 -24.63
CA VAL A 180 -7.77 6.27 -25.29
C VAL A 180 -8.62 5.64 -24.18
N GLY A 181 -9.94 5.85 -24.19
CA GLY A 181 -10.84 5.38 -23.11
C GLY A 181 -10.57 6.16 -21.83
N GLY A 182 -10.45 7.49 -21.95
CA GLY A 182 -9.94 8.38 -20.89
C GLY A 182 -11.02 8.79 -19.91
N GLY A 183 -12.18 8.14 -19.93
CA GLY A 183 -13.29 8.40 -19.00
C GLY A 183 -13.76 9.84 -19.04
N ASP A 184 -14.13 10.37 -17.87
CA ASP A 184 -14.62 11.74 -17.65
C ASP A 184 -13.46 12.75 -17.74
N GLY A 185 -12.24 12.33 -18.10
CA GLY A 185 -11.11 13.23 -18.36
C GLY A 185 -10.25 13.48 -17.12
N THR A 186 -10.46 12.73 -16.04
CA THR A 186 -9.77 12.92 -14.73
C THR A 186 -8.26 12.87 -14.92
N LEU A 187 -7.75 11.84 -15.60
CA LEU A 187 -6.29 11.64 -15.80
C LEU A 187 -5.71 12.82 -16.59
N ILE A 188 -6.35 13.22 -17.68
CA ILE A 188 -5.73 14.19 -18.63
C ILE A 188 -5.83 15.62 -18.05
N THR A 189 -6.87 15.95 -17.28
CA THR A 189 -7.01 17.30 -16.63
C THR A 189 -5.94 17.47 -15.55
N ALA A 190 -5.59 16.41 -14.82
CA ALA A 190 -4.48 16.42 -13.84
C ALA A 190 -3.16 16.72 -14.56
N ILE A 191 -2.90 16.04 -15.68
CA ILE A 191 -1.65 16.19 -16.48
C ILE A 191 -1.56 17.63 -17.01
N LEU A 192 -2.65 18.17 -17.60
CA LEU A 192 -2.67 19.51 -18.24
C LEU A 192 -2.49 20.61 -17.19
N ARG A 193 -3.04 20.43 -15.99
CA ARG A 193 -2.92 21.40 -14.86
C ARG A 193 -1.44 21.55 -14.46
N ARG A 194 -0.66 20.47 -14.54
CA ARG A 194 0.74 20.43 -14.07
C ARG A 194 1.69 20.82 -15.22
N HIS A 195 1.26 20.69 -16.49
CA HIS A 195 2.10 21.00 -17.68
C HIS A 195 1.42 22.05 -18.55
N PRO A 196 1.68 23.36 -18.33
CA PRO A 196 0.90 24.42 -18.97
C PRO A 196 0.97 24.49 -20.51
N ASP A 197 2.02 23.95 -21.13
CA ASP A 197 2.24 24.07 -22.60
C ASP A 197 1.69 22.83 -23.31
N LEU A 198 1.10 21.89 -22.57
CA LEU A 198 0.59 20.61 -23.10
C LEU A 198 -0.86 20.79 -23.58
N ARG A 199 -1.21 20.09 -24.67
CA ARG A 199 -2.58 20.04 -25.23
C ARG A 199 -3.08 18.59 -25.13
N GLY A 200 -4.38 18.38 -24.92
CA GLY A 200 -4.93 17.04 -24.64
C GLY A 200 -6.19 16.74 -25.43
N THR A 201 -6.46 15.44 -25.64
CA THR A 201 -7.72 14.94 -26.23
C THR A 201 -8.19 13.74 -25.41
N ILE A 202 -9.47 13.70 -25.07
CA ILE A 202 -10.15 12.53 -24.46
C ILE A 202 -10.96 11.85 -25.57
N PHE A 203 -10.72 10.54 -25.77
CA PHE A 203 -11.41 9.68 -26.76
C PHE A 203 -12.24 8.67 -25.97
N GLU A 204 -13.55 8.64 -26.19
CA GLU A 204 -14.51 7.87 -25.35
C GLU A 204 -15.76 7.49 -26.14
N THR A 205 -16.61 6.66 -25.54
CA THR A 205 -17.96 6.34 -26.04
C THR A 205 -18.78 7.63 -26.04
N PRO A 206 -19.84 7.74 -26.89
CA PRO A 206 -20.68 8.93 -26.90
C PRO A 206 -21.23 9.32 -25.51
N GLU A 207 -21.63 8.35 -24.68
CA GLU A 207 -22.30 8.64 -23.37
C GLU A 207 -21.26 9.19 -22.38
N ILE A 208 -20.09 8.56 -22.29
CA ILE A 208 -18.99 8.94 -21.33
C ILE A 208 -18.38 10.26 -21.79
N ALA A 209 -18.28 10.51 -23.10
CA ALA A 209 -17.71 11.75 -23.69
C ALA A 209 -18.50 12.97 -23.23
N GLU A 210 -19.81 12.83 -22.99
CA GLU A 210 -20.64 13.94 -22.43
C GLU A 210 -20.15 14.29 -21.02
N ARG A 211 -19.71 13.29 -20.25
CA ARG A 211 -19.22 13.47 -18.85
C ARG A 211 -17.85 14.17 -18.90
N ALA A 212 -17.02 13.80 -19.88
CA ALA A 212 -15.66 14.36 -20.10
C ALA A 212 -15.77 15.82 -20.51
N ALA A 213 -16.63 16.16 -21.48
CA ALA A 213 -16.86 17.55 -21.93
C ALA A 213 -17.33 18.38 -20.74
N GLU A 214 -18.17 17.80 -19.87
CA GLU A 214 -18.68 18.51 -18.66
C GLU A 214 -17.51 18.81 -17.72
N ARG A 215 -16.64 17.83 -17.45
CA ARG A 215 -15.45 18.00 -16.55
C ARG A 215 -14.48 19.03 -17.12
N VAL A 216 -14.15 18.92 -18.41
CA VAL A 216 -13.19 19.82 -19.13
C VAL A 216 -13.68 21.28 -19.04
N ARG A 217 -14.98 21.54 -19.19
CA ARG A 217 -15.54 22.92 -19.17
C ARG A 217 -15.47 23.45 -17.72
N ALA A 218 -15.89 22.64 -16.75
CA ALA A 218 -15.86 22.96 -15.30
C ALA A 218 -14.42 23.24 -14.85
N ALA A 219 -13.41 22.67 -15.53
CA ALA A 219 -11.98 22.77 -15.16
C ALA A 219 -11.32 24.00 -15.81
N GLY A 220 -12.04 24.67 -16.70
CA GLY A 220 -11.54 25.80 -17.51
C GLY A 220 -10.45 25.37 -18.48
N LEU A 221 -10.50 24.14 -18.98
CA LEU A 221 -9.44 23.56 -19.85
C LEU A 221 -9.92 23.40 -21.30
N HIS A 222 -11.08 23.96 -21.67
CA HIS A 222 -11.72 23.80 -23.00
C HIS A 222 -10.76 24.27 -24.11
N ASP A 223 -9.90 25.26 -23.84
CA ASP A 223 -9.01 25.89 -24.85
C ASP A 223 -7.75 25.03 -25.10
N ARG A 224 -7.47 24.01 -24.29
CA ARG A 224 -6.36 23.08 -24.60
C ARG A 224 -6.71 21.64 -24.22
N CYS A 225 -7.99 21.31 -24.16
CA CYS A 225 -8.45 19.90 -24.02
C CYS A 225 -9.72 19.71 -24.86
N ALA A 226 -9.64 18.84 -25.87
CA ALA A 226 -10.77 18.48 -26.75
C ALA A 226 -11.36 17.15 -26.28
N VAL A 227 -12.62 16.90 -26.63
CA VAL A 227 -13.34 15.63 -26.36
C VAL A 227 -13.85 15.08 -27.69
N VAL A 228 -13.51 13.84 -27.99
CA VAL A 228 -13.84 13.14 -29.26
C VAL A 228 -14.43 11.77 -28.88
N SER A 229 -15.53 11.36 -29.52
CA SER A 229 -16.16 10.04 -29.27
C SER A 229 -16.16 9.19 -30.55
N GLY A 230 -16.16 7.88 -30.32
CA GLY A 230 -16.04 6.83 -31.35
C GLY A 230 -15.72 5.51 -30.69
N ASP A 231 -15.12 4.60 -31.45
CA ASP A 231 -14.88 3.18 -31.07
C ASP A 231 -13.40 2.88 -31.35
N PHE A 232 -12.61 2.57 -30.31
CA PHE A 232 -11.15 2.30 -30.43
C PHE A 232 -10.88 0.94 -31.09
N PHE A 233 -11.93 0.15 -31.39
CA PHE A 233 -11.85 -1.06 -32.26
C PHE A 233 -11.79 -0.62 -33.74
N ASP A 234 -12.33 0.57 -34.08
CA ASP A 234 -12.29 1.14 -35.46
C ASP A 234 -11.04 1.98 -35.61
N LEU A 235 -10.80 2.95 -34.71
CA LEU A 235 -9.59 3.80 -34.76
C LEU A 235 -9.37 4.53 -33.44
N VAL A 236 -8.20 5.15 -33.33
CA VAL A 236 -7.83 6.18 -32.32
C VAL A 236 -7.48 7.45 -33.09
N PRO A 237 -7.92 8.65 -32.62
CA PRO A 237 -7.54 9.91 -33.28
C PRO A 237 -6.01 10.08 -33.46
N GLY A 238 -5.56 10.31 -34.70
CA GLY A 238 -4.13 10.40 -35.06
C GLY A 238 -3.54 11.76 -34.74
N GLY A 239 -2.22 11.90 -34.92
CA GLY A 239 -1.51 13.21 -34.92
C GLY A 239 -0.89 13.56 -33.57
N ALA A 240 -1.15 12.80 -32.51
CA ALA A 240 -0.66 13.14 -31.14
C ALA A 240 0.72 12.54 -30.91
N ASP A 241 1.51 13.14 -30.01
CA ASP A 241 2.90 12.71 -29.67
C ASP A 241 2.86 11.54 -28.68
N LEU A 242 1.99 11.64 -27.69
CA LEU A 242 1.85 10.65 -26.58
C LEU A 242 0.40 10.20 -26.52
N TYR A 243 0.19 8.88 -26.46
CA TYR A 243 -1.13 8.22 -26.26
C TYR A 243 -1.11 7.54 -24.89
N LEU A 244 -2.23 7.65 -24.16
CA LEU A 244 -2.45 6.97 -22.86
C LEU A 244 -3.60 5.96 -23.02
N VAL A 245 -3.48 4.79 -22.40
CA VAL A 245 -4.62 3.84 -22.28
C VAL A 245 -4.57 3.23 -20.88
N LYS A 246 -5.38 3.79 -19.98
CA LYS A 246 -5.36 3.47 -18.53
C LYS A 246 -6.57 2.62 -18.15
N SER A 247 -6.33 1.49 -17.47
CA SER A 247 -7.36 0.63 -16.84
C SER A 247 -8.39 0.22 -17.91
N THR A 248 -7.91 -0.03 -19.14
CA THR A 248 -8.76 -0.29 -20.33
C THR A 248 -8.43 -1.67 -20.91
N LEU A 249 -7.16 -1.98 -21.16
CA LEU A 249 -6.77 -3.29 -21.79
C LEU A 249 -7.27 -4.44 -20.91
N HIS A 250 -7.21 -4.28 -19.58
CA HIS A 250 -7.64 -5.32 -18.61
C HIS A 250 -9.16 -5.56 -18.70
N ASN A 251 -9.93 -4.72 -19.42
CA ASN A 251 -11.39 -4.89 -19.61
C ASN A 251 -11.69 -5.94 -20.68
N TRP A 252 -10.70 -6.34 -21.48
CA TRP A 252 -10.94 -7.11 -22.74
C TRP A 252 -10.10 -8.38 -22.78
N ASP A 253 -10.57 -9.39 -23.50
CA ASP A 253 -9.82 -10.66 -23.77
C ASP A 253 -8.69 -10.32 -24.76
N ASP A 254 -7.79 -11.28 -24.97
CA ASP A 254 -6.53 -11.10 -25.76
C ASP A 254 -6.87 -10.61 -27.18
N GLU A 255 -7.85 -11.20 -27.87
CA GLU A 255 -8.20 -10.86 -29.28
C GLU A 255 -8.62 -9.39 -29.36
N HIS A 256 -9.40 -8.93 -28.38
CA HIS A 256 -9.91 -7.54 -28.33
C HIS A 256 -8.76 -6.59 -27.99
N VAL A 257 -7.89 -6.93 -27.03
CA VAL A 257 -6.70 -6.10 -26.70
C VAL A 257 -5.88 -5.88 -27.99
N VAL A 258 -5.59 -6.95 -28.73
CA VAL A 258 -4.79 -6.88 -30.01
C VAL A 258 -5.45 -5.86 -30.95
N ARG A 259 -6.78 -5.90 -31.10
CA ARG A 259 -7.50 -4.96 -32.00
C ARG A 259 -7.30 -3.52 -31.49
N ILE A 260 -7.49 -3.27 -30.18
CA ILE A 260 -7.30 -1.92 -29.55
C ILE A 260 -5.88 -1.44 -29.85
N LEU A 261 -4.89 -2.31 -29.64
CA LEU A 261 -3.45 -2.01 -29.81
C LEU A 261 -3.10 -1.81 -31.29
N SER A 262 -3.84 -2.45 -32.22
CA SER A 262 -3.68 -2.26 -33.68
C SER A 262 -4.12 -0.84 -34.05
N SER A 263 -5.24 -0.36 -33.49
CA SER A 263 -5.76 1.02 -33.65
C SER A 263 -4.72 2.02 -33.13
N CYS A 264 -4.11 1.74 -31.97
CA CYS A 264 -3.06 2.58 -31.36
C CYS A 264 -1.85 2.65 -32.29
N ARG A 265 -1.40 1.48 -32.78
CA ARG A 265 -0.27 1.32 -33.73
C ARG A 265 -0.45 2.27 -34.93
N THR A 266 -1.62 2.20 -35.61
CA THR A 266 -1.98 3.07 -36.77
C THR A 266 -1.76 4.54 -36.38
N ALA A 267 -2.28 4.95 -35.21
CA ALA A 267 -2.26 6.33 -34.70
C ALA A 267 -0.83 6.75 -34.33
N LEU A 268 0.00 5.83 -33.82
CA LEU A 268 1.41 6.14 -33.46
C LEU A 268 2.18 6.58 -34.72
N ALA A 269 1.94 5.93 -35.87
CA ALA A 269 2.70 6.11 -37.13
C ALA A 269 4.19 5.95 -36.83
N ASP A 270 5.02 6.98 -37.01
CA ASP A 270 6.49 6.91 -36.81
C ASP A 270 6.83 7.40 -35.39
N ARG A 271 6.55 8.67 -35.11
CA ARG A 271 7.11 9.42 -33.94
C ARG A 271 6.18 9.36 -32.72
N GLY A 272 5.01 8.72 -32.83
CA GLY A 272 4.06 8.54 -31.71
C GLY A 272 4.57 7.52 -30.68
N ARG A 273 4.23 7.72 -29.40
CA ARG A 273 4.55 6.82 -28.27
C ARG A 273 3.27 6.51 -27.49
N LEU A 274 3.11 5.27 -27.01
CA LEU A 274 1.94 4.80 -26.23
C LEU A 274 2.36 4.50 -24.78
N LEU A 275 1.52 4.89 -23.82
CA LEU A 275 1.73 4.60 -22.38
C LEU A 275 0.54 3.78 -21.85
N VAL A 276 0.74 2.47 -21.76
CA VAL A 276 -0.23 1.50 -21.17
C VAL A 276 -0.11 1.62 -19.65
N ILE A 277 -1.16 2.11 -18.99
CA ILE A 277 -1.23 2.31 -17.51
C ILE A 277 -2.20 1.26 -16.97
N ASP A 278 -1.67 0.23 -16.31
CA ASP A 278 -2.43 -1.00 -15.96
C ASP A 278 -1.62 -1.77 -14.92
N VAL A 279 -2.26 -2.73 -14.27
CA VAL A 279 -1.57 -3.76 -13.45
C VAL A 279 -0.57 -4.48 -14.34
N VAL A 280 0.67 -4.62 -13.84
CA VAL A 280 1.67 -5.62 -14.31
C VAL A 280 1.79 -6.70 -13.22
N LEU A 281 1.19 -7.88 -13.46
CA LEU A 281 1.26 -9.05 -12.56
C LEU A 281 2.67 -9.64 -12.59
N PRO A 282 3.23 -10.05 -11.44
CA PRO A 282 4.47 -10.86 -11.44
C PRO A 282 4.14 -12.30 -11.86
N ASP A 283 5.16 -13.05 -12.29
CA ASP A 283 5.02 -14.46 -12.74
C ASP A 283 4.48 -15.29 -11.56
N ARG A 284 4.88 -14.94 -10.34
CA ARG A 284 4.47 -15.63 -9.08
C ARG A 284 3.62 -14.68 -8.24
N ALA A 285 2.36 -15.07 -7.98
CA ALA A 285 1.39 -14.29 -7.18
C ALA A 285 1.85 -14.26 -5.73
N GLU A 286 1.93 -13.07 -5.13
CA GLU A 286 2.25 -12.87 -3.69
C GLU A 286 1.44 -11.67 -3.17
N PRO A 287 1.34 -11.48 -1.83
CA PRO A 287 0.69 -10.29 -1.28
C PRO A 287 1.27 -9.01 -1.91
N ASP A 288 0.46 -7.94 -1.91
CA ASP A 288 0.72 -6.66 -2.64
C ASP A 288 0.25 -5.50 -1.75
N PRO A 289 1.08 -4.45 -1.57
CA PRO A 289 0.67 -3.30 -0.74
C PRO A 289 -0.30 -2.31 -1.40
N ALA A 290 -0.73 -2.57 -2.64
CA ALA A 290 -1.66 -1.72 -3.42
C ALA A 290 -2.99 -1.54 -2.67
N GLU A 291 -3.60 -0.36 -2.78
CA GLU A 291 -4.88 0.01 -2.12
C GLU A 291 -5.99 -0.91 -2.65
N LEU A 292 -5.88 -1.35 -3.90
CA LEU A 292 -6.82 -2.32 -4.53
C LEU A 292 -6.04 -3.56 -4.97
N ASN A 293 -6.42 -4.72 -4.43
CA ASN A 293 -5.75 -6.02 -4.71
C ASN A 293 -5.85 -6.36 -6.20
N PRO A 294 -4.70 -6.55 -6.90
CA PRO A 294 -4.70 -6.79 -8.33
C PRO A 294 -5.29 -8.14 -8.79
N TYR A 295 -5.29 -9.15 -7.92
CA TYR A 295 -5.91 -10.47 -8.22
C TYR A 295 -7.42 -10.36 -8.08
N VAL A 296 -7.90 -9.54 -7.13
CA VAL A 296 -9.35 -9.24 -6.99
C VAL A 296 -9.80 -8.39 -8.20
N LYS A 297 -8.94 -7.49 -8.68
CA LYS A 297 -9.14 -6.77 -9.97
C LYS A 297 -9.31 -7.80 -11.08
N ASP A 298 -8.39 -8.77 -11.16
CA ASP A 298 -8.41 -9.87 -12.16
C ASP A 298 -9.79 -10.52 -12.17
N LEU A 299 -10.28 -10.91 -11.00
CA LEU A 299 -11.56 -11.67 -10.88
C LEU A 299 -12.76 -10.74 -11.15
N GLN A 300 -12.68 -9.46 -10.78
CA GLN A 300 -13.72 -8.45 -11.13
C GLN A 300 -13.79 -8.34 -12.66
N MET A 301 -12.65 -8.26 -13.32
CA MET A 301 -12.60 -8.15 -14.80
C MET A 301 -13.25 -9.39 -15.42
N LEU A 302 -12.98 -10.58 -14.85
CA LEU A 302 -13.56 -11.86 -15.33
C LEU A 302 -15.09 -11.79 -15.23
N VAL A 303 -15.64 -11.48 -14.06
CA VAL A 303 -17.09 -11.68 -13.77
C VAL A 303 -17.92 -10.60 -14.47
N LEU A 304 -17.36 -9.40 -14.65
CA LEU A 304 -18.10 -8.26 -15.27
C LEU A 304 -17.93 -8.27 -16.80
N LEU A 305 -16.74 -8.58 -17.31
CA LEU A 305 -16.38 -8.30 -18.73
C LEU A 305 -15.71 -9.49 -19.43
N GLY A 306 -15.22 -10.49 -18.70
CA GLY A 306 -14.34 -11.54 -19.26
C GLY A 306 -13.00 -10.98 -19.69
N GLY A 307 -12.54 -9.94 -18.99
CA GLY A 307 -11.17 -9.41 -19.13
C GLY A 307 -10.24 -10.12 -18.16
N ARG A 308 -9.04 -9.58 -17.96
CA ARG A 308 -8.04 -10.17 -17.04
C ARG A 308 -6.89 -9.18 -16.84
N GLU A 309 -6.17 -9.29 -15.72
CA GLU A 309 -4.86 -8.62 -15.50
C GLU A 309 -3.80 -9.53 -16.11
N ARG A 310 -2.67 -8.97 -16.54
CA ARG A 310 -1.67 -9.68 -17.38
C ARG A 310 -0.26 -9.41 -16.87
N THR A 311 0.64 -10.38 -17.05
CA THR A 311 2.11 -10.26 -16.82
C THR A 311 2.70 -9.33 -17.90
N ARG A 312 3.93 -8.84 -17.67
CA ARG A 312 4.70 -8.07 -18.68
C ARG A 312 4.84 -8.88 -19.98
N ALA A 313 5.27 -10.14 -19.87
CA ALA A 313 5.58 -11.04 -21.01
C ALA A 313 4.33 -11.31 -21.85
N HIS A 314 3.18 -11.53 -21.19
CA HIS A 314 1.85 -11.70 -21.81
C HIS A 314 1.50 -10.44 -22.62
N LEU A 315 1.61 -9.26 -22.00
CA LEU A 315 1.30 -7.98 -22.68
C LEU A 315 2.24 -7.82 -23.87
N ASP A 316 3.51 -8.20 -23.72
CA ASP A 316 4.57 -8.02 -24.76
C ASP A 316 4.22 -8.83 -26.01
N ARG A 317 3.66 -10.03 -25.86
CA ARG A 317 3.32 -10.90 -27.01
C ARG A 317 2.02 -10.38 -27.64
N LEU A 318 1.16 -9.70 -26.87
CA LEU A 318 -0.07 -9.03 -27.39
C LEU A 318 0.33 -7.80 -28.22
N CYS A 319 1.34 -7.06 -27.77
CA CYS A 319 1.96 -5.92 -28.50
C CYS A 319 2.54 -6.41 -29.83
N ALA A 320 3.25 -7.54 -29.81
CA ALA A 320 3.88 -8.18 -30.98
C ALA A 320 2.83 -8.45 -32.07
N ARG A 321 1.67 -8.99 -31.68
CA ARG A 321 0.57 -9.33 -32.61
C ARG A 321 -0.07 -8.04 -33.18
N ALA A 322 0.26 -6.88 -32.61
CA ALA A 322 -0.27 -5.55 -33.04
C ALA A 322 0.82 -4.72 -33.74
N GLY A 323 2.05 -5.24 -33.83
CA GLY A 323 3.21 -4.55 -34.44
C GLY A 323 3.88 -3.56 -33.49
N LEU A 324 3.73 -3.78 -32.18
CA LEU A 324 4.30 -2.93 -31.09
C LEU A 324 5.26 -3.78 -30.24
N VAL A 325 6.22 -3.14 -29.58
CA VAL A 325 7.11 -3.77 -28.57
C VAL A 325 7.09 -2.90 -27.31
N ILE A 326 7.23 -3.52 -26.13
CA ILE A 326 7.43 -2.82 -24.82
C ILE A 326 8.87 -2.29 -24.78
N ASP A 327 9.04 -0.96 -24.69
CA ASP A 327 10.37 -0.31 -24.57
C ASP A 327 10.84 -0.46 -23.12
N ARG A 328 9.98 -0.17 -22.14
CA ARG A 328 10.32 -0.31 -20.70
C ARG A 328 9.05 -0.17 -19.84
N VAL A 329 9.16 -0.61 -18.58
CA VAL A 329 8.11 -0.54 -17.52
C VAL A 329 8.65 0.36 -16.41
N LEU A 330 7.86 1.36 -15.99
CA LEU A 330 8.20 2.33 -14.91
C LEU A 330 7.18 2.15 -13.78
N PRO A 331 7.61 2.21 -12.50
CA PRO A 331 6.70 1.99 -11.38
C PRO A 331 5.99 3.28 -10.96
N LEU A 332 4.86 3.14 -10.26
CA LEU A 332 4.21 4.19 -9.45
C LEU A 332 4.41 3.81 -7.98
N PRO A 333 4.22 4.74 -7.02
CA PRO A 333 4.34 4.38 -5.59
C PRO A 333 3.54 3.13 -5.27
N PRO A 334 4.04 2.24 -4.37
CA PRO A 334 3.42 0.92 -4.18
C PRO A 334 1.92 0.91 -3.83
N HIS A 335 1.39 1.99 -3.24
CA HIS A 335 -0.04 2.10 -2.83
C HIS A 335 -0.97 2.19 -4.05
N VAL A 336 -0.46 2.51 -5.24
CA VAL A 336 -1.28 2.78 -6.45
C VAL A 336 -1.66 1.45 -7.10
N GLY A 337 -0.67 0.57 -7.32
CA GLY A 337 -0.86 -0.81 -7.80
C GLY A 337 -0.92 -0.88 -9.32
N LEU A 338 -0.69 0.24 -10.01
CA LEU A 338 -0.58 0.29 -11.50
C LEU A 338 0.87 0.60 -11.88
N SER A 339 1.29 0.21 -13.09
CA SER A 339 2.61 0.54 -13.68
C SER A 339 2.42 1.28 -15.01
N LEU A 340 3.47 1.99 -15.45
CA LEU A 340 3.51 2.75 -16.72
C LEU A 340 4.37 1.97 -17.73
N THR A 341 3.73 1.25 -18.64
CA THR A 341 4.40 0.46 -19.72
C THR A 341 4.51 1.31 -21.00
N GLU A 342 5.72 1.72 -21.34
CA GLU A 342 6.04 2.47 -22.60
C GLU A 342 6.03 1.48 -23.77
N VAL A 343 5.19 1.74 -24.77
CA VAL A 343 5.03 0.86 -25.96
C VAL A 343 5.26 1.72 -27.22
N VAL A 344 6.04 1.20 -28.17
CA VAL A 344 6.51 1.92 -29.38
C VAL A 344 6.37 0.98 -30.58
N PRO A 345 6.34 1.51 -31.83
CA PRO A 345 6.25 0.66 -33.00
C PRO A 345 7.40 -0.35 -33.06
N ALA A 346 7.14 -1.56 -33.54
CA ALA A 346 8.16 -2.63 -33.74
C ALA A 346 9.03 -2.28 -34.95
N PRO A 347 10.32 -2.70 -34.95
CA PRO A 347 11.15 -2.59 -36.15
C PRO A 347 10.70 -3.57 -37.25
N GLY B 9 -16.64 53.17 -23.85
CA GLY B 9 -17.65 54.07 -23.20
C GLY B 9 -17.15 54.53 -21.84
N ALA B 10 -16.90 55.83 -21.69
CA ALA B 10 -16.57 56.46 -20.40
C ALA B 10 -17.74 56.22 -19.43
N ARG B 11 -18.96 56.33 -19.94
CA ARG B 11 -20.23 56.21 -19.18
C ARG B 11 -20.42 54.75 -18.73
N SER B 12 -20.21 53.80 -19.65
CA SER B 12 -20.35 52.35 -19.41
C SER B 12 -19.36 51.89 -18.33
N LEU B 13 -18.12 52.35 -18.33
CA LEU B 13 -17.14 51.99 -17.27
C LEU B 13 -17.63 52.49 -15.90
N LEU B 14 -18.19 53.71 -15.84
CA LEU B 14 -18.71 54.35 -14.60
C LEU B 14 -19.92 53.57 -14.08
N MET B 15 -20.87 53.24 -14.96
CA MET B 15 -22.07 52.43 -14.61
C MET B 15 -21.63 51.08 -14.04
N GLN B 16 -20.62 50.45 -14.63
CA GLN B 16 -20.07 49.14 -14.15
C GLN B 16 -19.61 49.30 -12.70
N ARG B 17 -18.77 50.30 -12.43
CA ARG B 17 -18.17 50.51 -11.08
C ARG B 17 -19.29 50.73 -10.07
N LEU B 18 -20.32 51.50 -10.43
CA LEU B 18 -21.36 51.95 -9.47
C LEU B 18 -22.22 50.76 -9.03
N PHE B 19 -22.50 49.81 -9.93
CA PHE B 19 -23.45 48.70 -9.69
C PHE B 19 -22.73 47.40 -9.27
N GLY B 20 -21.45 47.49 -8.93
CA GLY B 20 -20.68 46.36 -8.34
C GLY B 20 -21.35 45.75 -7.11
N SER B 21 -21.88 46.56 -6.19
CA SER B 21 -22.36 46.06 -4.86
C SER B 21 -23.55 45.11 -5.08
N ARG B 22 -24.41 45.42 -6.05
CA ARG B 22 -25.58 44.58 -6.39
C ARG B 22 -25.12 43.26 -7.03
N VAL B 23 -24.11 43.32 -7.91
CA VAL B 23 -23.49 42.11 -8.53
C VAL B 23 -22.97 41.18 -7.42
N THR B 24 -22.26 41.73 -6.42
CA THR B 24 -21.70 40.99 -5.26
C THR B 24 -22.85 40.31 -4.47
N GLU B 25 -23.98 40.99 -4.27
CA GLU B 25 -25.15 40.44 -3.53
C GLU B 25 -25.71 39.23 -4.29
N VAL B 26 -25.63 39.26 -5.62
CA VAL B 26 -26.09 38.13 -6.49
C VAL B 26 -25.13 36.95 -6.26
N LEU B 27 -23.82 37.17 -6.36
CA LEU B 27 -22.79 36.11 -6.14
C LEU B 27 -22.88 35.58 -4.71
N ALA B 28 -23.03 36.48 -3.72
CA ALA B 28 -23.11 36.12 -2.29
C ALA B 28 -24.29 35.15 -2.10
N ALA B 29 -25.43 35.42 -2.73
CA ALA B 29 -26.64 34.57 -2.65
C ALA B 29 -26.36 33.19 -3.24
N MET B 30 -25.64 33.14 -4.37
CA MET B 30 -25.28 31.87 -5.06
C MET B 30 -24.38 31.02 -4.14
N ALA B 31 -23.40 31.66 -3.49
CA ALA B 31 -22.44 31.00 -2.58
C ALA B 31 -23.20 30.47 -1.36
N ARG B 32 -23.95 31.33 -0.67
CA ARG B 32 -24.66 31.01 0.59
C ARG B 32 -25.67 29.87 0.39
N LEU B 33 -26.32 29.83 -0.78
CA LEU B 33 -27.38 28.83 -1.10
C LEU B 33 -26.78 27.53 -1.67
N ASP B 34 -25.46 27.48 -1.86
CA ASP B 34 -24.70 26.30 -2.36
C ASP B 34 -25.25 25.86 -3.73
N LEU B 35 -25.61 26.82 -4.59
CA LEU B 35 -26.27 26.56 -5.89
C LEU B 35 -25.32 25.87 -6.87
N ALA B 36 -24.03 26.22 -6.85
CA ALA B 36 -22.98 25.61 -7.70
C ALA B 36 -22.94 24.09 -7.45
N ASP B 37 -23.00 23.67 -6.18
CA ASP B 37 -22.97 22.24 -5.79
C ASP B 37 -24.27 21.56 -6.23
N ALA B 38 -25.41 22.23 -6.05
CA ALA B 38 -26.76 21.69 -6.38
C ALA B 38 -26.90 21.50 -7.90
N ILE B 39 -26.34 22.41 -8.71
CA ILE B 39 -26.35 22.33 -10.21
C ILE B 39 -25.38 21.24 -10.66
N GLY B 40 -24.14 21.26 -10.14
CA GLY B 40 -23.13 20.20 -10.34
C GLY B 40 -22.51 20.25 -11.73
N ASP B 41 -22.20 19.07 -12.28
CA ASP B 41 -21.53 18.88 -13.61
C ASP B 41 -22.49 19.22 -14.75
N GLY B 42 -23.80 19.05 -14.55
CA GLY B 42 -24.79 18.92 -15.66
C GLY B 42 -25.75 20.10 -15.76
N ILE B 43 -26.83 19.87 -16.51
CA ILE B 43 -27.98 20.81 -16.68
C ILE B 43 -29.02 20.45 -15.61
N ALA B 44 -29.40 21.43 -14.80
CA ALA B 44 -30.35 21.26 -13.66
C ALA B 44 -31.63 22.06 -13.94
N ASP B 45 -32.77 21.51 -13.53
CA ASP B 45 -34.10 22.14 -13.66
C ASP B 45 -34.33 23.07 -12.47
N VAL B 46 -34.81 24.28 -12.74
CA VAL B 46 -35.04 25.34 -11.71
C VAL B 46 -36.05 24.85 -10.67
N HIS B 47 -37.04 24.04 -11.07
CA HIS B 47 -38.10 23.47 -10.18
C HIS B 47 -37.48 22.49 -9.18
N ASP B 48 -36.45 21.73 -9.58
CA ASP B 48 -35.72 20.77 -8.70
C ASP B 48 -34.81 21.56 -7.74
N LEU B 49 -34.06 22.53 -8.26
CA LEU B 49 -33.15 23.41 -7.48
C LEU B 49 -33.96 24.15 -6.39
N ALA B 50 -35.17 24.59 -6.74
CA ALA B 50 -36.07 25.40 -5.88
C ALA B 50 -36.38 24.66 -4.58
N ARG B 51 -36.69 23.36 -4.67
CA ARG B 51 -36.98 22.50 -3.48
C ARG B 51 -35.70 22.30 -2.66
N SER B 52 -34.53 22.25 -3.30
CA SER B 52 -33.22 21.95 -2.65
C SER B 52 -32.79 23.05 -1.68
N CYS B 53 -33.11 24.32 -1.94
CA CYS B 53 -32.64 25.49 -1.12
C CYS B 53 -33.82 26.34 -0.61
N ASP B 54 -35.05 25.81 -0.65
CA ASP B 54 -36.25 26.39 0.03
C ASP B 54 -36.55 27.80 -0.49
N LEU B 55 -36.52 27.99 -1.82
CA LEU B 55 -37.01 29.20 -2.52
C LEU B 55 -38.15 28.81 -3.44
N PRO B 56 -39.15 29.69 -3.71
CA PRO B 56 -40.07 29.48 -4.81
C PRO B 56 -39.32 29.51 -6.16
N ALA B 57 -39.89 28.87 -7.18
CA ALA B 57 -39.29 28.68 -8.52
C ALA B 57 -39.08 30.04 -9.19
N ASP B 58 -40.09 30.92 -9.16
CA ASP B 58 -40.04 32.25 -9.83
C ASP B 58 -38.81 33.01 -9.30
N GLY B 59 -38.71 33.16 -7.98
CA GLY B 59 -37.61 33.87 -7.30
C GLY B 59 -36.25 33.29 -7.66
N LEU B 60 -36.09 31.96 -7.59
CA LEU B 60 -34.80 31.30 -7.90
C LEU B 60 -34.48 31.44 -9.40
N HIS B 61 -35.49 31.33 -10.27
CA HIS B 61 -35.32 31.48 -11.75
C HIS B 61 -34.74 32.87 -12.05
N ARG B 62 -35.20 33.91 -11.35
CA ARG B 62 -34.76 35.32 -11.60
C ARG B 62 -33.33 35.50 -11.11
N LEU B 63 -32.95 34.83 -10.01
CA LEU B 63 -31.57 34.86 -9.49
C LEU B 63 -30.65 34.18 -10.51
N LEU B 64 -31.04 33.01 -11.02
CA LEU B 64 -30.22 32.21 -11.98
C LEU B 64 -30.10 32.95 -13.33
N ARG B 65 -31.16 33.63 -13.77
CA ARG B 65 -31.10 34.50 -14.97
C ARG B 65 -30.05 35.59 -14.75
N ALA B 66 -30.05 36.25 -13.58
CA ALA B 66 -29.04 37.24 -13.17
C ALA B 66 -27.62 36.63 -13.24
N LEU B 67 -27.45 35.43 -12.67
CA LEU B 67 -26.15 34.70 -12.64
C LEU B 67 -25.70 34.36 -14.06
N ALA B 68 -26.63 33.97 -14.94
CA ALA B 68 -26.38 33.75 -16.38
C ALA B 68 -25.95 35.06 -17.05
N GLY B 69 -26.66 36.16 -16.76
CA GLY B 69 -26.29 37.51 -17.21
C GLY B 69 -24.86 37.88 -16.83
N LEU B 70 -24.39 37.46 -15.65
CA LEU B 70 -23.08 37.87 -15.08
C LEU B 70 -22.01 36.80 -15.33
N GLY B 71 -22.31 35.79 -16.16
CA GLY B 71 -21.32 34.85 -16.72
C GLY B 71 -21.03 33.66 -15.81
N MET B 72 -21.86 33.45 -14.77
CA MET B 72 -21.67 32.40 -13.74
C MET B 72 -22.41 31.11 -14.12
N CYS B 73 -23.48 31.23 -14.92
N CYS B 73 -23.45 31.19 -14.94
CA CYS B 73 -24.35 30.10 -15.35
CA CYS B 73 -24.15 29.98 -15.45
C CYS B 73 -24.72 30.27 -16.83
C CYS B 73 -24.74 30.27 -16.84
N GLU B 74 -25.41 29.27 -17.41
CA GLU B 74 -26.00 29.31 -18.79
C GLU B 74 -27.44 28.80 -18.72
N GLU B 75 -28.37 29.52 -19.35
CA GLU B 75 -29.73 28.99 -19.62
C GLU B 75 -29.66 28.32 -21.01
N SER B 76 -29.39 27.01 -21.04
CA SER B 76 -29.39 26.16 -22.26
C SER B 76 -30.81 26.07 -22.83
N GLU B 77 -31.80 25.97 -21.96
CA GLU B 77 -33.24 25.90 -22.29
C GLU B 77 -34.03 26.60 -21.18
N PRO B 78 -35.15 27.30 -21.48
CA PRO B 78 -35.88 28.03 -20.44
C PRO B 78 -36.08 27.18 -19.17
N GLY B 79 -35.56 27.67 -18.04
CA GLY B 79 -35.69 27.02 -16.71
C GLY B 79 -34.62 25.96 -16.46
N LYS B 80 -33.65 25.79 -17.36
CA LYS B 80 -32.62 24.72 -17.28
C LYS B 80 -31.23 25.38 -17.32
N PHE B 81 -30.40 25.13 -16.29
CA PHE B 81 -29.16 25.90 -16.02
C PHE B 81 -27.98 24.95 -15.82
N ALA B 82 -26.83 25.34 -16.37
CA ALA B 82 -25.51 24.68 -16.22
C ALA B 82 -24.49 25.73 -15.78
N LEU B 83 -23.42 25.32 -15.10
CA LEU B 83 -22.38 26.27 -14.63
C LEU B 83 -21.41 26.57 -15.78
N THR B 84 -20.92 27.81 -15.85
CA THR B 84 -19.75 28.20 -16.69
C THR B 84 -18.49 27.72 -15.97
N ALA B 85 -17.33 27.81 -16.62
CA ALA B 85 -15.99 27.63 -15.99
C ALA B 85 -15.85 28.51 -14.74
N SER B 86 -16.42 29.72 -14.76
CA SER B 86 -16.39 30.67 -13.60
C SER B 86 -17.26 30.13 -12.46
N GLY B 87 -18.51 29.78 -12.74
CA GLY B 87 -19.47 29.33 -11.70
C GLY B 87 -19.06 28.02 -11.06
N ALA B 88 -18.31 27.18 -11.79
CA ALA B 88 -17.85 25.85 -11.34
C ALA B 88 -16.85 26.01 -10.20
N LEU B 89 -16.16 27.16 -10.13
CA LEU B 89 -15.15 27.42 -9.08
C LEU B 89 -15.82 27.61 -7.71
N LEU B 90 -17.13 27.85 -7.66
CA LEU B 90 -17.89 27.96 -6.38
C LEU B 90 -18.36 26.59 -5.89
N ARG B 91 -18.10 25.51 -6.63
CA ARG B 91 -18.33 24.12 -6.12
C ARG B 91 -17.26 23.81 -5.05
N LYS B 92 -17.68 23.20 -3.93
CA LYS B 92 -16.78 22.78 -2.83
C LYS B 92 -15.83 21.66 -3.30
N ASP B 93 -16.27 20.86 -4.26
CA ASP B 93 -15.53 19.66 -4.77
C ASP B 93 -14.59 20.06 -5.91
N HIS B 94 -14.57 21.32 -6.35
CA HIS B 94 -13.68 21.77 -7.45
C HIS B 94 -12.23 21.65 -6.97
N PRO B 95 -11.34 21.00 -7.73
CA PRO B 95 -9.93 20.91 -7.36
C PRO B 95 -9.29 22.28 -7.11
N GLU B 96 -9.79 23.33 -7.77
CA GLU B 96 -9.32 24.73 -7.62
C GLU B 96 -10.44 25.59 -7.02
N SER B 97 -11.26 25.00 -6.12
CA SER B 97 -12.41 25.69 -5.47
C SER B 97 -11.98 27.03 -4.87
N VAL B 98 -12.80 28.06 -5.07
CA VAL B 98 -12.68 29.36 -4.35
C VAL B 98 -13.96 29.58 -3.52
N TYR B 99 -14.67 28.51 -3.17
CA TYR B 99 -15.94 28.55 -2.39
C TYR B 99 -15.73 29.29 -1.06
N ASP B 100 -14.74 28.84 -0.28
CA ASP B 100 -14.43 29.41 1.05
C ASP B 100 -14.00 30.87 0.86
N PHE B 101 -13.20 31.13 -0.17
CA PHE B 101 -12.74 32.49 -0.55
C PHE B 101 -13.96 33.39 -0.78
N ALA B 102 -14.92 32.90 -1.58
CA ALA B 102 -16.18 33.59 -1.91
C ALA B 102 -16.97 33.88 -0.62
N ARG B 103 -17.12 32.89 0.26
CA ARG B 103 -17.95 33.03 1.49
C ARG B 103 -17.29 34.06 2.42
N PHE B 104 -15.97 33.97 2.61
CA PHE B 104 -15.16 34.81 3.52
C PHE B 104 -15.28 36.28 3.11
N HIS B 105 -15.02 36.57 1.83
CA HIS B 105 -14.96 37.93 1.28
C HIS B 105 -16.37 38.53 1.12
N THR B 106 -17.43 37.74 1.30
CA THR B 106 -18.84 38.23 1.31
C THR B 106 -19.46 38.09 2.71
N ALA B 107 -18.68 37.70 3.73
CA ALA B 107 -19.14 37.60 5.14
C ALA B 107 -19.14 38.98 5.80
N PRO B 108 -19.99 39.22 6.82
CA PRO B 108 -20.00 40.51 7.53
C PRO B 108 -18.63 40.95 8.05
N GLU B 109 -17.77 40.01 8.43
CA GLU B 109 -16.46 40.25 9.04
C GLU B 109 -15.55 41.02 8.07
N THR B 110 -15.64 40.77 6.76
CA THR B 110 -14.78 41.42 5.74
C THR B 110 -15.50 42.57 5.03
N THR B 111 -16.84 42.61 5.02
CA THR B 111 -17.66 43.58 4.24
C THR B 111 -18.13 44.76 5.12
N ARG B 112 -18.46 44.55 6.39
CA ARG B 112 -19.01 45.62 7.27
C ARG B 112 -17.97 46.72 7.49
N PRO B 113 -16.65 46.41 7.64
CA PRO B 113 -15.64 47.47 7.77
C PRO B 113 -15.53 48.39 6.54
N TRP B 114 -16.00 47.94 5.37
CA TRP B 114 -16.01 48.75 4.12
C TRP B 114 -17.16 49.76 4.10
N THR B 115 -18.19 49.59 4.93
CA THR B 115 -19.36 50.51 5.00
C THR B 115 -18.96 51.84 5.65
N ASN B 116 -17.81 51.91 6.32
CA ASN B 116 -17.21 53.19 6.79
C ASN B 116 -15.74 53.25 6.34
N LEU B 117 -15.49 52.99 5.07
CA LEU B 117 -14.18 53.20 4.39
C LEU B 117 -13.68 54.62 4.69
N GLU B 118 -14.57 55.62 4.56
CA GLU B 118 -14.23 57.05 4.75
C GLU B 118 -13.54 57.20 6.11
N GLN B 119 -14.08 56.56 7.15
CA GLN B 119 -13.55 56.66 8.54
C GLN B 119 -12.12 56.12 8.59
N ALA B 120 -11.85 54.99 7.93
CA ALA B 120 -10.50 54.38 7.87
C ALA B 120 -9.55 55.32 7.13
N LEU B 121 -10.03 55.99 6.08
CA LEU B 121 -9.23 57.03 5.35
C LEU B 121 -8.93 58.18 6.32
N ARG B 122 -9.92 58.62 7.12
CA ARG B 122 -9.79 59.76 8.06
C ARG B 122 -8.82 59.41 9.21
N THR B 123 -8.98 58.24 9.83
CA THR B 123 -8.24 57.85 11.06
C THR B 123 -6.89 57.21 10.67
N GLY B 124 -6.84 56.46 9.57
CA GLY B 124 -5.68 55.64 9.18
C GLY B 124 -5.66 54.31 9.91
N ARG B 125 -6.76 53.98 10.61
CA ARG B 125 -6.87 52.77 11.48
C ARG B 125 -7.98 51.88 10.95
N PRO B 126 -7.90 50.55 11.20
CA PRO B 126 -8.97 49.63 10.80
C PRO B 126 -10.31 49.96 11.48
N THR B 127 -11.41 49.80 10.74
CA THR B 127 -12.79 49.92 11.24
C THR B 127 -13.33 48.58 11.74
N PHE B 128 -12.64 47.47 11.44
CA PHE B 128 -13.03 46.10 11.90
C PHE B 128 -13.12 46.07 13.43
N ASP B 129 -12.11 46.61 14.11
CA ASP B 129 -11.97 46.59 15.60
C ASP B 129 -13.23 47.21 16.24
N GLU B 130 -13.70 48.37 15.76
CA GLU B 130 -14.87 49.09 16.29
C GLU B 130 -16.14 48.25 16.07
N HIS B 131 -16.23 47.55 14.94
CA HIS B 131 -17.42 46.73 14.56
C HIS B 131 -17.49 45.45 15.40
N PHE B 132 -16.36 44.82 15.72
CA PHE B 132 -16.30 43.40 16.16
C PHE B 132 -15.65 43.23 17.54
N GLY B 133 -14.91 44.22 18.06
CA GLY B 133 -14.49 44.28 19.47
C GLY B 133 -13.02 43.99 19.69
N SER B 134 -12.26 43.64 18.63
CA SER B 134 -10.81 43.31 18.75
C SER B 134 -10.14 43.31 17.38
N PRO B 135 -8.79 43.37 17.30
CA PRO B 135 -8.08 43.24 16.03
C PRO B 135 -8.38 41.89 15.35
N LEU B 136 -8.45 41.88 14.02
CA LEU B 136 -8.95 40.74 13.21
C LEU B 136 -8.26 39.43 13.64
N TYR B 137 -6.94 39.41 13.83
CA TYR B 137 -6.19 38.16 14.12
C TYR B 137 -6.51 37.66 15.53
N GLU B 138 -6.75 38.55 16.49
CA GLU B 138 -7.28 38.18 17.83
C GLU B 138 -8.68 37.59 17.65
N TYR B 139 -9.56 38.27 16.93
CA TYR B 139 -10.97 37.85 16.72
C TYR B 139 -10.97 36.43 16.13
N MET B 140 -10.10 36.17 15.14
CA MET B 140 -10.06 34.85 14.45
C MET B 140 -9.51 33.77 15.39
N ALA B 141 -8.57 34.11 16.28
CA ALA B 141 -7.99 33.18 17.28
C ALA B 141 -9.06 32.71 18.27
N GLY B 142 -10.18 33.43 18.40
CA GLY B 142 -11.30 33.09 19.30
C GLY B 142 -12.56 32.63 18.56
N HIS B 143 -12.53 32.50 17.23
CA HIS B 143 -13.70 32.12 16.38
C HIS B 143 -13.30 31.00 15.42
N PRO B 144 -13.29 29.71 15.88
CA PRO B 144 -12.79 28.59 15.08
C PRO B 144 -13.42 28.39 13.69
N GLU B 145 -14.74 28.53 13.56
CA GLU B 145 -15.44 28.48 12.25
C GLU B 145 -14.77 29.48 11.29
N LEU B 146 -14.66 30.74 11.71
CA LEU B 146 -14.14 31.81 10.83
C LEU B 146 -12.65 31.57 10.55
N SER B 147 -11.89 31.07 11.53
CA SER B 147 -10.45 30.75 11.38
C SER B 147 -10.27 29.71 10.28
N ALA B 148 -11.09 28.65 10.28
CA ALA B 148 -11.04 27.55 9.30
C ALA B 148 -11.44 28.07 7.91
N ARG B 149 -12.48 28.90 7.83
CA ARG B 149 -12.92 29.59 6.59
C ARG B 149 -11.75 30.40 6.02
N PHE B 150 -11.09 31.17 6.87
CA PHE B 150 -9.96 32.07 6.50
C PHE B 150 -8.85 31.25 5.85
N ALA B 151 -8.49 30.13 6.48
CA ALA B 151 -7.40 29.23 6.02
C ALA B 151 -7.70 28.75 4.60
N ALA B 152 -8.90 28.23 4.35
CA ALA B 152 -9.37 27.79 3.01
C ALA B 152 -9.56 29.01 2.09
N ALA B 153 -9.93 30.19 2.61
CA ALA B 153 -10.07 31.41 1.77
C ALA B 153 -8.70 31.78 1.18
N MET B 154 -7.65 31.78 2.00
CA MET B 154 -6.29 32.17 1.56
C MET B 154 -5.72 31.11 0.60
N ARG B 155 -6.06 29.83 0.81
CA ARG B 155 -5.72 28.73 -0.14
C ARG B 155 -6.30 29.06 -1.53
N GLY B 156 -7.58 29.39 -1.57
CA GLY B 156 -8.29 29.84 -2.78
C GLY B 156 -7.55 30.98 -3.46
N GLU B 157 -7.15 32.01 -2.72
CA GLU B 157 -6.46 33.17 -3.32
C GLU B 157 -5.11 32.71 -3.87
N SER B 158 -4.41 31.86 -3.11
CA SER B 158 -2.96 31.56 -3.32
C SER B 158 -2.75 30.55 -4.45
N LEU B 159 -3.79 29.80 -4.86
CA LEU B 159 -3.68 28.76 -5.91
C LEU B 159 -2.98 29.32 -7.14
N ALA B 160 -3.31 30.54 -7.56
CA ALA B 160 -2.75 31.22 -8.75
C ALA B 160 -1.23 31.38 -8.59
N THR B 161 -0.77 31.84 -7.44
CA THR B 161 0.69 32.01 -7.15
C THR B 161 1.34 30.63 -7.01
N ALA B 162 0.68 29.69 -6.32
CA ALA B 162 1.20 28.32 -6.03
C ALA B 162 1.52 27.57 -7.33
N ASP B 163 0.62 27.57 -8.31
CA ASP B 163 0.75 26.75 -9.54
C ASP B 163 1.64 27.46 -10.58
N THR B 164 2.18 28.66 -10.28
CA THR B 164 3.10 29.41 -11.17
C THR B 164 4.47 29.67 -10.53
N ILE B 165 4.58 29.64 -9.20
CA ILE B 165 5.82 30.07 -8.48
C ILE B 165 7.00 29.14 -8.79
N ALA B 166 6.75 27.84 -9.03
CA ALA B 166 7.76 26.86 -9.46
C ALA B 166 8.38 27.27 -10.81
N GLU B 167 7.57 27.74 -11.75
CA GLU B 167 8.01 28.11 -13.12
C GLU B 167 8.79 29.43 -13.09
N HIS B 168 8.51 30.33 -12.13
CA HIS B 168 9.01 31.74 -12.10
C HIS B 168 10.05 31.98 -11.00
N TYR B 169 10.53 30.92 -10.33
CA TYR B 169 11.66 30.97 -9.36
C TYR B 169 12.44 29.64 -9.36
N ASP B 170 13.76 29.74 -9.24
CA ASP B 170 14.71 28.59 -9.18
C ASP B 170 14.96 28.21 -7.71
N PHE B 171 14.34 27.11 -7.24
CA PHE B 171 14.42 26.58 -5.85
C PHE B 171 15.53 25.52 -5.72
N SER B 172 16.18 25.15 -6.83
CA SER B 172 17.20 24.06 -6.91
C SER B 172 18.41 24.35 -6.02
N PRO B 173 18.85 25.62 -5.83
CA PRO B 173 20.02 25.90 -4.98
C PRO B 173 19.81 25.81 -3.46
N TYR B 174 18.64 25.35 -3.00
CA TYR B 174 18.27 25.32 -1.56
C TYR B 174 17.90 23.89 -1.14
N ARG B 175 18.21 23.54 0.11
CA ARG B 175 17.88 22.24 0.75
C ARG B 175 16.60 22.40 1.59
N THR B 176 16.46 23.51 2.31
CA THR B 176 15.35 23.74 3.29
C THR B 176 14.65 25.07 2.97
N VAL B 177 13.31 25.07 3.07
CA VAL B 177 12.43 26.26 2.85
C VAL B 177 11.48 26.39 4.04
N THR B 178 11.40 27.59 4.64
CA THR B 178 10.43 27.93 5.72
C THR B 178 9.46 28.99 5.20
N ASP B 179 8.15 28.73 5.33
CA ASP B 179 7.07 29.66 4.94
C ASP B 179 6.57 30.39 6.20
N VAL B 180 6.98 31.65 6.33
CA VAL B 180 6.63 32.55 7.47
C VAL B 180 5.19 33.01 7.26
N GLY B 181 4.28 32.61 8.14
CA GLY B 181 2.83 32.82 7.98
C GLY B 181 2.32 32.09 6.74
N GLY B 182 2.65 30.80 6.62
CA GLY B 182 2.42 30.00 5.40
C GLY B 182 1.01 29.45 5.32
N GLY B 183 0.11 29.91 6.20
CA GLY B 183 -1.31 29.50 6.23
C GLY B 183 -1.43 27.99 6.34
N ASP B 184 -2.31 27.39 5.52
CA ASP B 184 -2.65 25.95 5.57
C ASP B 184 -1.64 25.11 4.77
N GLY B 185 -0.59 25.73 4.22
CA GLY B 185 0.53 25.02 3.54
C GLY B 185 0.39 24.98 2.03
N THR B 186 -0.61 25.67 1.46
CA THR B 186 -0.91 25.67 0.00
C THR B 186 0.38 25.97 -0.79
N LEU B 187 1.07 27.04 -0.42
CA LEU B 187 2.26 27.54 -1.16
C LEU B 187 3.40 26.52 -1.07
N ILE B 188 3.73 26.06 0.14
CA ILE B 188 4.94 25.22 0.37
C ILE B 188 4.68 23.81 -0.18
N THR B 189 3.46 23.29 -0.10
CA THR B 189 3.11 21.95 -0.62
C THR B 189 3.25 21.95 -2.14
N ALA B 190 2.88 23.05 -2.82
CA ALA B 190 3.02 23.19 -4.28
C ALA B 190 4.51 23.14 -4.65
N ILE B 191 5.35 23.82 -3.86
CA ILE B 191 6.83 23.92 -4.08
C ILE B 191 7.46 22.54 -3.85
N LEU B 192 7.19 21.92 -2.69
CA LEU B 192 7.76 20.60 -2.31
C LEU B 192 7.38 19.53 -3.34
N ARG B 193 6.16 19.59 -3.88
CA ARG B 193 5.62 18.61 -4.85
C ARG B 193 6.51 18.59 -6.10
N ARG B 194 7.04 19.74 -6.51
CA ARG B 194 7.78 19.93 -7.80
C ARG B 194 9.30 19.85 -7.59
N HIS B 195 9.77 19.70 -6.35
CA HIS B 195 11.22 19.58 -5.99
C HIS B 195 11.39 18.47 -4.96
N PRO B 196 11.54 17.20 -5.40
CA PRO B 196 11.55 16.05 -4.49
C PRO B 196 12.58 16.09 -3.34
N ASP B 197 13.75 16.72 -3.55
CA ASP B 197 14.90 16.70 -2.62
C ASP B 197 14.79 17.85 -1.59
N LEU B 198 13.76 18.71 -1.71
CA LEU B 198 13.55 19.90 -0.85
C LEU B 198 12.79 19.52 0.42
N ARG B 199 13.21 20.02 1.58
CA ARG B 199 12.52 19.87 2.89
C ARG B 199 11.88 21.22 3.25
N GLY B 200 10.78 21.22 3.99
CA GLY B 200 9.97 22.42 4.26
C GLY B 200 9.51 22.53 5.69
N THR B 201 9.28 23.78 6.16
CA THR B 201 8.67 24.11 7.47
C THR B 201 7.61 25.21 7.25
N ILE B 202 6.40 25.00 7.77
CA ILE B 202 5.33 26.03 7.84
C ILE B 202 5.34 26.62 9.25
N PHE B 203 5.46 27.94 9.37
CA PHE B 203 5.40 28.69 10.64
C PHE B 203 4.11 29.50 10.66
N GLU B 204 3.22 29.24 11.63
CA GLU B 204 1.86 29.83 11.68
C GLU B 204 1.40 30.04 13.13
N THR B 205 0.26 30.70 13.30
CA THR B 205 -0.47 30.78 14.59
C THR B 205 -0.88 29.37 15.02
N PRO B 206 -1.10 29.10 16.33
CA PRO B 206 -1.52 27.78 16.77
C PRO B 206 -2.76 27.25 16.03
N GLU B 207 -3.74 28.11 15.73
CA GLU B 207 -5.05 27.72 15.14
C GLU B 207 -4.87 27.28 13.68
N ILE B 208 -4.10 28.06 12.92
CA ILE B 208 -3.91 27.85 11.45
C ILE B 208 -2.93 26.68 11.26
N ALA B 209 -1.96 26.51 12.16
CA ALA B 209 -0.98 25.39 12.16
C ALA B 209 -1.71 24.04 12.19
N GLU B 210 -2.78 23.91 12.98
CA GLU B 210 -3.62 22.69 12.99
C GLU B 210 -4.15 22.40 11.57
N ARG B 211 -4.51 23.43 10.81
CA ARG B 211 -5.05 23.29 9.43
C ARG B 211 -3.92 22.89 8.46
N ALA B 212 -2.73 23.45 8.62
CA ALA B 212 -1.55 23.12 7.79
C ALA B 212 -1.11 21.68 8.07
N ALA B 213 -1.22 21.24 9.33
CA ALA B 213 -0.96 19.82 9.71
C ALA B 213 -1.90 18.93 8.89
N GLU B 214 -3.21 19.20 8.89
CA GLU B 214 -4.24 18.46 8.11
C GLU B 214 -3.84 18.41 6.63
N ARG B 215 -3.46 19.54 6.04
CA ARG B 215 -3.22 19.66 4.57
C ARG B 215 -1.95 18.89 4.21
N VAL B 216 -0.90 19.01 5.02
CA VAL B 216 0.44 18.40 4.76
C VAL B 216 0.30 16.88 4.75
N ARG B 217 -0.51 16.30 5.65
CA ARG B 217 -0.67 14.83 5.76
C ARG B 217 -1.59 14.33 4.63
N ALA B 218 -2.65 15.07 4.29
CA ALA B 218 -3.54 14.77 3.14
C ALA B 218 -2.81 14.90 1.81
N ALA B 219 -1.63 15.55 1.77
CA ALA B 219 -0.79 15.70 0.55
C ALA B 219 0.33 14.66 0.53
N GLY B 220 0.44 13.83 1.58
CA GLY B 220 1.48 12.79 1.72
C GLY B 220 2.88 13.40 1.81
N LEU B 221 3.00 14.58 2.42
CA LEU B 221 4.28 15.34 2.50
C LEU B 221 4.76 15.43 3.96
N HIS B 222 4.10 14.74 4.90
CA HIS B 222 4.44 14.75 6.35
C HIS B 222 5.93 14.44 6.52
N ASP B 223 6.48 13.54 5.70
CA ASP B 223 7.86 13.01 5.83
C ASP B 223 8.91 14.05 5.41
N ARG B 224 8.54 15.15 4.74
CA ARG B 224 9.50 16.25 4.43
C ARG B 224 8.85 17.65 4.54
N CYS B 225 7.79 17.79 5.34
CA CYS B 225 7.23 19.11 5.71
C CYS B 225 6.76 19.09 7.18
N ALA B 226 7.43 19.88 8.02
CA ALA B 226 7.10 20.08 9.44
C ALA B 226 6.22 21.33 9.57
N VAL B 227 5.32 21.33 10.57
CA VAL B 227 4.45 22.47 10.94
C VAL B 227 4.83 22.92 12.36
N VAL B 228 5.07 24.21 12.53
CA VAL B 228 5.48 24.80 13.84
C VAL B 228 4.70 26.10 14.06
N SER B 229 4.24 26.35 15.29
CA SER B 229 3.44 27.54 15.68
C SER B 229 4.23 28.42 16.65
N GLY B 230 4.00 29.72 16.52
CA GLY B 230 4.68 30.81 17.24
C GLY B 230 4.20 32.15 16.70
N ASP B 231 4.94 33.19 17.03
CA ASP B 231 4.67 34.62 16.71
C ASP B 231 5.89 35.17 15.97
N PHE B 232 5.72 35.63 14.71
CA PHE B 232 6.86 36.14 13.90
C PHE B 232 7.33 37.52 14.43
N PHE B 233 6.67 38.09 15.44
CA PHE B 233 7.17 39.28 16.19
C PHE B 233 8.24 38.86 17.22
N ASP B 234 8.18 37.62 17.71
CA ASP B 234 9.19 37.03 18.65
C ASP B 234 10.36 36.46 17.84
N LEU B 235 10.08 35.60 16.86
CA LEU B 235 11.14 35.01 16.01
C LEU B 235 10.56 34.36 14.75
N VAL B 236 11.47 33.94 13.86
CA VAL B 236 11.21 33.01 12.74
C VAL B 236 12.16 31.84 12.96
N PRO B 237 11.68 30.58 12.89
CA PRO B 237 12.55 29.43 13.16
C PRO B 237 13.82 29.48 12.30
N GLY B 238 15.00 29.49 12.94
CA GLY B 238 16.30 29.59 12.25
C GLY B 238 16.65 28.30 11.52
N GLY B 239 17.76 28.32 10.78
CA GLY B 239 18.44 27.12 10.25
C GLY B 239 18.21 26.88 8.77
N ALA B 240 17.21 27.51 8.15
CA ALA B 240 16.74 27.19 6.78
C ALA B 240 17.51 28.02 5.75
N ASP B 241 17.62 27.51 4.52
CA ASP B 241 18.41 28.14 3.42
C ASP B 241 17.60 29.31 2.83
N LEU B 242 16.30 29.11 2.65
CA LEU B 242 15.37 30.06 1.98
C LEU B 242 14.11 30.23 2.84
N TYR B 243 13.67 31.47 3.01
CA TYR B 243 12.45 31.88 3.77
C TYR B 243 11.47 32.59 2.83
N LEU B 244 10.20 32.19 2.87
CA LEU B 244 9.09 32.82 2.11
C LEU B 244 8.23 33.63 3.10
N VAL B 245 7.78 34.82 2.68
CA VAL B 245 6.72 35.60 3.39
C VAL B 245 5.78 36.16 2.31
N LYS B 246 4.63 35.51 2.14
CA LYS B 246 3.62 35.79 1.08
C LYS B 246 2.36 36.39 1.69
N SER B 247 1.88 37.49 1.10
CA SER B 247 0.59 38.14 1.44
C SER B 247 0.50 38.37 2.95
N THR B 248 1.63 38.67 3.60
CA THR B 248 1.73 38.81 5.08
C THR B 248 2.12 40.24 5.44
N LEU B 249 3.18 40.78 4.87
CA LEU B 249 3.72 42.13 5.21
C LEU B 249 2.66 43.20 4.94
N HIS B 250 1.83 43.02 3.91
CA HIS B 250 0.78 44.00 3.54
C HIS B 250 -0.32 44.04 4.61
N ASN B 251 -0.36 43.05 5.53
CA ASN B 251 -1.36 42.97 6.64
C ASN B 251 -1.02 43.94 7.78
N TRP B 252 0.17 44.53 7.78
CA TRP B 252 0.74 45.26 8.95
C TRP B 252 1.14 46.68 8.55
N ASP B 253 1.10 47.62 9.51
CA ASP B 253 1.65 49.00 9.33
C ASP B 253 3.18 48.91 9.25
N ASP B 254 3.83 50.04 8.96
CA ASP B 254 5.29 50.12 8.67
C ASP B 254 6.09 49.66 9.90
N GLU B 255 5.69 50.04 11.12
CA GLU B 255 6.45 49.71 12.36
C GLU B 255 6.36 48.20 12.60
N HIS B 256 5.20 47.58 12.33
CA HIS B 256 5.01 46.12 12.52
C HIS B 256 5.80 45.34 11.46
N VAL B 257 5.87 45.83 10.22
CA VAL B 257 6.67 45.18 9.12
C VAL B 257 8.16 45.19 9.51
N VAL B 258 8.68 46.33 9.97
CA VAL B 258 10.11 46.45 10.40
C VAL B 258 10.42 45.35 11.43
N ARG B 259 9.53 45.12 12.40
CA ARG B 259 9.75 44.12 13.48
C ARG B 259 9.76 42.71 12.86
N ILE B 260 8.82 42.41 11.95
CA ILE B 260 8.73 41.10 11.25
C ILE B 260 10.00 40.87 10.43
N LEU B 261 10.48 41.90 9.71
CA LEU B 261 11.70 41.80 8.88
C LEU B 261 12.93 41.61 9.79
N SER B 262 12.92 42.20 11.00
CA SER B 262 14.00 42.03 12.02
C SER B 262 14.05 40.56 12.49
N SER B 263 12.89 39.93 12.74
CA SER B 263 12.79 38.48 13.04
C SER B 263 13.31 37.65 11.86
N CYS B 264 13.03 38.07 10.62
CA CYS B 264 13.54 37.40 9.39
C CYS B 264 15.06 37.58 9.32
N ARG B 265 15.56 38.80 9.55
CA ARG B 265 17.01 39.12 9.51
C ARG B 265 17.77 38.15 10.43
N THR B 266 17.34 38.02 11.69
CA THR B 266 17.93 37.12 12.70
C THR B 266 18.06 35.71 12.11
N ALA B 267 16.98 35.15 11.55
CA ALA B 267 16.91 33.77 11.01
C ALA B 267 17.81 33.60 9.78
N LEU B 268 17.94 34.62 8.92
CA LEU B 268 18.79 34.57 7.70
C LEU B 268 20.25 34.31 8.10
N ALA B 269 20.69 34.92 9.21
CA ALA B 269 22.08 34.89 9.72
C ALA B 269 23.04 35.23 8.58
N ASP B 270 23.88 34.29 8.16
CA ASP B 270 25.00 34.48 7.19
C ASP B 270 24.50 34.31 5.76
N ARG B 271 23.98 33.12 5.42
CA ARG B 271 23.74 32.68 4.02
C ARG B 271 22.25 32.50 3.71
N GLY B 272 21.35 32.89 4.61
CA GLY B 272 19.88 32.80 4.40
C GLY B 272 19.38 33.86 3.44
N ARG B 273 18.38 33.52 2.63
CA ARG B 273 17.73 34.43 1.66
C ARG B 273 16.24 34.54 2.01
N LEU B 274 15.63 35.71 1.81
CA LEU B 274 14.19 35.97 2.07
C LEU B 274 13.50 36.34 0.74
N LEU B 275 12.39 35.66 0.43
CA LEU B 275 11.52 35.94 -0.73
C LEU B 275 10.20 36.53 -0.23
N VAL B 276 10.08 37.86 -0.30
CA VAL B 276 8.82 38.61 -0.01
C VAL B 276 7.91 38.50 -1.24
N ILE B 277 6.77 37.84 -1.09
CA ILE B 277 5.79 37.57 -2.18
C ILE B 277 4.55 38.42 -1.88
N ASP B 278 4.40 39.53 -2.61
CA ASP B 278 3.39 40.59 -2.33
C ASP B 278 3.25 41.49 -3.56
N VAL B 279 2.17 42.26 -3.62
CA VAL B 279 2.03 43.38 -4.59
C VAL B 279 3.27 44.26 -4.46
N VAL B 280 3.87 44.64 -5.58
CA VAL B 280 4.77 45.82 -5.67
C VAL B 280 4.03 46.90 -6.45
N LEU B 281 3.56 47.93 -5.76
CA LEU B 281 2.84 49.09 -6.37
C LEU B 281 3.82 49.85 -7.28
N PRO B 282 3.41 50.26 -8.50
CA PRO B 282 4.22 51.19 -9.29
C PRO B 282 4.18 52.58 -8.63
N ASP B 283 5.08 53.47 -9.05
CA ASP B 283 5.18 54.85 -8.49
C ASP B 283 3.91 55.62 -8.86
N ARG B 284 3.35 55.35 -10.04
CA ARG B 284 2.11 56.00 -10.56
C ARG B 284 1.00 54.93 -10.71
N ALA B 285 -0.13 55.17 -10.06
CA ALA B 285 -1.32 54.28 -10.03
C ALA B 285 -2.02 54.26 -11.39
N GLU B 286 -2.16 53.09 -12.00
CA GLU B 286 -2.90 52.94 -13.29
C GLU B 286 -3.65 51.61 -13.31
N PRO B 287 -4.69 51.48 -14.17
CA PRO B 287 -5.41 50.22 -14.29
C PRO B 287 -4.45 49.02 -14.41
N ASP B 288 -4.91 47.85 -13.94
CA ASP B 288 -4.06 46.66 -13.68
C ASP B 288 -4.76 45.44 -14.27
N PRO B 289 -4.07 44.55 -14.99
CA PRO B 289 -4.70 43.31 -15.48
C PRO B 289 -4.84 42.20 -14.41
N ALA B 290 -4.31 42.41 -13.20
CA ALA B 290 -4.33 41.42 -12.09
C ALA B 290 -5.77 40.98 -11.80
N GLU B 291 -5.98 39.69 -11.47
CA GLU B 291 -7.30 39.11 -11.13
C GLU B 291 -7.91 39.84 -9.92
N LEU B 292 -7.08 40.39 -9.01
CA LEU B 292 -7.55 41.14 -7.81
C LEU B 292 -6.86 42.49 -7.76
N ASN B 293 -7.62 43.58 -7.89
CA ASN B 293 -7.07 44.94 -8.06
C ASN B 293 -6.17 45.27 -6.88
N PRO B 294 -4.90 45.66 -7.11
CA PRO B 294 -3.96 45.89 -6.01
C PRO B 294 -4.33 47.04 -5.05
N TYR B 295 -5.07 48.04 -5.54
CA TYR B 295 -5.50 49.23 -4.77
C TYR B 295 -6.74 48.89 -3.91
N VAL B 296 -7.62 48.04 -4.41
CA VAL B 296 -8.76 47.49 -3.59
C VAL B 296 -8.15 46.62 -2.48
N LYS B 297 -7.10 45.85 -2.79
CA LYS B 297 -6.31 45.10 -1.78
C LYS B 297 -5.78 46.07 -0.72
N ASP B 298 -5.21 47.20 -1.15
CA ASP B 298 -4.67 48.25 -0.26
C ASP B 298 -5.74 48.68 0.75
N LEU B 299 -6.95 48.96 0.27
CA LEU B 299 -8.04 49.54 1.09
C LEU B 299 -8.71 48.44 1.92
N GLN B 300 -8.62 47.17 1.49
CA GLN B 300 -9.03 46.00 2.32
C GLN B 300 -8.06 45.89 3.52
N MET B 301 -6.75 45.91 3.27
CA MET B 301 -5.71 45.87 4.34
C MET B 301 -5.95 47.01 5.34
N LEU B 302 -6.26 48.21 4.84
CA LEU B 302 -6.54 49.39 5.69
C LEU B 302 -7.70 49.06 6.62
N VAL B 303 -8.87 48.75 6.06
CA VAL B 303 -10.16 48.69 6.84
C VAL B 303 -10.16 47.43 7.72
N LEU B 304 -9.53 46.33 7.32
CA LEU B 304 -9.51 45.08 8.15
C LEU B 304 -8.40 45.13 9.21
N LEU B 305 -7.20 45.62 8.86
CA LEU B 305 -5.94 45.37 9.62
C LEU B 305 -5.11 46.64 9.88
N GLY B 306 -5.36 47.74 9.16
CA GLY B 306 -4.48 48.93 9.16
C GLY B 306 -3.19 48.71 8.38
N GLY B 307 -3.20 47.75 7.46
CA GLY B 307 -2.07 47.46 6.54
C GLY B 307 -2.16 48.29 5.28
N ARG B 308 -1.35 47.95 4.29
CA ARG B 308 -1.25 48.69 3.00
C ARG B 308 -0.38 47.90 2.02
N GLU B 309 -0.54 48.17 0.72
CA GLU B 309 0.39 47.69 -0.32
C GLU B 309 1.48 48.74 -0.46
N ARG B 310 2.67 48.33 -0.91
CA ARG B 310 3.86 49.21 -0.91
C ARG B 310 4.56 49.17 -2.28
N THR B 311 5.13 50.31 -2.67
CA THR B 311 6.07 50.43 -3.81
C THR B 311 7.37 49.71 -3.43
N ARG B 312 8.23 49.45 -4.42
CA ARG B 312 9.59 48.92 -4.19
C ARG B 312 10.41 49.88 -3.30
N ALA B 313 10.39 51.18 -3.60
CA ALA B 313 11.11 52.24 -2.85
C ALA B 313 10.68 52.23 -1.38
N HIS B 314 9.39 52.06 -1.12
CA HIS B 314 8.80 52.02 0.25
C HIS B 314 9.32 50.78 1.00
N LEU B 315 9.24 49.60 0.37
CA LEU B 315 9.72 48.33 1.00
C LEU B 315 11.22 48.41 1.29
N ASP B 316 12.00 49.03 0.39
CA ASP B 316 13.47 49.19 0.53
C ASP B 316 13.80 49.90 1.85
N ARG B 317 13.07 50.98 2.17
CA ARG B 317 13.25 51.81 3.38
C ARG B 317 12.97 50.99 4.64
N LEU B 318 11.91 50.16 4.62
CA LEU B 318 11.55 49.27 5.75
C LEU B 318 12.63 48.19 5.91
N CYS B 319 13.14 47.64 4.80
CA CYS B 319 14.23 46.62 4.77
C CYS B 319 15.49 47.20 5.43
N ALA B 320 15.87 48.42 5.07
CA ALA B 320 17.03 49.17 5.63
C ALA B 320 16.87 49.30 7.15
N ARG B 321 15.67 49.66 7.62
CA ARG B 321 15.36 49.86 9.06
C ARG B 321 15.46 48.53 9.81
N ALA B 322 15.40 47.39 9.11
CA ALA B 322 15.47 46.02 9.67
C ALA B 322 16.83 45.36 9.38
N GLY B 323 17.75 46.08 8.74
CA GLY B 323 19.10 45.60 8.40
C GLY B 323 19.08 44.69 7.18
N LEU B 324 18.22 44.96 6.21
CA LEU B 324 18.07 44.15 4.96
C LEU B 324 18.17 45.07 3.73
N VAL B 325 18.57 44.51 2.58
CA VAL B 325 18.56 45.21 1.26
C VAL B 325 17.85 44.35 0.22
N ILE B 326 17.01 44.97 -0.61
CA ILE B 326 16.35 44.31 -1.77
C ILE B 326 17.44 44.00 -2.81
N ASP B 327 17.61 42.73 -3.15
CA ASP B 327 18.62 42.26 -4.13
C ASP B 327 18.07 42.46 -5.54
N ARG B 328 16.81 42.10 -5.74
CA ARG B 328 16.09 42.23 -7.04
C ARG B 328 14.61 41.90 -6.86
N VAL B 329 13.81 42.24 -7.87
CA VAL B 329 12.35 41.93 -7.96
C VAL B 329 12.11 41.13 -9.25
N LEU B 330 11.54 39.94 -9.13
CA LEU B 330 11.16 39.04 -10.26
C LEU B 330 9.65 39.05 -10.44
N PRO B 331 9.14 39.04 -11.69
CA PRO B 331 7.71 39.14 -11.96
C PRO B 331 7.00 37.77 -11.90
N LEU B 332 5.71 37.78 -11.57
CA LEU B 332 4.78 36.65 -11.83
C LEU B 332 3.90 37.04 -13.01
N PRO B 333 3.19 36.10 -13.68
CA PRO B 333 2.30 36.45 -14.77
C PRO B 333 1.41 37.62 -14.34
N PRO B 334 1.08 38.56 -15.25
CA PRO B 334 0.38 39.79 -14.85
C PRO B 334 -0.97 39.52 -14.18
N HIS B 335 -1.62 38.39 -14.52
CA HIS B 335 -2.96 38.01 -13.98
C HIS B 335 -2.83 37.66 -12.48
N VAL B 336 -1.63 37.32 -11.99
CA VAL B 336 -1.43 36.93 -10.56
C VAL B 336 -1.44 38.21 -9.71
N GLY B 337 -0.70 39.23 -10.14
CA GLY B 337 -0.69 40.57 -9.51
C GLY B 337 0.27 40.67 -8.33
N LEU B 338 1.05 39.62 -8.07
CA LEU B 338 2.09 39.60 -7.01
C LEU B 338 3.47 39.56 -7.67
N SER B 339 4.50 40.09 -7.00
CA SER B 339 5.93 40.01 -7.41
C SER B 339 6.74 39.28 -6.34
N LEU B 340 7.92 38.77 -6.72
CA LEU B 340 8.90 38.11 -5.82
C LEU B 340 10.06 39.07 -5.59
N THR B 341 10.15 39.63 -4.38
CA THR B 341 11.23 40.54 -3.93
C THR B 341 12.26 39.75 -3.11
N GLU B 342 13.43 39.44 -3.70
CA GLU B 342 14.55 38.74 -3.01
C GLU B 342 15.22 39.73 -2.04
N VAL B 343 15.21 39.42 -0.75
CA VAL B 343 15.78 40.27 0.33
C VAL B 343 16.92 39.49 1.02
N VAL B 344 18.02 40.19 1.32
CA VAL B 344 19.24 39.60 1.93
C VAL B 344 19.75 40.55 3.02
N PRO B 345 20.63 40.06 3.92
CA PRO B 345 21.18 40.90 4.98
C PRO B 345 21.96 42.11 4.42
N ALA B 346 21.85 43.24 5.11
CA ALA B 346 22.61 44.49 4.83
C ALA B 346 23.97 44.40 5.51
N PRO B 347 25.08 44.75 4.81
CA PRO B 347 26.40 44.84 5.43
C PRO B 347 26.39 45.64 6.75
N ALA C 8 -1.98 8.35 1.94
CA ALA C 8 -2.03 6.94 1.39
C ALA C 8 -2.84 6.02 2.32
N GLY C 9 -2.71 6.17 3.64
CA GLY C 9 -3.31 5.29 4.67
C GLY C 9 -4.82 5.44 4.79
N ALA C 10 -5.35 6.67 4.76
CA ALA C 10 -6.79 6.99 4.93
C ALA C 10 -7.60 6.39 3.78
N ARG C 11 -7.11 6.55 2.55
CA ARG C 11 -7.74 6.03 1.31
C ARG C 11 -7.68 4.49 1.30
N SER C 12 -6.48 3.94 1.52
CA SER C 12 -6.19 2.47 1.57
C SER C 12 -7.17 1.75 2.50
N LEU C 13 -7.44 2.32 3.68
CA LEU C 13 -8.31 1.70 4.71
C LEU C 13 -9.74 1.59 4.17
N LEU C 14 -10.28 2.66 3.58
CA LEU C 14 -11.64 2.69 2.98
C LEU C 14 -11.73 1.66 1.84
N MET C 15 -10.71 1.57 0.99
CA MET C 15 -10.59 0.59 -0.12
C MET C 15 -10.60 -0.84 0.45
N GLN C 16 -9.94 -1.06 1.60
CA GLN C 16 -9.94 -2.37 2.33
C GLN C 16 -11.39 -2.71 2.71
N ARG C 17 -12.11 -1.78 3.33
CA ARG C 17 -13.50 -1.98 3.85
C ARG C 17 -14.47 -2.25 2.69
N LEU C 18 -14.33 -1.53 1.56
CA LEU C 18 -15.29 -1.57 0.43
C LEU C 18 -15.18 -2.91 -0.33
N PHE C 19 -13.99 -3.50 -0.39
CA PHE C 19 -13.70 -4.71 -1.24
C PHE C 19 -13.66 -5.99 -0.40
N GLY C 20 -14.17 -5.96 0.85
CA GLY C 20 -14.31 -7.10 1.75
C GLY C 20 -15.20 -8.21 1.20
N SER C 21 -16.37 -7.87 0.63
CA SER C 21 -17.37 -8.87 0.14
C SER C 21 -16.77 -9.74 -0.97
N ARG C 22 -15.88 -9.18 -1.79
CA ARG C 22 -15.21 -9.89 -2.92
C ARG C 22 -14.12 -10.83 -2.38
N VAL C 23 -13.31 -10.35 -1.43
CA VAL C 23 -12.34 -11.18 -0.66
C VAL C 23 -13.05 -12.41 -0.07
N THR C 24 -14.19 -12.20 0.61
CA THR C 24 -14.98 -13.27 1.26
C THR C 24 -15.37 -14.32 0.20
N GLU C 25 -15.82 -13.89 -0.98
CA GLU C 25 -16.28 -14.81 -2.06
C GLU C 25 -15.12 -15.69 -2.52
N VAL C 26 -13.91 -15.12 -2.58
CA VAL C 26 -12.66 -15.86 -2.91
C VAL C 26 -12.43 -16.92 -1.82
N LEU C 27 -12.49 -16.54 -0.54
CA LEU C 27 -12.32 -17.48 0.60
C LEU C 27 -13.44 -18.52 0.59
N ALA C 28 -14.70 -18.11 0.41
CA ALA C 28 -15.87 -19.00 0.39
C ALA C 28 -15.69 -20.08 -0.69
N ALA C 29 -15.17 -19.72 -1.88
CA ALA C 29 -14.87 -20.66 -3.00
C ALA C 29 -13.82 -21.68 -2.55
N MET C 30 -12.77 -21.22 -1.86
CA MET C 30 -11.67 -22.11 -1.37
C MET C 30 -12.27 -23.17 -0.42
N ALA C 31 -13.12 -22.75 0.52
CA ALA C 31 -13.74 -23.63 1.53
C ALA C 31 -14.71 -24.60 0.81
N ARG C 32 -15.64 -24.06 0.02
CA ARG C 32 -16.65 -24.85 -0.73
C ARG C 32 -15.98 -25.90 -1.64
N LEU C 33 -14.89 -25.54 -2.32
CA LEU C 33 -14.18 -26.44 -3.27
C LEU C 33 -13.23 -27.39 -2.52
N ASP C 34 -13.09 -27.23 -1.20
CA ASP C 34 -12.23 -28.05 -0.32
C ASP C 34 -10.80 -28.06 -0.87
N LEU C 35 -10.26 -26.89 -1.25
CA LEU C 35 -8.94 -26.78 -1.91
C LEU C 35 -7.81 -27.02 -0.89
N ALA C 36 -7.99 -26.63 0.37
CA ALA C 36 -6.99 -26.84 1.43
C ALA C 36 -6.69 -28.35 1.56
N ASP C 37 -7.72 -29.19 1.55
CA ASP C 37 -7.60 -30.66 1.70
C ASP C 37 -6.95 -31.25 0.45
N ALA C 38 -7.35 -30.77 -0.74
CA ALA C 38 -6.81 -31.23 -2.04
C ALA C 38 -5.30 -30.96 -2.09
N ILE C 39 -4.88 -29.76 -1.68
CA ILE C 39 -3.45 -29.35 -1.64
C ILE C 39 -2.74 -30.15 -0.52
N GLY C 40 -3.31 -30.15 0.69
CA GLY C 40 -2.78 -30.90 1.84
C GLY C 40 -1.47 -30.30 2.35
N ASP C 41 -0.47 -31.16 2.59
CA ASP C 41 0.81 -30.83 3.26
C ASP C 41 1.76 -30.12 2.29
N GLY C 42 1.85 -30.61 1.04
CA GLY C 42 2.95 -30.29 0.12
C GLY C 42 2.57 -29.32 -0.98
N ILE C 43 3.26 -29.43 -2.11
CA ILE C 43 3.11 -28.56 -3.31
C ILE C 43 2.21 -29.32 -4.30
N ALA C 44 1.07 -28.73 -4.67
CA ALA C 44 0.09 -29.30 -5.62
C ALA C 44 0.13 -28.52 -6.93
N ASP C 45 0.12 -29.24 -8.06
CA ASP C 45 0.06 -28.69 -9.44
C ASP C 45 -1.39 -28.32 -9.76
N VAL C 46 -1.60 -27.13 -10.33
CA VAL C 46 -2.96 -26.57 -10.63
C VAL C 46 -3.70 -27.50 -11.59
N HIS C 47 -2.99 -28.13 -12.55
CA HIS C 47 -3.57 -29.07 -13.54
C HIS C 47 -4.16 -30.29 -12.82
N ASP C 48 -3.49 -30.78 -11.76
CA ASP C 48 -3.99 -31.88 -10.89
C ASP C 48 -5.19 -31.40 -10.07
N LEU C 49 -5.13 -30.18 -9.52
CA LEU C 49 -6.21 -29.63 -8.67
C LEU C 49 -7.48 -29.41 -9.51
N ALA C 50 -7.30 -29.02 -10.77
CA ALA C 50 -8.40 -28.69 -11.73
C ALA C 50 -9.30 -29.90 -11.92
N ARG C 51 -8.72 -31.09 -12.10
CA ARG C 51 -9.46 -32.37 -12.26
C ARG C 51 -10.12 -32.75 -10.93
N SER C 52 -9.61 -32.29 -9.79
CA SER C 52 -10.09 -32.64 -8.42
C SER C 52 -11.43 -31.95 -8.09
N CYS C 53 -11.79 -30.87 -8.80
CA CYS C 53 -13.05 -30.09 -8.53
C CYS C 53 -13.65 -29.53 -9.82
N ASP C 54 -13.54 -30.27 -10.93
CA ASP C 54 -14.20 -30.02 -12.24
C ASP C 54 -14.16 -28.52 -12.58
N LEU C 55 -12.96 -27.92 -12.61
CA LEU C 55 -12.70 -26.54 -13.10
C LEU C 55 -11.61 -26.61 -14.17
N PRO C 56 -11.63 -25.74 -15.21
CA PRO C 56 -10.48 -25.61 -16.10
C PRO C 56 -9.26 -25.10 -15.31
N ALA C 57 -8.06 -25.35 -15.82
CA ALA C 57 -6.77 -24.95 -15.24
C ALA C 57 -6.70 -23.42 -15.14
N ASP C 58 -7.03 -22.70 -16.22
CA ASP C 58 -6.90 -21.21 -16.28
C ASP C 58 -7.72 -20.58 -15.14
N GLY C 59 -8.99 -20.97 -15.01
CA GLY C 59 -9.91 -20.44 -13.99
C GLY C 59 -9.44 -20.73 -12.59
N LEU C 60 -9.08 -21.98 -12.29
CA LEU C 60 -8.59 -22.40 -10.95
C LEU C 60 -7.25 -21.70 -10.65
N HIS C 61 -6.39 -21.54 -11.65
CA HIS C 61 -5.08 -20.82 -11.50
C HIS C 61 -5.33 -19.38 -11.04
N ARG C 62 -6.36 -18.71 -11.58
CA ARG C 62 -6.68 -17.29 -11.27
C ARG C 62 -7.21 -17.16 -9.84
N LEU C 63 -8.06 -18.10 -9.42
CA LEU C 63 -8.58 -18.19 -8.02
C LEU C 63 -7.42 -18.43 -7.05
N LEU C 64 -6.48 -19.30 -7.40
CA LEU C 64 -5.35 -19.69 -6.52
C LEU C 64 -4.35 -18.52 -6.44
N ARG C 65 -4.14 -17.80 -7.54
CA ARG C 65 -3.31 -16.56 -7.57
C ARG C 65 -3.89 -15.53 -6.59
N ALA C 66 -5.21 -15.40 -6.57
CA ALA C 66 -5.93 -14.46 -5.67
C ALA C 66 -5.73 -14.89 -4.21
N LEU C 67 -5.93 -16.17 -3.92
CA LEU C 67 -5.79 -16.76 -2.57
C LEU C 67 -4.35 -16.56 -2.08
N ALA C 68 -3.37 -16.69 -2.98
CA ALA C 68 -1.93 -16.41 -2.72
C ALA C 68 -1.71 -14.92 -2.41
N GLY C 69 -2.44 -14.03 -3.09
CA GLY C 69 -2.39 -12.58 -2.85
C GLY C 69 -3.06 -12.17 -1.54
N LEU C 70 -4.00 -13.00 -1.06
CA LEU C 70 -4.74 -12.76 0.21
C LEU C 70 -4.10 -13.52 1.37
N GLY C 71 -3.01 -14.27 1.12
CA GLY C 71 -2.13 -14.85 2.16
C GLY C 71 -2.51 -16.27 2.55
N MET C 72 -3.40 -16.91 1.78
CA MET C 72 -3.96 -18.26 2.08
C MET C 72 -3.10 -19.36 1.44
N CYS C 73 -2.41 -19.02 0.34
N CYS C 73 -2.35 -19.05 0.38
CA CYS C 73 -1.50 -19.92 -0.43
CA CYS C 73 -1.38 -20.00 -0.21
C CYS C 73 -0.19 -19.21 -0.77
C CYS C 73 -0.20 -19.22 -0.79
N GLU C 74 0.77 -19.95 -1.34
CA GLU C 74 2.06 -19.41 -1.84
C GLU C 74 2.31 -20.10 -3.18
N GLU C 75 2.56 -19.31 -4.22
CA GLU C 75 2.94 -19.82 -5.55
C GLU C 75 4.46 -20.00 -5.54
N SER C 76 4.91 -21.23 -5.27
CA SER C 76 6.34 -21.60 -5.15
C SER C 76 7.00 -21.54 -6.53
N GLU C 77 6.38 -22.17 -7.53
CA GLU C 77 6.71 -22.03 -8.99
C GLU C 77 5.42 -21.75 -9.74
N PRO C 78 5.47 -21.18 -10.97
CA PRO C 78 4.26 -20.93 -11.75
C PRO C 78 3.36 -22.18 -11.85
N GLY C 79 2.16 -22.10 -11.27
CA GLY C 79 1.11 -23.13 -11.37
C GLY C 79 1.22 -24.17 -10.25
N LYS C 80 2.17 -23.99 -9.33
CA LYS C 80 2.41 -24.90 -8.19
C LYS C 80 2.22 -24.12 -6.89
N PHE C 81 1.29 -24.58 -6.04
CA PHE C 81 0.81 -23.85 -4.85
C PHE C 81 0.91 -24.76 -3.63
N ALA C 82 1.26 -24.14 -2.50
CA ALA C 82 1.27 -24.75 -1.15
C ALA C 82 0.44 -23.86 -0.23
N LEU C 83 -0.06 -24.43 0.86
CA LEU C 83 -0.85 -23.68 1.87
C LEU C 83 0.13 -22.90 2.75
N THR C 84 -0.27 -21.69 3.15
CA THR C 84 0.32 -20.93 4.29
C THR C 84 -0.27 -21.49 5.58
N ALA C 85 0.25 -21.07 6.74
CA ALA C 85 -0.33 -21.38 8.07
C ALA C 85 -1.82 -21.01 8.07
N SER C 86 -2.21 -19.94 7.38
CA SER C 86 -3.61 -19.44 7.33
C SER C 86 -4.47 -20.41 6.51
N GLY C 87 -4.04 -20.71 5.28
CA GLY C 87 -4.73 -21.68 4.41
C GLY C 87 -4.85 -23.05 5.07
N ALA C 88 -3.86 -23.44 5.88
CA ALA C 88 -3.82 -24.75 6.57
C ALA C 88 -5.02 -24.91 7.51
N LEU C 89 -5.52 -23.80 8.10
CA LEU C 89 -6.64 -23.83 9.10
C LEU C 89 -7.97 -24.20 8.42
N LEU C 90 -8.05 -24.18 7.09
CA LEU C 90 -9.26 -24.62 6.33
C LEU C 90 -9.22 -26.13 6.06
N ARG C 91 -8.17 -26.83 6.50
CA ARG C 91 -8.14 -28.32 6.42
C ARG C 91 -9.09 -28.86 7.48
N LYS C 92 -9.96 -29.79 7.10
CA LYS C 92 -10.90 -30.50 8.00
C LYS C 92 -10.08 -31.20 9.10
N ASP C 93 -8.88 -31.68 8.75
CA ASP C 93 -8.04 -32.54 9.63
C ASP C 93 -7.10 -31.69 10.49
N HIS C 94 -7.15 -30.35 10.42
CA HIS C 94 -6.32 -29.48 11.29
C HIS C 94 -6.84 -29.59 12.72
N PRO C 95 -5.95 -29.79 13.72
CA PRO C 95 -6.40 -29.84 15.12
C PRO C 95 -7.16 -28.58 15.55
N GLU C 96 -6.83 -27.42 14.98
CA GLU C 96 -7.50 -26.11 15.25
C GLU C 96 -8.33 -25.68 14.04
N SER C 97 -8.87 -26.64 13.29
CA SER C 97 -9.65 -26.39 12.05
C SER C 97 -10.66 -25.25 12.26
N VAL C 98 -10.73 -24.29 11.34
CA VAL C 98 -11.86 -23.32 11.27
C VAL C 98 -12.66 -23.58 9.99
N TYR C 99 -12.56 -24.80 9.45
CA TYR C 99 -13.23 -25.20 8.19
C TYR C 99 -14.75 -25.00 8.33
N ASP C 100 -15.34 -25.63 9.34
CA ASP C 100 -16.81 -25.57 9.60
C ASP C 100 -17.22 -24.13 9.94
N PHE C 101 -16.32 -23.38 10.59
CA PHE C 101 -16.54 -21.94 10.91
C PHE C 101 -16.64 -21.18 9.60
N ALA C 102 -15.71 -21.41 8.66
CA ALA C 102 -15.66 -20.74 7.33
C ALA C 102 -16.93 -21.08 6.54
N ARG C 103 -17.31 -22.36 6.50
CA ARG C 103 -18.51 -22.81 5.73
C ARG C 103 -19.76 -22.18 6.36
N PHE C 104 -19.89 -22.18 7.69
CA PHE C 104 -21.13 -21.69 8.39
C PHE C 104 -21.33 -20.19 8.14
N HIS C 105 -20.25 -19.39 8.24
CA HIS C 105 -20.30 -17.91 8.13
C HIS C 105 -20.29 -17.45 6.66
N THR C 106 -20.12 -18.38 5.70
CA THR C 106 -20.26 -18.10 4.24
C THR C 106 -21.47 -18.85 3.66
N ALA C 107 -22.23 -19.56 4.50
CA ALA C 107 -23.49 -20.23 4.12
C ALA C 107 -24.59 -19.18 3.97
N PRO C 108 -25.59 -19.40 3.08
CA PRO C 108 -26.66 -18.43 2.86
C PRO C 108 -27.41 -18.10 4.16
N GLU C 109 -27.47 -19.04 5.10
CA GLU C 109 -28.23 -18.90 6.37
C GLU C 109 -27.66 -17.76 7.22
N THR C 110 -26.35 -17.46 7.13
CA THR C 110 -25.70 -16.40 7.92
C THR C 110 -25.39 -15.15 7.09
N THR C 111 -25.45 -15.22 5.74
CA THR C 111 -25.02 -14.14 4.81
C THR C 111 -26.23 -13.40 4.24
N ARG C 112 -27.30 -14.11 3.85
CA ARG C 112 -28.50 -13.50 3.22
C ARG C 112 -29.19 -12.51 4.15
N PRO C 113 -29.28 -12.76 5.48
CA PRO C 113 -29.82 -11.76 6.40
C PRO C 113 -29.05 -10.42 6.43
N TRP C 114 -27.76 -10.43 6.09
CA TRP C 114 -26.93 -9.19 6.00
C TRP C 114 -27.31 -8.36 4.77
N THR C 115 -27.94 -8.94 3.73
CA THR C 115 -28.39 -8.19 2.52
C THR C 115 -29.47 -7.18 2.93
N ASN C 116 -30.15 -7.42 4.04
CA ASN C 116 -31.23 -6.57 4.62
C ASN C 116 -30.77 -5.91 5.92
N LEU C 117 -29.47 -5.65 6.11
CA LEU C 117 -28.95 -5.02 7.35
C LEU C 117 -29.80 -3.79 7.69
N GLU C 118 -30.06 -2.93 6.69
CA GLU C 118 -30.85 -1.67 6.84
C GLU C 118 -32.19 -1.95 7.52
N GLN C 119 -32.95 -2.94 7.03
CA GLN C 119 -34.30 -3.28 7.54
C GLN C 119 -34.20 -3.76 9.00
N ALA C 120 -33.14 -4.49 9.35
CA ALA C 120 -32.89 -4.99 10.73
C ALA C 120 -32.68 -3.77 11.65
N LEU C 121 -31.91 -2.78 11.19
CA LEU C 121 -31.64 -1.52 11.93
C LEU C 121 -32.95 -0.75 12.11
N ARG C 122 -33.82 -0.73 11.10
CA ARG C 122 -35.12 -0.01 11.13
C ARG C 122 -36.10 -0.72 12.08
N THR C 123 -36.24 -2.04 11.97
CA THR C 123 -37.22 -2.86 12.74
C THR C 123 -36.68 -3.23 14.13
N GLY C 124 -35.34 -3.33 14.32
CA GLY C 124 -34.72 -3.91 15.52
C GLY C 124 -34.93 -5.42 15.61
N ARG C 125 -35.52 -6.05 14.58
CA ARG C 125 -35.87 -7.50 14.57
C ARG C 125 -35.01 -8.20 13.51
N PRO C 126 -34.72 -9.51 13.68
CA PRO C 126 -33.85 -10.23 12.75
C PRO C 126 -34.51 -10.39 11.38
N THR C 127 -33.69 -10.39 10.32
CA THR C 127 -34.13 -10.59 8.91
C THR C 127 -34.09 -12.08 8.56
N PHE C 128 -33.39 -12.91 9.35
CA PHE C 128 -33.29 -14.37 9.12
C PHE C 128 -34.68 -14.99 8.93
N ASP C 129 -35.60 -14.70 9.87
CA ASP C 129 -36.95 -15.34 9.97
C ASP C 129 -37.69 -15.23 8.65
N GLU C 130 -37.73 -14.05 8.04
CA GLU C 130 -38.53 -13.79 6.80
C GLU C 130 -37.89 -14.52 5.61
N HIS C 131 -36.56 -14.71 5.61
CA HIS C 131 -35.79 -15.36 4.52
C HIS C 131 -35.95 -16.88 4.54
N PHE C 132 -36.15 -17.50 5.71
CA PHE C 132 -36.03 -18.97 5.91
C PHE C 132 -37.27 -19.59 6.58
N GLY C 133 -38.18 -18.76 7.13
CA GLY C 133 -39.51 -19.19 7.58
C GLY C 133 -39.62 -19.43 9.08
N SER C 134 -38.56 -19.20 9.86
CA SER C 134 -38.59 -19.42 11.34
C SER C 134 -37.38 -18.76 12.02
N PRO C 135 -37.43 -18.55 13.36
CA PRO C 135 -36.25 -18.13 14.12
C PRO C 135 -35.10 -19.12 13.97
N LEU C 136 -33.86 -18.63 14.05
CA LEU C 136 -32.63 -19.39 13.68
C LEU C 136 -32.56 -20.75 14.41
N TYR C 137 -32.87 -20.81 15.71
CA TYR C 137 -32.65 -22.01 16.55
C TYR C 137 -33.71 -23.07 16.21
N GLU C 138 -34.94 -22.66 15.92
CA GLU C 138 -36.01 -23.58 15.46
C GLU C 138 -35.59 -24.18 14.10
N TYR C 139 -35.10 -23.35 13.19
CA TYR C 139 -34.61 -23.78 11.85
C TYR C 139 -33.49 -24.81 12.01
N MET C 140 -32.49 -24.50 12.85
CA MET C 140 -31.30 -25.36 13.06
C MET C 140 -31.71 -26.69 13.72
N ALA C 141 -32.62 -26.65 14.69
CA ALA C 141 -33.22 -27.86 15.34
C ALA C 141 -33.85 -28.77 14.27
N GLY C 142 -34.33 -28.20 13.16
CA GLY C 142 -35.00 -28.94 12.08
C GLY C 142 -34.08 -29.28 10.91
N HIS C 143 -32.80 -28.87 10.95
CA HIS C 143 -31.80 -29.05 9.86
C HIS C 143 -30.52 -29.66 10.44
N PRO C 144 -30.48 -31.00 10.62
CA PRO C 144 -29.36 -31.68 11.28
C PRO C 144 -27.96 -31.35 10.74
N GLU C 145 -27.81 -31.23 9.41
CA GLU C 145 -26.52 -30.93 8.74
C GLU C 145 -26.03 -29.55 9.19
N LEU C 146 -26.92 -28.56 9.20
CA LEU C 146 -26.56 -27.18 9.62
C LEU C 146 -26.29 -27.14 11.13
N SER C 147 -27.04 -27.89 11.94
CA SER C 147 -26.86 -27.92 13.43
C SER C 147 -25.47 -28.47 13.77
N ALA C 148 -25.04 -29.52 13.07
CA ALA C 148 -23.71 -30.14 13.22
C ALA C 148 -22.65 -29.15 12.72
N ARG C 149 -22.94 -28.43 11.64
CA ARG C 149 -22.04 -27.39 11.08
C ARG C 149 -21.87 -26.29 12.13
N PHE C 150 -22.99 -25.84 12.69
CA PHE C 150 -23.04 -24.79 13.76
C PHE C 150 -22.18 -25.21 14.96
N ALA C 151 -22.30 -26.47 15.39
CA ALA C 151 -21.60 -26.98 16.59
C ALA C 151 -20.08 -26.91 16.36
N ALA C 152 -19.61 -27.36 15.20
CA ALA C 152 -18.17 -27.33 14.81
C ALA C 152 -17.71 -25.90 14.53
N ALA C 153 -18.61 -25.00 14.16
CA ALA C 153 -18.31 -23.56 13.92
C ALA C 153 -18.05 -22.86 15.26
N MET C 154 -18.95 -23.03 16.23
CA MET C 154 -18.76 -22.45 17.58
C MET C 154 -17.50 -23.04 18.23
N ARG C 155 -17.18 -24.32 17.98
CA ARG C 155 -15.91 -24.94 18.44
C ARG C 155 -14.73 -24.16 17.86
N GLY C 156 -14.66 -24.03 16.52
CA GLY C 156 -13.63 -23.24 15.83
C GLY C 156 -13.46 -21.85 16.45
N GLU C 157 -14.55 -21.11 16.68
CA GLU C 157 -14.49 -19.73 17.24
C GLU C 157 -13.96 -19.77 18.68
N SER C 158 -14.38 -20.76 19.46
CA SER C 158 -14.19 -20.78 20.94
C SER C 158 -12.79 -21.26 21.31
N LEU C 159 -12.04 -21.85 20.38
CA LEU C 159 -10.66 -22.39 20.61
C LEU C 159 -9.76 -21.30 21.21
N ALA C 160 -9.87 -20.06 20.71
CA ALA C 160 -9.10 -18.88 21.17
C ALA C 160 -9.36 -18.68 22.68
N THR C 161 -10.63 -18.73 23.09
CA THR C 161 -11.08 -18.55 24.51
C THR C 161 -10.72 -19.78 25.36
N ALA C 162 -10.97 -20.99 24.85
CA ALA C 162 -10.72 -22.28 25.53
C ALA C 162 -9.25 -22.39 25.93
N ASP C 163 -8.33 -22.08 25.01
CA ASP C 163 -6.86 -22.20 25.18
C ASP C 163 -6.36 -21.24 26.28
N THR C 164 -7.05 -20.13 26.54
CA THR C 164 -6.56 -19.03 27.41
C THR C 164 -7.31 -18.98 28.75
N ILE C 165 -8.56 -19.44 28.84
CA ILE C 165 -9.44 -19.14 30.00
C ILE C 165 -8.82 -19.64 31.32
N ALA C 166 -8.14 -20.80 31.31
CA ALA C 166 -7.51 -21.44 32.50
C ALA C 166 -6.41 -20.54 33.10
N GLU C 167 -5.64 -19.85 32.26
CA GLU C 167 -4.53 -18.96 32.69
C GLU C 167 -5.11 -17.66 33.29
N HIS C 168 -6.31 -17.23 32.89
CA HIS C 168 -6.88 -15.89 33.17
C HIS C 168 -8.10 -15.95 34.12
N TYR C 169 -8.50 -17.14 34.58
CA TYR C 169 -9.50 -17.35 35.66
C TYR C 169 -9.04 -18.49 36.58
N ASP C 170 -9.31 -18.31 37.88
CA ASP C 170 -8.96 -19.27 38.96
C ASP C 170 -10.15 -20.20 39.18
N PHE C 171 -10.04 -21.47 38.78
CA PHE C 171 -11.12 -22.49 38.90
C PHE C 171 -10.94 -23.37 40.15
N SER C 172 -9.82 -23.24 40.86
CA SER C 172 -9.42 -24.09 42.01
C SER C 172 -10.47 -24.10 43.12
N PRO C 173 -11.17 -22.99 43.44
CA PRO C 173 -12.13 -22.96 44.55
C PRO C 173 -13.41 -23.79 44.38
N TYR C 174 -13.66 -24.31 43.16
CA TYR C 174 -14.96 -24.93 42.75
C TYR C 174 -14.79 -26.45 42.58
N ARG C 175 -15.84 -27.19 42.92
CA ARG C 175 -15.88 -28.67 42.82
C ARG C 175 -16.67 -29.06 41.56
N THR C 176 -17.76 -28.35 41.28
CA THR C 176 -18.64 -28.59 40.11
C THR C 176 -18.80 -27.31 39.26
N VAL C 177 -18.85 -27.48 37.94
CA VAL C 177 -19.13 -26.38 36.98
C VAL C 177 -20.19 -26.86 35.98
N THR C 178 -21.22 -26.05 35.74
CA THR C 178 -22.25 -26.28 34.68
C THR C 178 -22.10 -25.23 33.58
N ASP C 179 -21.93 -25.66 32.31
CA ASP C 179 -21.82 -24.76 31.13
C ASP C 179 -23.22 -24.66 30.49
N VAL C 180 -23.90 -23.54 30.71
CA VAL C 180 -25.29 -23.26 30.22
C VAL C 180 -25.17 -22.77 28.78
N GLY C 181 -25.66 -23.55 27.82
CA GLY C 181 -25.47 -23.33 26.37
C GLY C 181 -24.04 -23.60 25.97
N GLY C 182 -23.45 -24.66 26.54
CA GLY C 182 -22.01 -25.00 26.46
C GLY C 182 -21.60 -25.60 25.12
N GLY C 183 -22.51 -25.69 24.14
CA GLY C 183 -22.19 -26.15 22.78
C GLY C 183 -21.76 -27.61 22.78
N ASP C 184 -20.74 -27.95 21.98
CA ASP C 184 -20.20 -29.34 21.88
C ASP C 184 -19.22 -29.61 23.02
N GLY C 185 -19.12 -28.73 24.03
CA GLY C 185 -18.29 -28.91 25.22
C GLY C 185 -16.83 -28.52 25.00
N THR C 186 -16.54 -27.73 23.98
CA THR C 186 -15.17 -27.23 23.66
C THR C 186 -14.59 -26.46 24.86
N LEU C 187 -15.39 -25.58 25.46
CA LEU C 187 -14.97 -24.75 26.63
C LEU C 187 -14.76 -25.65 27.84
N ILE C 188 -15.78 -26.40 28.27
CA ILE C 188 -15.72 -27.13 29.57
C ILE C 188 -14.62 -28.20 29.52
N THR C 189 -14.39 -28.86 28.38
CA THR C 189 -13.38 -29.95 28.26
C THR C 189 -11.97 -29.37 28.44
N ALA C 190 -11.70 -28.20 27.85
CA ALA C 190 -10.44 -27.46 28.04
C ALA C 190 -10.24 -27.19 29.53
N ILE C 191 -11.28 -26.71 30.23
CA ILE C 191 -11.23 -26.36 31.69
C ILE C 191 -11.01 -27.64 32.50
N LEU C 192 -11.70 -28.73 32.18
CA LEU C 192 -11.63 -30.01 32.94
C LEU C 192 -10.25 -30.67 32.74
N ARG C 193 -9.63 -30.53 31.55
CA ARG C 193 -8.32 -31.14 31.23
C ARG C 193 -7.21 -30.51 32.08
N ARG C 194 -7.36 -29.24 32.49
CA ARG C 194 -6.34 -28.48 33.27
C ARG C 194 -6.63 -28.55 34.77
N HIS C 195 -7.85 -28.96 35.18
CA HIS C 195 -8.29 -29.04 36.60
C HIS C 195 -8.84 -30.45 36.87
N PRO C 196 -7.97 -31.45 37.13
CA PRO C 196 -8.38 -32.87 37.17
C PRO C 196 -9.36 -33.27 38.28
N ASP C 197 -9.47 -32.46 39.33
CA ASP C 197 -10.36 -32.72 40.49
C ASP C 197 -11.76 -32.16 40.19
N LEU C 198 -11.88 -31.31 39.16
CA LEU C 198 -13.14 -30.60 38.81
C LEU C 198 -14.09 -31.55 38.07
N ARG C 199 -15.38 -31.52 38.44
CA ARG C 199 -16.49 -32.22 37.72
C ARG C 199 -17.32 -31.20 36.94
N GLY C 200 -17.88 -31.61 35.80
CA GLY C 200 -18.55 -30.72 34.85
C GLY C 200 -19.92 -31.22 34.43
N THR C 201 -20.78 -30.30 33.99
CA THR C 201 -22.04 -30.59 33.26
C THR C 201 -22.15 -29.66 32.05
N ILE C 202 -22.57 -30.20 30.90
CA ILE C 202 -23.00 -29.40 29.72
C ILE C 202 -24.52 -29.45 29.66
N PHE C 203 -25.15 -28.28 29.64
CA PHE C 203 -26.61 -28.07 29.47
C PHE C 203 -26.84 -27.51 28.06
N GLU C 204 -27.49 -28.27 27.17
CA GLU C 204 -27.68 -27.87 25.75
C GLU C 204 -29.04 -28.32 25.20
N THR C 205 -29.39 -27.86 24.01
CA THR C 205 -30.57 -28.32 23.22
C THR C 205 -30.37 -29.80 22.94
N PRO C 206 -31.46 -30.56 22.64
CA PRO C 206 -31.32 -31.97 22.28
C PRO C 206 -30.27 -32.21 21.19
N GLU C 207 -30.26 -31.37 20.14
CA GLU C 207 -29.44 -31.60 18.92
C GLU C 207 -27.96 -31.35 19.25
N ILE C 208 -27.64 -30.30 20.00
CA ILE C 208 -26.22 -29.92 20.27
C ILE C 208 -25.65 -30.86 21.36
N ALA C 209 -26.48 -31.35 22.28
CA ALA C 209 -26.08 -32.25 23.38
C ALA C 209 -25.50 -33.57 22.84
N GLU C 210 -26.00 -34.08 21.70
CA GLU C 210 -25.48 -35.33 21.08
C GLU C 210 -24.06 -35.09 20.56
N ARG C 211 -23.74 -33.87 20.13
CA ARG C 211 -22.37 -33.47 19.68
C ARG C 211 -21.47 -33.40 20.92
N ALA C 212 -21.97 -32.84 22.02
CA ALA C 212 -21.25 -32.69 23.30
C ALA C 212 -20.88 -34.07 23.85
N ALA C 213 -21.82 -35.03 23.79
CA ALA C 213 -21.64 -36.41 24.30
C ALA C 213 -20.41 -37.04 23.64
N GLU C 214 -20.28 -36.92 22.31
CA GLU C 214 -19.20 -37.60 21.55
C GLU C 214 -17.89 -36.85 21.76
N ARG C 215 -17.92 -35.53 21.98
CA ARG C 215 -16.71 -34.73 22.31
C ARG C 215 -16.18 -35.12 23.70
N VAL C 216 -17.05 -35.17 24.71
CA VAL C 216 -16.72 -35.60 26.11
C VAL C 216 -16.05 -36.99 26.05
N ARG C 217 -16.63 -37.94 25.31
CA ARG C 217 -16.07 -39.31 25.12
C ARG C 217 -14.69 -39.23 24.48
N ALA C 218 -14.55 -38.50 23.37
CA ALA C 218 -13.29 -38.39 22.59
C ALA C 218 -12.21 -37.67 23.43
N ALA C 219 -12.61 -36.81 24.36
CA ALA C 219 -11.69 -36.07 25.27
C ALA C 219 -11.30 -36.96 26.46
N GLY C 220 -11.98 -38.10 26.65
CA GLY C 220 -11.74 -39.07 27.75
C GLY C 220 -12.23 -38.53 29.07
N LEU C 221 -13.31 -37.75 29.05
CA LEU C 221 -13.88 -37.03 30.23
C LEU C 221 -15.25 -37.62 30.58
N HIS C 222 -15.57 -38.80 30.05
CA HIS C 222 -16.86 -39.51 30.26
C HIS C 222 -17.16 -39.66 31.75
N ASP C 223 -16.12 -39.89 32.57
CA ASP C 223 -16.25 -40.14 34.03
C ASP C 223 -16.30 -38.83 34.83
N ARG C 224 -16.11 -37.66 34.20
CA ARG C 224 -16.01 -36.36 34.93
C ARG C 224 -16.91 -35.27 34.32
N CYS C 225 -17.57 -35.51 33.19
CA CYS C 225 -18.46 -34.50 32.54
C CYS C 225 -19.78 -35.13 32.10
N ALA C 226 -20.86 -34.72 32.76
CA ALA C 226 -22.26 -35.06 32.40
C ALA C 226 -22.71 -34.19 31.23
N VAL C 227 -23.57 -34.75 30.37
CA VAL C 227 -24.17 -34.05 29.20
C VAL C 227 -25.70 -34.22 29.28
N VAL C 228 -26.42 -33.12 29.48
CA VAL C 228 -27.91 -33.13 29.58
C VAL C 228 -28.50 -32.09 28.65
N SER C 229 -29.68 -32.39 28.09
CA SER C 229 -30.48 -31.43 27.27
C SER C 229 -31.61 -30.85 28.11
N GLY C 230 -31.96 -29.61 27.82
CA GLY C 230 -33.05 -28.86 28.46
C GLY C 230 -33.12 -27.48 27.87
N ASP C 231 -33.93 -26.61 28.46
CA ASP C 231 -34.27 -25.26 27.96
C ASP C 231 -33.95 -24.28 29.07
N PHE C 232 -33.03 -23.32 28.85
CA PHE C 232 -32.60 -22.37 29.90
C PHE C 232 -33.66 -21.29 30.10
N PHE C 233 -34.76 -21.34 29.35
CA PHE C 233 -35.98 -20.53 29.62
C PHE C 233 -36.87 -21.27 30.63
N ASP C 234 -36.59 -22.55 30.87
CA ASP C 234 -37.06 -23.32 32.06
C ASP C 234 -36.00 -23.12 33.16
N LEU C 235 -36.01 -23.95 34.20
CA LEU C 235 -35.04 -23.84 35.32
C LEU C 235 -33.73 -24.55 34.94
N VAL C 236 -32.60 -23.90 35.16
CA VAL C 236 -31.23 -24.48 35.05
C VAL C 236 -31.02 -25.37 36.28
N PRO C 237 -30.56 -26.63 36.11
CA PRO C 237 -30.35 -27.55 37.25
C PRO C 237 -29.42 -26.93 38.30
N GLY C 238 -29.85 -26.99 39.57
CA GLY C 238 -29.19 -26.32 40.71
C GLY C 238 -28.11 -27.17 41.35
N GLY C 239 -27.31 -26.56 42.23
CA GLY C 239 -26.36 -27.25 43.13
C GLY C 239 -24.92 -27.18 42.66
N ALA C 240 -24.63 -26.61 41.48
CA ALA C 240 -23.24 -26.41 41.01
C ALA C 240 -22.66 -25.19 41.73
N ASP C 241 -21.34 -25.14 41.89
CA ASP C 241 -20.59 -24.02 42.54
C ASP C 241 -20.31 -22.92 41.52
N LEU C 242 -20.12 -23.27 40.24
CA LEU C 242 -19.82 -22.31 39.15
C LEU C 242 -20.70 -22.62 37.94
N TYR C 243 -21.33 -21.59 37.39
CA TYR C 243 -22.09 -21.65 36.11
C TYR C 243 -21.39 -20.76 35.09
N LEU C 244 -21.09 -21.33 33.92
CA LEU C 244 -20.56 -20.63 32.71
C LEU C 244 -21.72 -20.37 31.75
N VAL C 245 -21.70 -19.22 31.10
CA VAL C 245 -22.61 -18.86 29.97
C VAL C 245 -21.76 -18.04 29.01
N LYS C 246 -21.30 -18.69 27.93
CA LYS C 246 -20.38 -18.10 26.92
C LYS C 246 -21.12 -17.92 25.59
N SER C 247 -20.97 -16.73 25.00
CA SER C 247 -21.43 -16.38 23.63
C SER C 247 -22.90 -16.75 23.47
N THR C 248 -23.67 -16.57 24.55
CA THR C 248 -25.09 -16.99 24.66
C THR C 248 -25.98 -15.78 24.90
N LEU C 249 -25.72 -14.95 25.92
CA LEU C 249 -26.56 -13.75 26.26
C LEU C 249 -26.66 -12.80 25.05
N HIS C 250 -25.60 -12.66 24.26
CA HIS C 250 -25.59 -11.76 23.06
C HIS C 250 -26.51 -12.28 21.94
N ASN C 251 -26.95 -13.55 22.00
CA ASN C 251 -27.90 -14.16 21.03
C ASN C 251 -29.34 -13.68 21.25
N TRP C 252 -29.61 -13.00 22.38
CA TRP C 252 -30.99 -12.73 22.87
C TRP C 252 -31.19 -11.22 23.14
N ASP C 253 -32.42 -10.74 22.94
CA ASP C 253 -32.82 -9.35 23.29
C ASP C 253 -32.83 -9.23 24.82
N ASP C 254 -33.09 -8.03 25.34
CA ASP C 254 -32.98 -7.71 26.78
C ASP C 254 -33.99 -8.52 27.60
N GLU C 255 -35.24 -8.66 27.14
CA GLU C 255 -36.35 -9.32 27.90
C GLU C 255 -35.99 -10.80 28.09
N HIS C 256 -35.40 -11.42 27.07
CA HIS C 256 -35.03 -12.85 27.06
C HIS C 256 -33.78 -13.04 27.92
N VAL C 257 -32.84 -12.10 27.89
CA VAL C 257 -31.60 -12.19 28.72
C VAL C 257 -32.02 -12.15 30.20
N VAL C 258 -32.98 -11.30 30.56
CA VAL C 258 -33.48 -11.20 31.96
C VAL C 258 -34.00 -12.58 32.40
N ARG C 259 -34.81 -13.25 31.58
CA ARG C 259 -35.41 -14.58 31.87
C ARG C 259 -34.30 -15.62 32.07
N ILE C 260 -33.28 -15.64 31.21
CA ILE C 260 -32.12 -16.57 31.32
C ILE C 260 -31.38 -16.31 32.64
N LEU C 261 -30.99 -15.05 32.89
CA LEU C 261 -30.30 -14.62 34.13
C LEU C 261 -31.16 -14.98 35.35
N SER C 262 -32.49 -14.86 35.24
CA SER C 262 -33.45 -15.19 36.32
C SER C 262 -33.33 -16.69 36.68
N SER C 263 -33.36 -17.56 35.67
CA SER C 263 -33.17 -19.03 35.78
C SER C 263 -31.81 -19.34 36.41
N CYS C 264 -30.75 -18.63 36.00
CA CYS C 264 -29.38 -18.77 36.56
C CYS C 264 -29.38 -18.36 38.05
N ARG C 265 -30.17 -17.35 38.42
CA ARG C 265 -30.23 -16.81 39.80
C ARG C 265 -30.77 -17.90 40.75
N THR C 266 -31.86 -18.57 40.36
CA THR C 266 -32.49 -19.67 41.12
C THR C 266 -31.44 -20.78 41.35
N ALA C 267 -30.61 -21.07 40.35
CA ALA C 267 -29.61 -22.15 40.36
C ALA C 267 -28.41 -21.80 41.25
N LEU C 268 -28.01 -20.52 41.32
CA LEU C 268 -26.87 -20.06 42.17
C LEU C 268 -27.25 -20.23 43.64
N ALA C 269 -28.54 -20.05 43.98
CA ALA C 269 -29.09 -20.05 45.35
C ALA C 269 -28.21 -19.16 46.25
N ASP C 270 -27.55 -19.73 47.27
CA ASP C 270 -26.67 -18.98 48.21
C ASP C 270 -25.26 -18.87 47.62
N ARG C 271 -24.59 -20.00 47.39
CA ARG C 271 -23.11 -20.08 47.24
C ARG C 271 -22.66 -19.99 45.77
N GLY C 272 -23.52 -20.38 44.82
CA GLY C 272 -23.19 -20.40 43.38
C GLY C 272 -22.73 -19.05 42.84
N ARG C 273 -21.80 -19.07 41.87
CA ARG C 273 -21.34 -17.88 41.09
C ARG C 273 -21.62 -18.12 39.61
N LEU C 274 -21.98 -17.04 38.88
CA LEU C 274 -22.19 -17.06 37.40
C LEU C 274 -21.03 -16.34 36.72
N LEU C 275 -20.45 -16.93 35.67
CA LEU C 275 -19.35 -16.32 34.87
C LEU C 275 -19.86 -16.10 33.45
N VAL C 276 -20.23 -14.85 33.12
CA VAL C 276 -20.71 -14.43 31.77
C VAL C 276 -19.48 -14.21 30.89
N ILE C 277 -19.25 -15.09 29.93
CA ILE C 277 -18.10 -15.00 28.97
C ILE C 277 -18.67 -14.45 27.65
N ASP C 278 -18.40 -13.17 27.38
CA ASP C 278 -18.99 -12.39 26.27
C ASP C 278 -18.18 -11.10 26.08
N VAL C 279 -18.30 -10.49 24.90
CA VAL C 279 -17.84 -9.09 24.63
C VAL C 279 -18.43 -8.17 25.70
N VAL C 280 -17.57 -7.33 26.29
CA VAL C 280 -17.99 -6.13 27.06
C VAL C 280 -17.62 -4.92 26.20
N LEU C 281 -18.62 -4.28 25.58
CA LEU C 281 -18.40 -3.06 24.74
C LEU C 281 -17.95 -1.92 25.64
N PRO C 282 -16.99 -1.09 25.19
CA PRO C 282 -16.70 0.18 25.87
C PRO C 282 -17.86 1.15 25.61
N ASP C 283 -18.01 2.17 26.44
CA ASP C 283 -19.06 3.23 26.31
C ASP C 283 -18.81 4.01 25.00
N ARG C 284 -17.55 4.27 24.66
CA ARG C 284 -17.13 4.94 23.40
C ARG C 284 -16.52 3.88 22.46
N ALA C 285 -17.09 3.73 21.26
CA ALA C 285 -16.68 2.71 20.26
C ALA C 285 -15.42 3.17 19.54
N GLU C 286 -14.43 2.29 19.39
CA GLU C 286 -13.15 2.60 18.68
C GLU C 286 -12.62 1.31 18.05
N PRO C 287 -11.60 1.37 17.17
CA PRO C 287 -10.96 0.16 16.64
C PRO C 287 -10.51 -0.78 17.77
N ASP C 288 -10.54 -2.09 17.51
CA ASP C 288 -10.36 -3.16 18.51
C ASP C 288 -9.39 -4.20 17.97
N PRO C 289 -8.39 -4.66 18.74
CA PRO C 289 -7.42 -5.65 18.24
C PRO C 289 -7.90 -7.11 18.18
N ALA C 290 -9.19 -7.38 18.44
CA ALA C 290 -9.76 -8.76 18.50
C ALA C 290 -9.76 -9.39 17.11
N GLU C 291 -9.62 -10.70 17.05
CA GLU C 291 -9.58 -11.47 15.77
C GLU C 291 -10.93 -11.34 15.05
N LEU C 292 -12.02 -11.11 15.80
CA LEU C 292 -13.41 -10.94 15.27
C LEU C 292 -13.96 -9.63 15.84
N ASN C 293 -14.38 -8.71 14.97
CA ASN C 293 -14.78 -7.33 15.34
C ASN C 293 -16.00 -7.37 16.24
N PRO C 294 -15.97 -6.82 17.48
CA PRO C 294 -17.13 -6.89 18.37
C PRO C 294 -18.39 -6.19 17.85
N TYR C 295 -18.27 -5.15 17.01
CA TYR C 295 -19.43 -4.39 16.46
C TYR C 295 -20.04 -5.15 15.27
N VAL C 296 -19.21 -5.81 14.47
CA VAL C 296 -19.67 -6.79 13.45
C VAL C 296 -20.40 -7.93 14.14
N LYS C 297 -19.92 -8.38 15.30
CA LYS C 297 -20.63 -9.41 16.12
C LYS C 297 -22.01 -8.87 16.50
N ASP C 298 -22.06 -7.62 16.98
CA ASP C 298 -23.31 -6.95 17.39
C ASP C 298 -24.35 -7.05 16.25
N LEU C 299 -23.94 -6.70 15.03
CA LEU C 299 -24.86 -6.59 13.87
C LEU C 299 -25.24 -7.99 13.37
N GLN C 300 -24.31 -8.95 13.44
CA GLN C 300 -24.61 -10.38 13.17
C GLN C 300 -25.73 -10.86 14.10
N MET C 301 -25.59 -10.60 15.40
CA MET C 301 -26.59 -10.99 16.43
C MET C 301 -27.95 -10.35 16.11
N LEU C 302 -27.96 -9.10 15.63
CA LEU C 302 -29.19 -8.37 15.23
C LEU C 302 -29.89 -9.08 14.08
N VAL C 303 -29.17 -9.32 12.99
CA VAL C 303 -29.75 -9.84 11.70
C VAL C 303 -30.15 -11.31 11.84
N LEU C 304 -29.43 -12.11 12.64
CA LEU C 304 -29.68 -13.57 12.77
C LEU C 304 -30.69 -13.85 13.89
N LEU C 305 -30.61 -13.12 15.01
CA LEU C 305 -31.32 -13.51 16.26
C LEU C 305 -32.05 -12.35 16.95
N GLY C 306 -31.81 -11.10 16.57
CA GLY C 306 -32.35 -9.93 17.31
C GLY C 306 -31.64 -9.71 18.64
N GLY C 307 -30.42 -10.23 18.79
CA GLY C 307 -29.56 -10.00 19.96
C GLY C 307 -28.70 -8.77 19.76
N ARG C 308 -27.69 -8.61 20.61
CA ARG C 308 -26.80 -7.42 20.62
C ARG C 308 -25.62 -7.72 21.53
N GLU C 309 -24.50 -7.03 21.34
CA GLU C 309 -23.41 -6.95 22.33
C GLU C 309 -23.80 -5.84 23.30
N ARG C 310 -23.27 -5.86 24.52
CA ARG C 310 -23.67 -4.92 25.59
C ARG C 310 -22.44 -4.33 26.28
N THR C 311 -22.56 -3.09 26.77
CA THR C 311 -21.61 -2.45 27.71
C THR C 311 -21.73 -3.14 29.06
N ARG C 312 -20.77 -2.91 29.96
CA ARG C 312 -20.82 -3.37 31.37
C ARG C 312 -22.10 -2.82 32.01
N ALA C 313 -22.31 -1.50 31.96
CA ALA C 313 -23.44 -0.77 32.56
C ALA C 313 -24.77 -1.35 32.10
N HIS C 314 -24.89 -1.65 30.80
CA HIS C 314 -26.10 -2.27 30.18
C HIS C 314 -26.34 -3.65 30.81
N LEU C 315 -25.32 -4.52 30.85
CA LEU C 315 -25.47 -5.90 31.37
C LEU C 315 -25.83 -5.86 32.86
N ASP C 316 -25.23 -4.93 33.61
CA ASP C 316 -25.47 -4.73 35.07
C ASP C 316 -26.93 -4.35 35.30
N ARG C 317 -27.52 -3.56 34.40
CA ARG C 317 -28.96 -3.17 34.46
C ARG C 317 -29.84 -4.42 34.32
N LEU C 318 -29.50 -5.31 33.39
CA LEU C 318 -30.25 -6.58 33.14
C LEU C 318 -30.06 -7.50 34.35
N CYS C 319 -28.83 -7.60 34.87
CA CYS C 319 -28.52 -8.32 36.13
C CYS C 319 -29.46 -7.84 37.25
N ALA C 320 -29.55 -6.52 37.47
CA ALA C 320 -30.38 -5.91 38.54
C ALA C 320 -31.85 -6.35 38.40
N ARG C 321 -32.36 -6.52 37.17
CA ARG C 321 -33.75 -6.95 36.91
C ARG C 321 -33.92 -8.44 37.24
N ALA C 322 -32.82 -9.19 37.28
CA ALA C 322 -32.81 -10.65 37.56
C ALA C 322 -32.44 -10.93 39.03
N GLY C 323 -32.23 -9.90 39.85
CA GLY C 323 -31.79 -10.02 41.25
C GLY C 323 -30.33 -10.41 41.32
N LEU C 324 -29.52 -9.84 40.43
CA LEU C 324 -28.06 -10.14 40.29
C LEU C 324 -27.28 -8.82 40.22
N VAL C 325 -25.97 -8.89 40.41
CA VAL C 325 -25.03 -7.73 40.34
C VAL C 325 -23.70 -8.21 39.76
N ILE C 326 -23.05 -7.38 38.95
CA ILE C 326 -21.65 -7.61 38.47
C ILE C 326 -20.70 -7.35 39.64
N ASP C 327 -20.00 -8.38 40.12
CA ASP C 327 -18.91 -8.26 41.12
C ASP C 327 -17.69 -7.62 40.45
N ARG C 328 -17.34 -8.04 39.23
CA ARG C 328 -15.99 -7.79 38.65
C ARG C 328 -15.94 -8.26 37.20
N VAL C 329 -15.06 -7.64 36.39
CA VAL C 329 -14.83 -7.98 34.95
C VAL C 329 -13.33 -8.21 34.74
N LEU C 330 -12.95 -9.40 34.31
CA LEU C 330 -11.54 -9.81 34.08
C LEU C 330 -11.27 -9.87 32.59
N PRO C 331 -10.09 -9.41 32.13
CA PRO C 331 -9.77 -9.41 30.70
C PRO C 331 -9.26 -10.78 30.22
N LEU C 332 -9.36 -11.03 28.91
CA LEU C 332 -8.61 -12.10 28.20
C LEU C 332 -7.57 -11.41 27.32
N PRO C 333 -6.57 -12.13 26.77
CA PRO C 333 -5.60 -11.53 25.85
C PRO C 333 -6.32 -10.70 24.78
N PRO C 334 -5.75 -9.54 24.37
CA PRO C 334 -6.44 -8.63 23.44
C PRO C 334 -7.04 -9.28 22.18
N HIS C 335 -6.42 -10.35 21.66
CA HIS C 335 -6.80 -11.01 20.38
C HIS C 335 -8.12 -11.80 20.53
N VAL C 336 -8.52 -12.17 21.75
CA VAL C 336 -9.71 -13.03 21.98
C VAL C 336 -10.97 -12.18 21.81
N GLY C 337 -10.99 -10.99 22.41
CA GLY C 337 -12.11 -10.03 22.30
C GLY C 337 -13.29 -10.37 23.20
N LEU C 338 -13.13 -11.30 24.13
CA LEU C 338 -14.18 -11.62 25.14
C LEU C 338 -13.62 -11.32 26.54
N SER C 339 -14.50 -11.00 27.48
CA SER C 339 -14.18 -10.74 28.91
C SER C 339 -14.97 -11.71 29.79
N LEU C 340 -14.51 -11.87 31.04
CA LEU C 340 -15.09 -12.75 32.08
C LEU C 340 -15.78 -11.87 33.12
N THR C 341 -17.10 -11.72 33.02
CA THR C 341 -17.93 -10.94 33.96
C THR C 341 -18.41 -11.89 35.06
N GLU C 342 -17.90 -11.70 36.28
CA GLU C 342 -18.34 -12.42 37.50
C GLU C 342 -19.66 -11.82 38.00
N VAL C 343 -20.73 -12.63 38.09
CA VAL C 343 -22.09 -12.17 38.49
C VAL C 343 -22.54 -13.00 39.71
N VAL C 344 -23.12 -12.33 40.72
CA VAL C 344 -23.57 -12.96 41.99
C VAL C 344 -24.96 -12.46 42.38
N PRO C 345 -25.68 -13.16 43.29
CA PRO C 345 -27.01 -12.72 43.72
C PRO C 345 -26.96 -11.33 44.40
N ALA C 346 -28.04 -10.55 44.26
CA ALA C 346 -28.23 -9.25 44.94
C ALA C 346 -28.71 -9.52 46.37
N PRO C 347 -27.98 -9.06 47.42
CA PRO C 347 -28.43 -9.23 48.80
C PRO C 347 -29.92 -8.84 48.95
N ALA C 348 -30.29 -7.65 48.43
CA ALA C 348 -31.67 -7.11 48.40
C ALA C 348 -32.00 -6.63 46.98
N ASP D 4 56.89 9.09 -24.03
CA ASP D 4 55.62 8.58 -24.64
C ASP D 4 55.00 7.52 -23.73
N ASP D 5 55.79 6.78 -22.93
CA ASP D 5 55.38 5.47 -22.34
C ASP D 5 54.26 5.62 -21.30
N GLU D 6 54.17 6.73 -20.55
CA GLU D 6 53.01 6.94 -19.64
C GLU D 6 51.77 7.27 -20.48
N ARG D 7 51.94 7.96 -21.61
CA ARG D 7 50.84 8.26 -22.56
C ARG D 7 50.41 6.96 -23.25
N ALA D 8 51.37 6.16 -23.71
CA ALA D 8 51.14 4.84 -24.35
C ALA D 8 50.54 3.87 -23.32
N GLY D 9 51.05 3.87 -22.10
CA GLY D 9 50.61 2.95 -21.01
C GLY D 9 49.19 3.22 -20.58
N ALA D 10 48.81 4.49 -20.46
CA ALA D 10 47.44 4.94 -20.11
C ALA D 10 46.47 4.42 -21.17
N ARG D 11 46.81 4.66 -22.44
CA ARG D 11 46.05 4.20 -23.63
C ARG D 11 45.96 2.67 -23.66
N SER D 12 47.07 1.98 -23.41
CA SER D 12 47.17 0.49 -23.42
C SER D 12 46.26 -0.13 -22.37
N LEU D 13 46.25 0.42 -21.16
CA LEU D 13 45.43 -0.11 -20.04
C LEU D 13 43.95 0.00 -20.41
N LEU D 14 43.51 1.15 -20.95
CA LEU D 14 42.10 1.39 -21.37
C LEU D 14 41.74 0.42 -22.50
N MET D 15 42.63 0.20 -23.48
CA MET D 15 42.41 -0.77 -24.59
C MET D 15 42.22 -2.17 -24.00
N GLN D 16 43.05 -2.56 -23.03
CA GLN D 16 42.96 -3.88 -22.35
C GLN D 16 41.55 -4.05 -21.77
N ARG D 17 41.03 -3.03 -21.07
CA ARG D 17 39.73 -3.10 -20.34
C ARG D 17 38.57 -3.18 -21.35
N LEU D 18 38.66 -2.47 -22.47
CA LEU D 18 37.59 -2.36 -23.50
C LEU D 18 37.42 -3.70 -24.22
N PHE D 19 38.52 -4.40 -24.52
CA PHE D 19 38.56 -5.60 -25.40
C PHE D 19 38.48 -6.90 -24.57
N GLY D 20 38.08 -6.80 -23.30
CA GLY D 20 37.93 -7.95 -22.39
C GLY D 20 36.89 -8.95 -22.88
N SER D 21 35.73 -8.47 -23.33
CA SER D 21 34.58 -9.33 -23.73
C SER D 21 34.97 -10.24 -24.91
N ARG D 22 35.85 -9.76 -25.80
CA ARG D 22 36.33 -10.53 -26.97
C ARG D 22 37.32 -11.60 -26.50
N VAL D 23 38.18 -11.30 -25.53
CA VAL D 23 39.11 -12.29 -24.93
C VAL D 23 38.28 -13.42 -24.28
N THR D 24 37.25 -13.08 -23.51
CA THR D 24 36.37 -14.05 -22.81
C THR D 24 35.77 -15.01 -23.84
N GLU D 25 35.30 -14.51 -24.97
CA GLU D 25 34.64 -15.33 -26.04
C GLU D 25 35.65 -16.32 -26.65
N VAL D 26 36.91 -15.90 -26.79
CA VAL D 26 38.03 -16.78 -27.24
C VAL D 26 38.21 -17.90 -26.21
N LEU D 27 38.29 -17.55 -24.92
CA LEU D 27 38.47 -18.54 -23.82
C LEU D 27 37.24 -19.45 -23.74
N ALA D 28 36.04 -18.87 -23.85
CA ALA D 28 34.75 -19.61 -23.77
C ALA D 28 34.69 -20.67 -24.86
N ALA D 29 35.14 -20.32 -26.09
CA ALA D 29 35.21 -21.26 -27.22
C ALA D 29 36.18 -22.40 -26.89
N MET D 30 37.34 -22.09 -26.31
CA MET D 30 38.39 -23.08 -25.91
C MET D 30 37.77 -24.09 -24.94
N ALA D 31 37.00 -23.61 -23.96
CA ALA D 31 36.37 -24.43 -22.91
C ALA D 31 35.28 -25.31 -23.54
N ARG D 32 34.35 -24.70 -24.29
CA ARG D 32 33.20 -25.38 -24.93
C ARG D 32 33.67 -26.48 -25.89
N LEU D 33 34.76 -26.24 -26.64
CA LEU D 33 35.28 -27.17 -27.68
C LEU D 33 36.20 -28.23 -27.05
N ASP D 34 36.39 -28.20 -25.73
CA ASP D 34 37.27 -29.14 -24.97
C ASP D 34 38.66 -29.22 -25.63
N LEU D 35 39.22 -28.08 -26.05
CA LEU D 35 40.52 -28.02 -26.77
C LEU D 35 41.67 -28.37 -25.83
N ALA D 36 41.58 -28.04 -24.54
CA ALA D 36 42.60 -28.41 -23.53
C ALA D 36 42.71 -29.94 -23.46
N ASP D 37 41.58 -30.63 -23.37
CA ASP D 37 41.53 -32.13 -23.29
C ASP D 37 42.02 -32.73 -24.61
N ALA D 38 41.65 -32.17 -25.76
CA ALA D 38 42.02 -32.66 -27.11
C ALA D 38 43.55 -32.58 -27.28
N ILE D 39 44.17 -31.47 -26.87
CA ILE D 39 45.63 -31.25 -27.02
C ILE D 39 46.35 -32.17 -26.03
N GLY D 40 45.94 -32.14 -24.76
CA GLY D 40 46.53 -32.98 -23.69
C GLY D 40 47.97 -32.63 -23.40
N ASP D 41 48.78 -33.66 -23.08
CA ASP D 41 50.17 -33.56 -22.53
C ASP D 41 51.13 -32.93 -23.53
N GLY D 42 51.04 -33.32 -24.80
CA GLY D 42 52.14 -33.13 -25.77
C GLY D 42 51.88 -32.00 -26.76
N ILE D 43 52.45 -32.16 -27.96
CA ILE D 43 52.28 -31.25 -29.12
C ILE D 43 51.25 -31.88 -30.05
N ALA D 44 50.18 -31.15 -30.38
CA ALA D 44 49.06 -31.61 -31.24
C ALA D 44 49.07 -30.81 -32.56
N ASP D 45 48.75 -31.49 -33.65
CA ASP D 45 48.67 -30.90 -35.00
C ASP D 45 47.26 -30.31 -35.21
N VAL D 46 47.19 -29.11 -35.78
CA VAL D 46 45.92 -28.36 -35.97
C VAL D 46 44.95 -29.21 -36.80
N HIS D 47 45.45 -29.92 -37.82
CA HIS D 47 44.64 -30.76 -38.75
C HIS D 47 43.98 -31.89 -37.95
N ASP D 48 44.72 -32.52 -37.04
CA ASP D 48 44.20 -33.60 -36.14
C ASP D 48 43.11 -33.02 -35.24
N LEU D 49 43.38 -31.88 -34.60
CA LEU D 49 42.46 -31.18 -33.65
C LEU D 49 41.19 -30.71 -34.37
N ALA D 50 41.30 -30.34 -35.66
CA ALA D 50 40.18 -29.86 -36.50
C ALA D 50 39.09 -30.94 -36.56
N ARG D 51 39.49 -32.19 -36.82
CA ARG D 51 38.57 -33.36 -36.90
C ARG D 51 37.89 -33.54 -35.53
N SER D 52 38.65 -33.47 -34.44
CA SER D 52 38.20 -33.75 -33.05
C SER D 52 36.97 -32.93 -32.66
N CYS D 53 36.90 -31.65 -33.05
CA CYS D 53 35.81 -30.72 -32.64
C CYS D 53 35.12 -30.08 -33.87
N ASP D 54 35.09 -30.80 -35.01
CA ASP D 54 34.25 -30.49 -36.20
C ASP D 54 34.34 -28.99 -36.56
N LEU D 55 35.55 -28.46 -36.66
CA LEU D 55 35.87 -27.14 -37.26
C LEU D 55 36.79 -27.36 -38.44
N PRO D 56 36.73 -26.54 -39.51
CA PRO D 56 37.78 -26.52 -40.53
C PRO D 56 39.12 -26.03 -39.95
N ALA D 57 40.23 -26.51 -40.54
CA ALA D 57 41.61 -26.28 -40.06
C ALA D 57 41.90 -24.78 -39.99
N ASP D 58 41.48 -23.99 -40.99
CA ASP D 58 41.77 -22.53 -41.06
C ASP D 58 41.16 -21.84 -39.82
N GLY D 59 39.87 -22.07 -39.55
CA GLY D 59 39.12 -21.50 -38.42
C GLY D 59 39.71 -21.89 -37.08
N LEU D 60 40.01 -23.18 -36.86
CA LEU D 60 40.62 -23.62 -35.59
C LEU D 60 42.01 -23.01 -35.44
N HIS D 61 42.83 -22.99 -36.51
CA HIS D 61 44.20 -22.43 -36.48
C HIS D 61 44.16 -20.97 -35.99
N ARG D 62 43.17 -20.20 -36.46
CA ARG D 62 43.05 -18.77 -36.09
C ARG D 62 42.70 -18.65 -34.60
N LEU D 63 41.84 -19.54 -34.08
CA LEU D 63 41.45 -19.54 -32.66
C LEU D 63 42.66 -19.91 -31.80
N LEU D 64 43.41 -20.92 -32.25
CA LEU D 64 44.61 -21.45 -31.55
C LEU D 64 45.69 -20.37 -31.54
N ARG D 65 45.87 -19.63 -32.64
CA ARG D 65 46.80 -18.47 -32.69
C ARG D 65 46.39 -17.44 -31.63
N ALA D 66 45.10 -17.14 -31.52
CA ALA D 66 44.56 -16.17 -30.53
C ALA D 66 44.87 -16.67 -29.11
N LEU D 67 44.61 -17.94 -28.85
CA LEU D 67 44.88 -18.56 -27.52
C LEU D 67 46.39 -18.53 -27.21
N ALA D 68 47.25 -18.71 -28.21
CA ALA D 68 48.72 -18.57 -28.05
C ALA D 68 49.05 -17.11 -27.71
N GLY D 69 48.44 -16.15 -28.41
CA GLY D 69 48.62 -14.72 -28.15
C GLY D 69 48.16 -14.35 -26.75
N LEU D 70 47.19 -15.09 -26.19
CA LEU D 70 46.58 -14.82 -24.86
C LEU D 70 47.20 -15.74 -23.79
N GLY D 71 48.23 -16.51 -24.15
CA GLY D 71 49.09 -17.22 -23.18
C GLY D 71 48.51 -18.56 -22.73
N MET D 72 47.50 -19.10 -23.43
CA MET D 72 46.83 -20.38 -23.07
C MET D 72 47.47 -21.56 -23.81
N CYS D 73 48.15 -21.29 -24.94
N CYS D 73 48.17 -21.31 -24.92
CA CYS D 73 48.81 -22.30 -25.81
CA CYS D 73 48.90 -22.37 -25.67
C CYS D 73 50.18 -21.78 -26.29
C CYS D 73 50.15 -21.79 -26.32
N GLU D 74 50.99 -22.67 -26.86
CA GLU D 74 52.28 -22.32 -27.52
C GLU D 74 52.26 -22.90 -28.94
N GLU D 75 52.71 -22.11 -29.92
CA GLU D 75 52.89 -22.57 -31.33
C GLU D 75 54.39 -22.79 -31.54
N SER D 76 54.88 -23.97 -31.18
CA SER D 76 56.31 -24.38 -31.23
C SER D 76 56.81 -24.36 -32.69
N GLU D 77 55.95 -24.83 -33.60
CA GLU D 77 56.16 -24.83 -35.07
C GLU D 77 54.82 -24.53 -35.73
N PRO D 78 54.79 -23.95 -36.95
CA PRO D 78 53.53 -23.60 -37.59
C PRO D 78 52.57 -24.79 -37.57
N GLY D 79 51.39 -24.60 -36.94
CA GLY D 79 50.29 -25.58 -36.93
C GLY D 79 50.42 -26.61 -35.82
N LYS D 80 51.48 -26.54 -35.00
CA LYS D 80 51.75 -27.49 -33.89
C LYS D 80 51.69 -26.73 -32.54
N PHE D 81 50.68 -27.04 -31.73
CA PHE D 81 50.35 -26.34 -30.45
C PHE D 81 50.48 -27.28 -29.25
N ALA D 82 50.96 -26.73 -28.13
CA ALA D 82 50.95 -27.35 -26.79
C ALA D 82 50.27 -26.39 -25.81
N LEU D 83 49.79 -26.90 -24.68
CA LEU D 83 49.21 -26.06 -23.60
C LEU D 83 50.34 -25.40 -22.82
N THR D 84 50.08 -24.19 -22.31
CA THR D 84 50.86 -23.55 -21.23
C THR D 84 50.32 -24.11 -19.91
N ALA D 85 50.90 -23.71 -18.78
CA ALA D 85 50.39 -24.03 -17.43
C ALA D 85 48.96 -23.50 -17.27
N SER D 86 48.67 -22.33 -17.86
CA SER D 86 47.33 -21.69 -17.83
C SER D 86 46.32 -22.58 -18.55
N GLY D 87 46.58 -22.90 -19.82
CA GLY D 87 45.70 -23.74 -20.66
C GLY D 87 45.46 -25.11 -20.05
N ALA D 88 46.46 -25.67 -19.38
CA ALA D 88 46.40 -27.02 -18.73
C ALA D 88 45.32 -27.03 -17.64
N LEU D 89 44.99 -25.89 -17.02
CA LEU D 89 43.99 -25.84 -15.91
C LEU D 89 42.57 -26.01 -16.47
N LEU D 90 42.39 -25.89 -17.78
CA LEU D 90 41.07 -26.14 -18.46
C LEU D 90 40.93 -27.63 -18.82
N ARG D 91 41.89 -28.48 -18.45
CA ARG D 91 41.74 -29.95 -18.61
C ARG D 91 40.83 -30.48 -17.50
N LYS D 92 39.86 -31.33 -17.86
CA LYS D 92 38.92 -32.01 -16.93
C LYS D 92 39.69 -32.95 -15.99
N ASP D 93 40.84 -33.49 -16.43
CA ASP D 93 41.63 -34.49 -15.66
C ASP D 93 42.68 -33.81 -14.76
N HIS D 94 42.75 -32.48 -14.73
CA HIS D 94 43.71 -31.72 -13.87
C HIS D 94 43.21 -31.77 -12.42
N PRO D 95 44.05 -32.14 -11.43
CA PRO D 95 43.59 -32.19 -10.04
C PRO D 95 43.13 -30.82 -9.52
N GLU D 96 43.65 -29.73 -10.09
CA GLU D 96 43.28 -28.32 -9.77
C GLU D 96 42.52 -27.68 -10.95
N SER D 97 41.72 -28.46 -11.69
CA SER D 97 40.92 -28.03 -12.86
C SER D 97 40.07 -26.80 -12.50
N VAL D 98 39.95 -25.82 -13.41
CA VAL D 98 38.92 -24.74 -13.32
C VAL D 98 38.03 -24.82 -14.55
N TYR D 99 37.98 -25.99 -15.20
CA TYR D 99 37.14 -26.24 -16.39
C TYR D 99 35.68 -25.87 -16.07
N ASP D 100 35.16 -26.40 -14.97
CA ASP D 100 33.72 -26.23 -14.59
C ASP D 100 33.48 -24.75 -14.24
N PHE D 101 34.44 -24.15 -13.54
CA PHE D 101 34.44 -22.71 -13.17
C PHE D 101 34.33 -21.87 -14.45
N ALA D 102 35.17 -22.16 -15.46
CA ALA D 102 35.20 -21.45 -16.75
C ALA D 102 33.84 -21.59 -17.47
N ARG D 103 33.23 -22.78 -17.42
CA ARG D 103 31.95 -23.07 -18.13
C ARG D 103 30.83 -22.34 -17.40
N PHE D 104 30.79 -22.41 -16.07
CA PHE D 104 29.75 -21.75 -15.25
C PHE D 104 29.77 -20.24 -15.49
N HIS D 105 30.95 -19.61 -15.49
CA HIS D 105 31.09 -18.13 -15.57
C HIS D 105 31.04 -17.63 -17.02
N THR D 106 30.92 -18.54 -18.01
CA THR D 106 30.66 -18.17 -19.42
C THR D 106 29.32 -18.76 -19.88
N ALA D 107 28.48 -19.23 -18.95
CA ALA D 107 27.12 -19.72 -19.23
C ALA D 107 26.15 -18.52 -19.29
N PRO D 108 25.03 -18.63 -20.04
CA PRO D 108 24.03 -17.57 -20.07
C PRO D 108 23.58 -17.13 -18.66
N GLU D 109 23.51 -18.09 -17.73
CA GLU D 109 22.92 -17.88 -16.37
C GLU D 109 23.73 -16.84 -15.58
N THR D 110 25.05 -16.74 -15.81
CA THR D 110 25.92 -15.79 -15.08
C THR D 110 26.34 -14.60 -15.96
N THR D 111 26.24 -14.70 -17.29
CA THR D 111 26.64 -13.62 -18.24
C THR D 111 25.45 -12.73 -18.62
N ARG D 112 24.25 -13.29 -18.80
CA ARG D 112 23.08 -12.50 -19.29
C ARG D 112 22.67 -11.42 -18.29
N PRO D 113 22.70 -11.66 -16.95
CA PRO D 113 22.43 -10.59 -15.99
C PRO D 113 23.38 -9.38 -16.11
N TRP D 114 24.57 -9.56 -16.68
CA TRP D 114 25.59 -8.49 -16.84
C TRP D 114 25.28 -7.59 -18.04
N THR D 115 24.52 -8.06 -19.03
CA THR D 115 24.07 -7.24 -20.20
C THR D 115 23.21 -6.08 -19.69
N ASN D 116 22.54 -6.26 -18.54
CA ASN D 116 21.57 -5.35 -17.86
C ASN D 116 22.21 -4.67 -16.63
N LEU D 117 23.55 -4.56 -16.57
CA LEU D 117 24.30 -4.07 -15.38
C LEU D 117 23.70 -2.76 -14.91
N GLU D 118 23.45 -1.82 -15.84
CA GLU D 118 22.84 -0.49 -15.59
C GLU D 118 21.55 -0.65 -14.75
N GLN D 119 20.62 -1.50 -15.19
CA GLN D 119 19.30 -1.66 -14.52
C GLN D 119 19.51 -2.06 -13.05
N ALA D 120 20.45 -2.98 -12.77
CA ALA D 120 20.76 -3.48 -11.39
C ALA D 120 21.25 -2.30 -10.55
N LEU D 121 22.10 -1.45 -11.12
CA LEU D 121 22.66 -0.24 -10.46
C LEU D 121 21.52 0.71 -10.13
N ARG D 122 20.51 0.79 -11.00
CA ARG D 122 19.35 1.70 -10.87
C ARG D 122 18.36 1.17 -9.81
N THR D 123 18.11 -0.14 -9.77
CA THR D 123 17.07 -0.78 -8.93
C THR D 123 17.64 -1.22 -7.58
N GLY D 124 18.94 -1.52 -7.53
CA GLY D 124 19.60 -2.19 -6.39
C GLY D 124 19.24 -3.67 -6.33
N ARG D 125 18.46 -4.19 -7.29
CA ARG D 125 17.93 -5.58 -7.31
C ARG D 125 18.60 -6.39 -8.43
N PRO D 126 18.75 -7.73 -8.26
CA PRO D 126 19.42 -8.57 -9.25
C PRO D 126 18.65 -8.62 -10.57
N THR D 127 19.36 -8.74 -11.69
CA THR D 127 18.76 -8.84 -13.05
C THR D 127 18.56 -10.30 -13.45
N PHE D 128 19.12 -11.26 -12.71
CA PHE D 128 18.95 -12.72 -12.96
C PHE D 128 17.46 -13.07 -12.94
N ASP D 129 16.73 -12.59 -11.94
CA ASP D 129 15.32 -12.95 -11.65
C ASP D 129 14.45 -12.66 -12.87
N GLU D 130 14.65 -11.50 -13.51
CA GLU D 130 13.86 -11.06 -14.69
C GLU D 130 14.13 -11.98 -15.88
N HIS D 131 15.39 -12.44 -16.02
CA HIS D 131 15.88 -13.17 -17.22
C HIS D 131 15.48 -14.65 -17.18
N PHE D 132 15.30 -15.23 -15.99
CA PHE D 132 15.20 -16.70 -15.78
C PHE D 132 14.00 -17.10 -14.90
N GLY D 133 13.35 -16.17 -14.20
CA GLY D 133 12.00 -16.34 -13.63
C GLY D 133 11.95 -16.48 -12.11
N SER D 134 13.11 -16.59 -11.44
CA SER D 134 13.19 -16.79 -9.97
C SER D 134 14.58 -16.43 -9.44
N PRO D 135 14.76 -16.23 -8.11
CA PRO D 135 16.08 -16.01 -7.53
C PRO D 135 17.03 -17.19 -7.85
N LEU D 136 18.34 -16.92 -7.89
CA LEU D 136 19.38 -17.86 -8.38
C LEU D 136 19.30 -19.20 -7.62
N TYR D 137 19.27 -19.17 -6.29
CA TYR D 137 19.33 -20.40 -5.45
C TYR D 137 18.05 -21.21 -5.64
N GLU D 138 16.89 -20.57 -5.80
CA GLU D 138 15.63 -21.28 -6.13
C GLU D 138 15.75 -21.95 -7.51
N TYR D 139 16.26 -21.20 -8.50
CA TYR D 139 16.43 -21.67 -9.90
C TYR D 139 17.37 -22.89 -9.90
N MET D 140 18.51 -22.81 -9.18
CA MET D 140 19.55 -23.87 -9.19
C MET D 140 19.00 -25.12 -8.46
N ALA D 141 18.20 -24.93 -7.41
CA ALA D 141 17.50 -26.01 -6.67
C ALA D 141 16.60 -26.80 -7.63
N GLY D 142 16.11 -26.16 -8.70
CA GLY D 142 15.20 -26.76 -9.69
C GLY D 142 15.88 -27.15 -10.98
N HIS D 143 17.21 -26.95 -11.12
CA HIS D 143 17.99 -27.29 -12.34
C HIS D 143 19.23 -28.10 -11.94
N PRO D 144 19.14 -29.44 -11.84
CA PRO D 144 20.25 -30.26 -11.33
C PRO D 144 21.59 -30.11 -12.06
N GLU D 145 21.57 -29.97 -13.40
CA GLU D 145 22.81 -29.83 -14.22
C GLU D 145 23.55 -28.55 -13.82
N LEU D 146 22.84 -27.42 -13.71
CA LEU D 146 23.44 -26.13 -13.28
C LEU D 146 23.88 -26.21 -11.82
N SER D 147 23.11 -26.87 -10.96
CA SER D 147 23.46 -27.09 -9.53
C SER D 147 24.84 -27.76 -9.44
N ALA D 148 25.04 -28.84 -10.20
CA ALA D 148 26.28 -29.66 -10.23
C ALA D 148 27.43 -28.83 -10.79
N ARG D 149 27.18 -28.05 -11.86
CA ARG D 149 28.21 -27.17 -12.49
C ARG D 149 28.67 -26.13 -11.45
N PHE D 150 27.71 -25.52 -10.74
CA PHE D 150 27.96 -24.51 -9.68
C PHE D 150 28.82 -25.12 -8.57
N ALA D 151 28.49 -26.33 -8.11
CA ALA D 151 29.24 -27.05 -7.05
C ALA D 151 30.72 -27.15 -7.46
N ALA D 152 30.97 -27.63 -8.68
CA ALA D 152 32.32 -27.84 -9.25
C ALA D 152 32.97 -26.48 -9.58
N ALA D 153 32.19 -25.46 -9.95
CA ALA D 153 32.70 -24.09 -10.21
C ALA D 153 33.27 -23.49 -8.92
N MET D 154 32.50 -23.52 -7.83
CA MET D 154 32.91 -22.96 -6.52
C MET D 154 34.14 -23.72 -5.98
N ARG D 155 34.24 -25.02 -6.25
CA ARG D 155 35.44 -25.83 -5.91
C ARG D 155 36.67 -25.24 -6.60
N GLY D 156 36.58 -25.06 -7.93
CA GLY D 156 37.65 -24.44 -8.73
C GLY D 156 38.10 -23.12 -8.14
N GLU D 157 37.15 -22.26 -7.79
CA GLU D 157 37.46 -20.91 -7.23
C GLU D 157 38.14 -21.05 -5.87
N SER D 158 37.72 -22.02 -5.05
CA SER D 158 38.09 -22.12 -3.62
C SER D 158 39.45 -22.82 -3.44
N LEU D 159 39.98 -23.46 -4.48
CA LEU D 159 41.29 -24.16 -4.44
C LEU D 159 42.38 -23.20 -3.94
N ALA D 160 42.37 -21.95 -4.40
CA ALA D 160 43.29 -20.86 -3.97
C ALA D 160 43.29 -20.73 -2.44
N THR D 161 42.11 -20.52 -1.84
CA THR D 161 41.92 -20.41 -0.37
C THR D 161 42.28 -21.75 0.31
N ALA D 162 41.71 -22.88 -0.16
CA ALA D 162 41.87 -24.24 0.43
C ALA D 162 43.35 -24.58 0.63
N ASP D 163 44.20 -24.30 -0.37
CA ASP D 163 45.64 -24.67 -0.38
C ASP D 163 46.45 -23.81 0.59
N THR D 164 45.98 -22.62 0.98
CA THR D 164 46.76 -21.64 1.78
C THR D 164 46.22 -21.54 3.21
N ILE D 165 44.93 -21.82 3.45
CA ILE D 165 44.24 -21.52 4.74
C ILE D 165 44.94 -22.21 5.92
N ALA D 166 45.62 -23.35 5.70
CA ALA D 166 46.34 -24.12 6.74
C ALA D 166 47.57 -23.34 7.23
N GLU D 167 48.36 -22.80 6.31
CA GLU D 167 49.62 -22.07 6.60
C GLU D 167 49.34 -20.64 7.11
N HIS D 168 48.08 -20.21 7.19
CA HIS D 168 47.70 -18.80 7.56
C HIS D 168 46.66 -18.75 8.68
N TYR D 169 46.24 -19.90 9.22
CA TYR D 169 45.34 -20.02 10.40
C TYR D 169 45.72 -21.28 11.19
N ASP D 170 45.90 -21.11 12.51
CA ASP D 170 46.23 -22.21 13.47
C ASP D 170 44.92 -22.92 13.83
N PHE D 171 44.74 -24.16 13.38
CA PHE D 171 43.52 -24.99 13.59
C PHE D 171 43.70 -25.94 14.78
N SER D 172 44.87 -25.92 15.44
CA SER D 172 45.26 -26.89 16.50
C SER D 172 44.40 -26.74 17.76
N PRO D 173 43.96 -25.54 18.18
CA PRO D 173 43.12 -25.41 19.39
C PRO D 173 41.79 -26.16 19.35
N TYR D 174 41.28 -26.50 18.16
CA TYR D 174 39.87 -26.91 17.90
C TYR D 174 39.79 -28.42 17.64
N ARG D 175 38.74 -29.06 18.17
CA ARG D 175 38.42 -30.49 17.93
C ARG D 175 37.50 -30.61 16.72
N THR D 176 36.46 -29.75 16.63
CA THR D 176 35.37 -29.82 15.62
C THR D 176 35.32 -28.54 14.77
N VAL D 177 35.11 -28.70 13.45
CA VAL D 177 34.91 -27.61 12.44
C VAL D 177 33.59 -27.87 11.70
N THR D 178 32.69 -26.89 11.69
CA THR D 178 31.46 -26.88 10.85
C THR D 178 31.59 -25.78 9.80
N ASP D 179 31.46 -26.14 8.52
CA ASP D 179 31.50 -25.20 7.35
C ASP D 179 30.06 -24.89 6.94
N VAL D 180 29.62 -23.65 7.20
CA VAL D 180 28.26 -23.13 6.90
C VAL D 180 28.25 -22.66 5.44
N GLY D 181 27.42 -23.30 4.60
CA GLY D 181 27.45 -23.16 3.14
C GLY D 181 28.77 -23.63 2.56
N GLY D 182 29.27 -24.80 3.01
CA GLY D 182 30.62 -25.31 2.69
C GLY D 182 30.74 -25.92 1.30
N GLY D 183 29.69 -25.79 0.47
CA GLY D 183 29.66 -26.32 -0.91
C GLY D 183 29.90 -27.82 -0.95
N ASP D 184 30.73 -28.28 -1.88
CA ASP D 184 31.01 -29.73 -2.11
C ASP D 184 32.04 -30.21 -1.09
N GLY D 185 32.42 -29.36 -0.12
CA GLY D 185 33.34 -29.74 0.97
C GLY D 185 34.80 -29.53 0.59
N THR D 186 35.09 -28.81 -0.50
CA THR D 186 36.46 -28.53 -0.98
C THR D 186 37.30 -27.92 0.16
N LEU D 187 36.74 -26.92 0.87
CA LEU D 187 37.47 -26.17 1.93
C LEU D 187 37.74 -27.09 3.13
N ILE D 188 36.73 -27.80 3.61
CA ILE D 188 36.81 -28.54 4.89
C ILE D 188 37.64 -29.83 4.69
N THR D 189 37.61 -30.45 3.51
CA THR D 189 38.42 -31.67 3.22
C THR D 189 39.90 -31.28 3.20
N ALA D 190 40.25 -30.12 2.63
CA ALA D 190 41.65 -29.61 2.57
C ALA D 190 42.19 -29.40 3.99
N ILE D 191 41.37 -28.82 4.88
CA ILE D 191 41.71 -28.60 6.32
C ILE D 191 41.86 -29.98 6.98
N LEU D 192 40.87 -30.86 6.84
CA LEU D 192 40.90 -32.21 7.46
C LEU D 192 42.10 -33.01 6.96
N ARG D 193 42.55 -32.81 5.70
CA ARG D 193 43.72 -33.52 5.13
C ARG D 193 45.00 -33.16 5.89
N ARG D 194 45.13 -31.92 6.39
CA ARG D 194 46.39 -31.40 6.97
C ARG D 194 46.38 -31.50 8.50
N HIS D 195 45.23 -31.81 9.10
CA HIS D 195 45.02 -31.89 10.57
C HIS D 195 44.29 -33.18 10.91
N PRO D 196 45.01 -34.33 11.04
CA PRO D 196 44.37 -35.64 11.18
C PRO D 196 43.47 -35.83 12.42
N ASP D 197 43.66 -35.04 13.49
CA ASP D 197 42.90 -35.15 14.76
C ASP D 197 41.53 -34.47 14.63
N LEU D 198 41.40 -33.56 13.66
CA LEU D 198 40.20 -32.69 13.49
C LEU D 198 39.05 -33.50 12.89
N ARG D 199 37.81 -33.21 13.32
CA ARG D 199 36.54 -33.77 12.78
C ARG D 199 35.71 -32.63 12.16
N GLY D 200 34.96 -32.93 11.09
CA GLY D 200 34.27 -31.92 10.27
C GLY D 200 32.77 -32.21 10.12
N THR D 201 32.00 -31.14 9.91
CA THR D 201 30.59 -31.15 9.43
C THR D 201 30.46 -30.15 8.28
N ILE D 202 29.80 -30.53 7.19
CA ILE D 202 29.38 -29.61 6.10
C ILE D 202 27.88 -29.36 6.25
N PHE D 203 27.47 -28.10 6.26
CA PHE D 203 26.04 -27.68 6.33
C PHE D 203 25.67 -26.97 5.02
N GLU D 204 24.81 -27.59 4.21
CA GLU D 204 24.47 -27.13 2.84
C GLU D 204 22.99 -27.35 2.52
N THR D 205 22.55 -26.88 1.34
CA THR D 205 21.19 -27.12 0.81
C THR D 205 21.09 -28.61 0.51
N PRO D 206 19.86 -29.18 0.44
CA PRO D 206 19.70 -30.61 0.14
C PRO D 206 20.44 -31.06 -1.13
N GLU D 207 20.50 -30.21 -2.15
CA GLU D 207 21.07 -30.54 -3.49
C GLU D 207 22.61 -30.55 -3.40
N ILE D 208 23.21 -29.52 -2.81
CA ILE D 208 24.69 -29.38 -2.73
C ILE D 208 25.20 -30.36 -1.69
N ALA D 209 24.40 -30.67 -0.67
CA ALA D 209 24.71 -31.67 0.38
C ALA D 209 25.00 -33.03 -0.27
N GLU D 210 24.21 -33.44 -1.26
CA GLU D 210 24.45 -34.68 -2.05
C GLU D 210 25.86 -34.62 -2.67
N ARG D 211 26.28 -33.47 -3.21
CA ARG D 211 27.59 -33.31 -3.88
C ARG D 211 28.72 -33.41 -2.83
N ALA D 212 28.50 -32.81 -1.66
CA ALA D 212 29.45 -32.80 -0.52
C ALA D 212 29.70 -34.25 -0.03
N ALA D 213 28.63 -35.05 0.09
CA ALA D 213 28.73 -36.47 0.54
C ALA D 213 29.59 -37.26 -0.45
N GLU D 214 29.38 -37.04 -1.75
CA GLU D 214 30.14 -37.72 -2.82
C GLU D 214 31.63 -37.37 -2.71
N ARG D 215 31.95 -36.10 -2.49
CA ARG D 215 33.37 -35.64 -2.43
C ARG D 215 34.02 -36.22 -1.17
N VAL D 216 33.29 -36.27 -0.05
CA VAL D 216 33.81 -36.76 1.26
C VAL D 216 34.16 -38.25 1.12
N ARG D 217 33.24 -39.06 0.59
CA ARG D 217 33.46 -40.51 0.32
C ARG D 217 34.72 -40.67 -0.55
N ALA D 218 34.81 -39.93 -1.66
CA ALA D 218 35.87 -40.08 -2.69
C ALA D 218 37.22 -39.67 -2.13
N ALA D 219 37.26 -38.79 -1.12
CA ALA D 219 38.50 -38.34 -0.44
C ALA D 219 38.92 -39.34 0.64
N GLY D 220 38.04 -40.28 0.99
CA GLY D 220 38.26 -41.30 2.05
C GLY D 220 38.17 -40.71 3.45
N LEU D 221 37.38 -39.64 3.61
CA LEU D 221 37.27 -38.85 4.86
C LEU D 221 35.88 -39.02 5.49
N HIS D 222 35.09 -40.03 5.08
CA HIS D 222 33.73 -40.28 5.61
C HIS D 222 33.76 -40.45 7.13
N ASP D 223 34.81 -41.08 7.68
CA ASP D 223 34.86 -41.48 9.11
C ASP D 223 35.09 -40.25 10.01
N ARG D 224 35.54 -39.11 9.49
CA ARG D 224 35.69 -37.87 10.30
C ARG D 224 35.18 -36.62 9.57
N CYS D 225 34.35 -36.76 8.53
CA CYS D 225 33.58 -35.63 7.96
C CYS D 225 32.13 -36.07 7.70
N ALA D 226 31.18 -35.43 8.38
CA ALA D 226 29.73 -35.63 8.21
C ALA D 226 29.16 -34.51 7.31
N VAL D 227 28.03 -34.79 6.67
CA VAL D 227 27.28 -33.82 5.81
C VAL D 227 25.86 -33.74 6.35
N VAL D 228 25.35 -32.53 6.59
CA VAL D 228 23.94 -32.31 7.01
C VAL D 228 23.36 -31.21 6.13
N SER D 229 22.06 -31.28 5.85
CA SER D 229 21.36 -30.27 5.03
C SER D 229 20.33 -29.56 5.89
N GLY D 230 20.16 -28.27 5.62
CA GLY D 230 19.10 -27.43 6.19
C GLY D 230 19.22 -26.02 5.63
N ASP D 231 18.49 -25.09 6.25
CA ASP D 231 18.42 -23.65 5.87
C ASP D 231 19.15 -22.85 6.97
N PHE D 232 20.25 -22.14 6.62
CA PHE D 232 21.05 -21.38 7.62
C PHE D 232 20.30 -20.10 8.04
N PHE D 233 19.14 -19.81 7.46
CA PHE D 233 18.20 -18.76 7.96
C PHE D 233 17.40 -19.29 9.16
N ASP D 234 17.29 -20.61 9.32
CA ASP D 234 16.57 -21.26 10.44
C ASP D 234 17.56 -21.51 11.59
N LEU D 235 18.69 -22.17 11.30
CA LEU D 235 19.73 -22.49 12.31
C LEU D 235 21.05 -22.88 11.63
N VAL D 236 22.09 -22.99 12.44
CA VAL D 236 23.40 -23.65 12.12
C VAL D 236 23.63 -24.76 13.15
N PRO D 237 23.95 -26.01 12.74
CA PRO D 237 24.15 -27.10 13.71
C PRO D 237 25.12 -26.65 14.82
N GLY D 238 24.70 -26.79 16.08
CA GLY D 238 25.43 -26.35 17.28
C GLY D 238 26.48 -27.35 17.77
N GLY D 239 27.28 -26.95 18.76
CA GLY D 239 28.17 -27.83 19.54
C GLY D 239 29.60 -27.88 19.03
N ALA D 240 29.92 -27.16 17.94
CA ALA D 240 31.27 -27.18 17.32
C ALA D 240 32.15 -26.09 17.95
N ASP D 241 33.48 -26.25 17.89
CA ASP D 241 34.49 -25.31 18.43
C ASP D 241 34.69 -24.15 17.44
N LEU D 242 34.71 -24.47 16.15
CA LEU D 242 34.99 -23.52 15.03
C LEU D 242 33.90 -23.64 13.96
N TYR D 243 33.37 -22.51 13.52
CA TYR D 243 32.47 -22.36 12.35
C TYR D 243 33.19 -21.56 11.26
N LEU D 244 33.11 -22.04 10.01
CA LEU D 244 33.58 -21.36 8.79
C LEU D 244 32.35 -20.90 8.01
N VAL D 245 32.41 -19.70 7.43
CA VAL D 245 31.39 -19.23 6.46
C VAL D 245 32.16 -18.50 5.35
N LYS D 246 32.42 -19.21 4.25
CA LYS D 246 33.28 -18.74 3.13
C LYS D 246 32.44 -18.42 1.89
N SER D 247 32.60 -17.20 1.35
CA SER D 247 32.03 -16.74 0.06
C SER D 247 30.52 -16.89 0.10
N THR D 248 29.93 -16.61 1.27
CA THR D 248 28.48 -16.84 1.56
C THR D 248 27.80 -15.50 1.93
N LEU D 249 28.35 -14.73 2.86
CA LEU D 249 27.72 -13.46 3.31
C LEU D 249 27.56 -12.49 2.14
N HIS D 250 28.51 -12.50 1.18
CA HIS D 250 28.53 -11.58 0.00
C HIS D 250 27.42 -11.92 -1.01
N ASN D 251 26.77 -13.07 -0.85
CA ASN D 251 25.61 -13.53 -1.68
C ASN D 251 24.30 -12.86 -1.24
N TRP D 252 24.27 -12.17 -0.10
CA TRP D 252 23.02 -11.70 0.54
C TRP D 252 23.10 -10.20 0.85
N ASP D 253 21.94 -9.53 0.90
CA ASP D 253 21.81 -8.13 1.37
C ASP D 253 22.02 -8.11 2.89
N ASP D 254 22.08 -6.91 3.48
CA ASP D 254 22.43 -6.67 4.91
C ASP D 254 21.48 -7.42 5.83
N GLU D 255 20.16 -7.30 5.62
CA GLU D 255 19.10 -7.91 6.48
C GLU D 255 19.30 -9.44 6.54
N HIS D 256 19.53 -10.06 5.39
CA HIS D 256 19.72 -11.53 5.26
C HIS D 256 21.04 -11.91 5.95
N VAL D 257 22.08 -11.09 5.84
CA VAL D 257 23.42 -11.37 6.46
C VAL D 257 23.27 -11.36 7.98
N VAL D 258 22.55 -10.38 8.53
CA VAL D 258 22.27 -10.28 10.00
C VAL D 258 21.57 -11.57 10.45
N ARG D 259 20.55 -12.01 9.70
CA ARG D 259 19.76 -13.23 10.02
C ARG D 259 20.67 -14.45 9.99
N ILE D 260 21.58 -14.55 9.01
CA ILE D 260 22.59 -15.64 8.93
C ILE D 260 23.51 -15.55 10.17
N LEU D 261 24.06 -14.37 10.46
CA LEU D 261 25.02 -14.18 11.59
C LEU D 261 24.32 -14.46 12.93
N SER D 262 23.02 -14.14 13.04
CA SER D 262 22.18 -14.47 14.22
C SER D 262 22.18 -15.99 14.42
N SER D 263 21.88 -16.75 13.37
CA SER D 263 21.92 -18.24 13.39
C SER D 263 23.31 -18.72 13.83
N CYS D 264 24.39 -18.11 13.32
CA CYS D 264 25.79 -18.43 13.70
C CYS D 264 26.00 -18.15 15.19
N ARG D 265 25.42 -17.06 15.71
CA ARG D 265 25.56 -16.64 17.14
C ARG D 265 24.98 -17.71 18.07
N THR D 266 23.72 -18.09 17.88
CA THR D 266 23.00 -19.18 18.60
C THR D 266 23.89 -20.43 18.68
N ALA D 267 24.65 -20.73 17.62
CA ALA D 267 25.51 -21.94 17.49
C ALA D 267 26.80 -21.79 18.30
N LEU D 268 27.42 -20.60 18.30
CA LEU D 268 28.69 -20.33 19.01
C LEU D 268 28.51 -20.58 20.52
N ALA D 269 27.30 -20.33 21.05
CA ALA D 269 26.94 -20.50 22.48
C ALA D 269 27.92 -19.66 23.33
N ASP D 270 28.79 -20.30 24.11
CA ASP D 270 29.78 -19.66 25.01
C ASP D 270 31.18 -19.64 24.36
N ARG D 271 31.65 -20.79 23.89
CA ARG D 271 33.07 -21.01 23.50
C ARG D 271 33.21 -21.32 22.01
N GLY D 272 32.17 -21.07 21.21
CA GLY D 272 32.25 -21.16 19.74
C GLY D 272 32.92 -19.94 19.14
N ARG D 273 33.72 -20.15 18.08
CA ARG D 273 34.35 -19.08 17.28
C ARG D 273 33.88 -19.19 15.82
N LEU D 274 33.70 -18.05 15.14
CA LEU D 274 33.24 -17.96 13.71
C LEU D 274 34.36 -17.34 12.87
N LEU D 275 34.64 -17.93 11.70
CA LEU D 275 35.65 -17.43 10.74
C LEU D 275 34.94 -17.08 9.43
N VAL D 276 34.69 -15.79 9.21
CA VAL D 276 34.07 -15.25 7.97
C VAL D 276 35.18 -15.09 6.94
N ILE D 277 35.19 -15.97 5.93
CA ILE D 277 36.19 -16.01 4.83
C ILE D 277 35.57 -15.31 3.61
N ASP D 278 35.92 -14.05 3.40
CA ASP D 278 35.29 -13.18 2.38
C ASP D 278 36.25 -12.05 2.03
N VAL D 279 35.98 -11.37 0.92
CA VAL D 279 36.62 -10.07 0.58
C VAL D 279 36.37 -9.12 1.76
N VAL D 280 37.41 -8.42 2.18
CA VAL D 280 37.30 -7.19 3.03
C VAL D 280 37.73 -6.02 2.16
N LEU D 281 36.77 -5.22 1.70
CA LEU D 281 37.07 -4.02 0.87
C LEU D 281 37.76 -2.99 1.75
N PRO D 282 38.76 -2.25 1.23
CA PRO D 282 39.26 -1.04 1.91
C PRO D 282 38.22 0.10 1.79
N ASP D 283 38.34 1.13 2.65
CA ASP D 283 37.45 2.32 2.65
C ASP D 283 37.57 3.06 1.30
N ARG D 284 38.77 3.11 0.72
CA ARG D 284 39.05 3.76 -0.58
C ARG D 284 39.41 2.68 -1.61
N ALA D 285 38.72 2.67 -2.76
CA ALA D 285 38.88 1.66 -3.85
C ALA D 285 40.15 1.96 -4.63
N GLU D 286 40.96 0.93 -4.86
CA GLU D 286 42.26 1.02 -5.57
C GLU D 286 42.52 -0.32 -6.27
N PRO D 287 43.40 -0.37 -7.29
CA PRO D 287 43.75 -1.62 -7.95
C PRO D 287 44.26 -2.66 -6.94
N ASP D 288 44.02 -3.94 -7.23
CA ASP D 288 44.17 -5.06 -6.27
C ASP D 288 44.88 -6.20 -7.00
N PRO D 289 45.89 -6.86 -6.39
CA PRO D 289 46.62 -7.95 -7.05
C PRO D 289 45.93 -9.32 -7.04
N ALA D 290 44.70 -9.42 -6.50
CA ALA D 290 43.94 -10.70 -6.38
C ALA D 290 43.67 -11.29 -7.77
N GLU D 291 43.60 -12.61 -7.85
CA GLU D 291 43.35 -13.35 -9.12
C GLU D 291 41.96 -12.94 -9.66
N LEU D 292 40.99 -12.67 -8.77
CA LEU D 292 39.62 -12.24 -9.12
C LEU D 292 39.34 -10.86 -8.50
N ASN D 293 39.05 -9.87 -9.34
CA ASN D 293 38.88 -8.45 -8.92
C ASN D 293 37.73 -8.35 -7.93
N PRO D 294 37.95 -7.81 -6.70
CA PRO D 294 36.91 -7.83 -5.67
C PRO D 294 35.72 -6.94 -6.02
N TYR D 295 35.91 -5.89 -6.82
CA TYR D 295 34.85 -4.93 -7.20
C TYR D 295 34.01 -5.56 -8.32
N VAL D 296 34.65 -6.32 -9.21
CA VAL D 296 33.94 -7.17 -10.22
C VAL D 296 33.14 -8.24 -9.48
N LYS D 297 33.67 -8.79 -8.38
CA LYS D 297 32.91 -9.73 -7.52
C LYS D 297 31.66 -9.02 -6.99
N ASP D 298 31.82 -7.78 -6.51
CA ASP D 298 30.74 -6.95 -5.93
C ASP D 298 29.58 -6.82 -6.92
N LEU D 299 29.87 -6.49 -8.18
CA LEU D 299 28.86 -6.27 -9.23
C LEU D 299 28.24 -7.62 -9.64
N GLN D 300 29.05 -8.69 -9.70
CA GLN D 300 28.55 -10.08 -9.91
C GLN D 300 27.52 -10.42 -8.84
N MET D 301 27.82 -10.13 -7.57
CA MET D 301 26.90 -10.41 -6.44
C MET D 301 25.62 -9.58 -6.59
N LEU D 302 25.73 -8.35 -7.08
CA LEU D 302 24.56 -7.45 -7.30
C LEU D 302 23.64 -8.07 -8.36
N VAL D 303 24.17 -8.43 -9.53
CA VAL D 303 23.36 -8.77 -10.74
C VAL D 303 22.78 -10.19 -10.57
N LEU D 304 23.49 -11.08 -9.88
CA LEU D 304 23.06 -12.49 -9.71
C LEU D 304 22.11 -12.65 -8.51
N LEU D 305 22.37 -11.95 -7.40
CA LEU D 305 21.77 -12.29 -6.07
C LEU D 305 21.31 -11.05 -5.29
N GLY D 306 21.72 -9.85 -5.66
CA GLY D 306 21.48 -8.63 -4.85
C GLY D 306 22.39 -8.57 -3.64
N GLY D 307 23.52 -9.28 -3.67
CA GLY D 307 24.53 -9.25 -2.60
C GLY D 307 25.52 -8.13 -2.83
N ARG D 308 26.65 -8.18 -2.12
CA ARG D 308 27.70 -7.13 -2.18
C ARG D 308 28.92 -7.57 -1.38
N GLU D 309 30.08 -7.05 -1.74
CA GLU D 309 31.32 -7.12 -0.93
C GLU D 309 31.24 -5.98 0.10
N ARG D 310 31.92 -6.14 1.24
CA ARG D 310 31.78 -5.21 2.40
C ARG D 310 33.14 -4.84 2.98
N THR D 311 33.24 -3.61 3.51
CA THR D 311 34.39 -3.11 4.32
C THR D 311 34.37 -3.84 5.66
N ARG D 312 35.51 -3.83 6.38
CA ARG D 312 35.62 -4.30 7.79
C ARG D 312 34.57 -3.61 8.66
N ALA D 313 34.46 -2.28 8.55
CA ALA D 313 33.56 -1.42 9.36
C ALA D 313 32.11 -1.86 9.13
N HIS D 314 31.74 -2.10 7.87
CA HIS D 314 30.36 -2.48 7.44
C HIS D 314 30.02 -3.86 8.03
N LEU D 315 30.94 -4.82 7.92
CA LEU D 315 30.76 -6.18 8.50
C LEU D 315 30.54 -6.07 10.02
N ASP D 316 31.37 -5.29 10.71
CA ASP D 316 31.29 -5.08 12.19
C ASP D 316 29.89 -4.56 12.58
N ARG D 317 29.31 -3.65 11.79
CA ARG D 317 27.92 -3.12 12.01
C ARG D 317 26.91 -4.28 11.98
N LEU D 318 27.05 -5.19 11.01
CA LEU D 318 26.13 -6.35 10.81
C LEU D 318 26.34 -7.35 11.96
N CYS D 319 27.59 -7.59 12.34
CA CYS D 319 27.99 -8.46 13.49
C CYS D 319 27.33 -7.94 14.78
N ALA D 320 27.42 -6.64 15.06
CA ALA D 320 26.84 -5.99 16.26
C ALA D 320 25.32 -6.26 16.31
N ARG D 321 24.62 -6.12 15.17
CA ARG D 321 23.15 -6.31 15.07
C ARG D 321 22.76 -7.78 15.35
N ALA D 322 23.71 -8.72 15.24
CA ALA D 322 23.49 -10.17 15.50
C ALA D 322 24.05 -10.56 16.86
N GLY D 323 24.55 -9.59 17.64
CA GLY D 323 25.18 -9.80 18.97
C GLY D 323 26.58 -10.39 18.85
N LEU D 324 27.27 -10.09 17.74
CA LEU D 324 28.68 -10.53 17.47
C LEU D 324 29.59 -9.29 17.41
N VAL D 325 30.90 -9.52 17.50
CA VAL D 325 31.97 -8.50 17.35
C VAL D 325 33.12 -9.14 16.56
N ILE D 326 33.74 -8.38 15.66
CA ILE D 326 35.01 -8.80 14.99
C ILE D 326 36.12 -8.72 16.04
N ASP D 327 36.87 -9.81 16.21
CA ASP D 327 38.03 -9.90 17.12
C ASP D 327 39.28 -9.41 16.38
N ARG D 328 39.42 -9.76 15.10
CA ARG D 328 40.72 -9.75 14.40
C ARG D 328 40.53 -10.15 12.92
N VAL D 329 41.29 -9.52 12.02
CA VAL D 329 41.30 -9.84 10.56
C VAL D 329 42.72 -10.22 10.16
N LEU D 330 42.92 -11.47 9.71
CA LEU D 330 44.21 -12.04 9.24
C LEU D 330 44.19 -12.05 7.72
N PRO D 331 45.32 -11.74 7.05
CA PRO D 331 45.39 -11.78 5.59
C PRO D 331 45.75 -13.16 5.02
N LEU D 332 45.40 -13.40 3.76
CA LEU D 332 45.89 -14.54 2.94
C LEU D 332 46.87 -13.98 1.91
N PRO D 333 47.70 -14.83 1.24
CA PRO D 333 48.60 -14.34 0.20
C PRO D 333 47.84 -13.42 -0.76
N PRO D 334 48.46 -12.32 -1.27
CA PRO D 334 47.74 -11.30 -2.05
C PRO D 334 46.93 -11.82 -3.25
N HIS D 335 47.35 -12.93 -3.87
CA HIS D 335 46.72 -13.50 -5.10
C HIS D 335 45.32 -14.06 -4.79
N VAL D 336 44.99 -14.33 -3.52
CA VAL D 336 43.76 -15.05 -3.11
C VAL D 336 42.57 -14.09 -3.09
N GLY D 337 42.75 -12.90 -2.51
CA GLY D 337 41.75 -11.81 -2.54
C GLY D 337 40.68 -11.96 -1.45
N LEU D 338 40.80 -12.97 -0.58
CA LEU D 338 39.89 -13.16 0.59
C LEU D 338 40.69 -12.89 1.88
N SER D 339 40.00 -12.49 2.95
CA SER D 339 40.55 -12.33 4.32
C SER D 339 39.82 -13.26 5.29
N LEU D 340 40.48 -13.58 6.41
CA LEU D 340 39.93 -14.40 7.51
C LEU D 340 39.50 -13.47 8.64
N THR D 341 38.20 -13.26 8.81
CA THR D 341 37.65 -12.39 9.88
C THR D 341 37.16 -13.27 11.03
N GLU D 342 37.94 -13.33 12.12
CA GLU D 342 37.55 -13.99 13.39
C GLU D 342 36.44 -13.17 14.06
N VAL D 343 35.27 -13.79 14.23
CA VAL D 343 34.08 -13.19 14.89
C VAL D 343 33.76 -14.05 16.11
N VAL D 344 33.36 -13.40 17.21
CA VAL D 344 33.02 -14.03 18.51
C VAL D 344 31.77 -13.35 19.07
N PRO D 345 31.13 -13.91 20.12
CA PRO D 345 29.98 -13.26 20.74
C PRO D 345 30.35 -11.89 21.35
N ALA D 346 29.48 -10.89 21.19
CA ALA D 346 29.63 -9.54 21.77
C ALA D 346 29.52 -9.62 23.29
N PRO D 347 30.32 -8.85 24.06
CA PRO D 347 30.15 -8.77 25.52
C PRO D 347 28.91 -7.96 25.92
#